data_2CHO
#
_entry.id   2CHO
#
_cell.length_a   51.685
_cell.length_b   93.454
_cell.length_c   98.828
_cell.angle_alpha   75.51
_cell.angle_beta   94.15
_cell.angle_gamma   77.15
#
_symmetry.space_group_name_H-M   'P 1'
#
loop_
_entity.id
_entity.type
_entity.pdbx_description
1 polymer GLUCOSAMINIDASE
2 polymer GLUCOSAMINIDASE
3 non-polymer 'CALCIUM ION'
4 non-polymer 'ACETATE ION'
5 non-polymer GLYCEROL
6 water water
#
loop_
_entity_poly.entity_id
_entity_poly.type
_entity_poly.pdbx_seq_one_letter_code
_entity_poly.pdbx_strand_id
1 'polypeptide(L)'
;QNVSLQPPPQQLIVQNKTIDLPAVYQLNGGEEANPHAVKVLKELLSGKQSSKKGMLISIGEKGDKSVRKYSRQIPDHKEG
YYLSVNEKEIVLAGNDERGTYYALQTFAQLLKDGKLPEVEIKDYPSVRYRGVVEGFYGTPWSHQARLSQLKFYGKNKMNT
YIYGPKDDPYHSAPNWRLPYPDKEAAQLQELVAVANENEVDFVWAIHPGQDIKWNKEDRDLLLAKFEKMYQLGVRSFAVF
FDDISGEGTNPQKQAELLNYIDEKFAQVKPDINQLVMCPTEYNKSWSNPNGNYLTTLGDKLNPSIQIMWTGDRVISDITR
DGISWINERIKRPAYIWWNFPVSDYVRDHLLLGPVYGNDTTIAKEMSGFVTNPMEHAESSKIAIYSVASYAWNPAKYDTW
QTWKDAIRTILPSAAEELECFAMHNSDLGPNGHGYRREESMDIQPAAERFLKAFKEGKNYDKADFETLQYTFERMKESAD
ILLMNTENKPLIVEITPWVHQFKLTAEMGEEVLKMVEGRNESYFLRKYNHVKALQQQMFYIDQTSNQNPYQPGVKTATRV
IKPLIDRTFATVVKFFNQKFNAHLDATTDYMPHKMISNVEQIKNLPLQVKANRVLISPANEVVKWAAGNSVEIELDAIYP
GENIQINFGKDAPCTWGRLEISTDAKEWKTVDLKQKESRLSAGLQKAPVKFVRFTNVSDEEQQVYLRQFVLTIEKK
;
A,B
2 'polypeptide(L)' (UNK)(UNK)(UNK)(UNK)(UNK)(UNK)(UNK)(UNK)(UNK)(UNK)(UNK)(UNK)(UNK) C,D
#
loop_
_chem_comp.id
_chem_comp.type
_chem_comp.name
_chem_comp.formula
ACT non-polymer 'ACETATE ION' 'C2 H3 O2 -1'
CA non-polymer 'CALCIUM ION' 'Ca 2'
GOL non-polymer GLYCEROL 'C3 H8 O3'
#
# COMPACT_ATOMS: atom_id res chain seq x y z
N LEU A 5 17.20 -12.99 -33.67
CA LEU A 5 16.77 -11.76 -34.39
C LEU A 5 15.26 -11.61 -34.43
N GLN A 6 14.79 -10.41 -34.08
CA GLN A 6 13.38 -10.07 -34.12
C GLN A 6 13.12 -8.74 -34.79
N PRO A 7 12.24 -8.73 -35.81
CA PRO A 7 11.66 -9.89 -36.49
C PRO A 7 12.75 -10.77 -37.14
N PRO A 8 12.48 -12.06 -37.30
CA PRO A 8 13.48 -12.87 -38.00
C PRO A 8 13.54 -12.53 -39.49
N PRO A 9 14.77 -12.43 -40.03
CA PRO A 9 14.89 -12.12 -41.47
C PRO A 9 14.36 -13.19 -42.40
N GLN A 10 14.05 -12.75 -43.60
CA GLN A 10 13.50 -13.62 -44.65
C GLN A 10 14.53 -14.71 -45.00
N GLN A 11 15.77 -14.29 -45.11
CA GLN A 11 16.87 -15.22 -45.39
C GLN A 11 18.13 -14.85 -44.59
N LEU A 12 18.74 -15.86 -44.00
CA LEU A 12 19.86 -15.72 -43.08
C LEU A 12 20.80 -16.86 -43.37
N ILE A 13 22.05 -16.56 -43.68
CA ILE A 13 23.13 -17.57 -43.72
C ILE A 13 24.18 -17.19 -42.69
N VAL A 14 24.40 -18.08 -41.72
CA VAL A 14 25.40 -17.88 -40.66
C VAL A 14 26.62 -18.77 -40.90
N GLN A 15 27.79 -18.23 -40.58
CA GLN A 15 29.07 -18.88 -40.87
C GLN A 15 29.77 -19.50 -39.65
N ASN A 16 29.15 -19.47 -38.48
CA ASN A 16 29.75 -20.05 -37.27
C ASN A 16 31.16 -19.50 -36.95
N LYS A 17 31.45 -18.31 -37.48
CA LYS A 17 32.64 -17.56 -37.14
C LYS A 17 32.15 -16.25 -36.50
N THR A 18 32.99 -15.66 -35.65
CA THR A 18 32.71 -14.33 -35.13
C THR A 18 33.85 -13.39 -35.50
N ILE A 19 33.59 -12.09 -35.47
CA ILE A 19 34.62 -11.10 -35.64
C ILE A 19 34.42 -10.09 -34.55
N ASP A 20 35.34 -9.14 -34.45
CA ASP A 20 35.21 -8.03 -33.53
C ASP A 20 34.72 -6.83 -34.30
N LEU A 21 33.82 -6.06 -33.70
CA LEU A 21 33.47 -4.73 -34.19
C LEU A 21 34.80 -3.98 -34.43
N PRO A 22 35.00 -3.45 -35.66
CA PRO A 22 36.31 -2.84 -35.95
C PRO A 22 36.61 -1.61 -35.11
N ALA A 23 37.65 -1.71 -34.29
CA ALA A 23 38.16 -0.57 -33.52
C ALA A 23 38.67 0.52 -34.46
N VAL A 24 39.19 0.10 -35.61
CA VAL A 24 39.51 1.02 -36.70
C VAL A 24 38.76 0.55 -37.93
N TYR A 25 38.06 1.47 -38.55
CA TYR A 25 37.14 1.14 -39.64
C TYR A 25 37.12 2.25 -40.64
N GLN A 26 36.84 1.90 -41.88
CA GLN A 26 36.60 2.88 -42.91
C GLN A 26 35.12 2.84 -43.25
N LEU A 27 34.48 4.01 -43.20
CA LEU A 27 33.05 4.17 -43.44
C LEU A 27 32.83 4.78 -44.83
N ASN A 28 32.13 4.03 -45.65
CA ASN A 28 31.87 4.32 -47.03
C ASN A 28 30.35 4.53 -47.13
N GLY A 29 29.92 5.74 -47.47
CA GLY A 29 28.51 6.05 -47.76
C GLY A 29 27.80 6.87 -46.68
N GLY A 30 28.55 7.27 -45.66
CA GLY A 30 28.01 8.00 -44.53
C GLY A 30 27.30 9.29 -44.89
N GLU A 31 27.80 10.00 -45.89
CA GLU A 31 27.21 11.28 -46.27
C GLU A 31 25.96 11.15 -47.14
N GLU A 32 25.84 10.02 -47.84
CA GLU A 32 24.75 9.80 -48.80
C GLU A 32 23.67 8.83 -48.35
N ALA A 33 23.93 8.08 -47.30
CA ALA A 33 22.97 7.14 -46.73
C ALA A 33 21.93 7.87 -45.84
N ASN A 34 20.80 7.18 -45.61
CA ASN A 34 19.80 7.65 -44.65
C ASN A 34 20.49 8.16 -43.37
N PRO A 35 20.33 9.45 -43.07
CA PRO A 35 20.95 10.01 -41.84
C PRO A 35 20.46 9.35 -40.57
N HIS A 36 19.24 8.82 -40.57
CA HIS A 36 18.75 8.10 -39.38
C HIS A 36 19.50 6.80 -39.15
N ALA A 37 19.86 6.12 -40.24
CA ALA A 37 20.64 4.89 -40.17
C ALA A 37 22.07 5.19 -39.75
N VAL A 38 22.62 6.25 -40.33
CA VAL A 38 24.01 6.65 -40.05
C VAL A 38 24.19 7.06 -38.58
N LYS A 39 23.22 7.77 -38.04
CA LYS A 39 23.28 8.08 -36.60
C LYS A 39 23.32 6.82 -35.71
N VAL A 40 22.48 5.83 -36.02
CA VAL A 40 22.52 4.55 -35.29
C VAL A 40 23.92 3.91 -35.38
N LEU A 41 24.43 3.81 -36.61
CA LEU A 41 25.73 3.20 -36.85
C LEU A 41 26.83 3.90 -36.06
N LYS A 42 26.85 5.24 -36.12
CA LYS A 42 27.89 6.01 -35.41
C LYS A 42 27.81 5.87 -33.90
N GLU A 43 26.59 5.78 -33.36
CA GLU A 43 26.36 5.41 -31.96
C GLU A 43 26.98 4.06 -31.60
N LEU A 44 26.77 3.06 -32.47
CA LEU A 44 27.27 1.70 -32.21
C LEU A 44 28.81 1.57 -32.20
N LEU A 45 29.52 2.44 -32.91
CA LEU A 45 30.97 2.26 -33.06
C LEU A 45 31.84 3.52 -32.82
N GLY A 54 41.15 1.00 -42.33
CA GLY A 54 40.56 -0.09 -41.52
C GLY A 54 39.54 -0.96 -42.25
N MET A 55 38.86 -1.83 -41.48
CA MET A 55 37.80 -2.69 -42.02
C MET A 55 36.80 -1.80 -42.71
N LEU A 56 36.40 -2.18 -43.92
CA LEU A 56 35.44 -1.39 -44.66
C LEU A 56 34.00 -1.65 -44.15
N ILE A 57 33.30 -0.54 -43.93
CA ILE A 57 31.87 -0.54 -43.61
C ILE A 57 31.17 0.29 -44.68
N SER A 58 30.35 -0.39 -45.48
CA SER A 58 29.64 0.25 -46.58
C SER A 58 28.16 0.40 -46.20
N ILE A 59 27.69 1.65 -46.17
CA ILE A 59 26.29 1.96 -45.84
C ILE A 59 25.67 2.77 -46.97
N GLY A 60 24.46 2.42 -47.37
CA GLY A 60 23.77 3.21 -48.39
C GLY A 60 22.53 2.54 -48.93
N GLU A 61 21.81 3.27 -49.77
CA GLU A 61 20.64 2.76 -50.44
C GLU A 61 21.03 2.41 -51.86
N LYS A 62 20.32 1.46 -52.45
CA LYS A 62 20.50 1.10 -53.84
C LYS A 62 20.56 2.36 -54.69
N GLY A 63 21.56 2.43 -55.58
CA GLY A 63 21.82 3.64 -56.35
C GLY A 63 22.93 4.50 -55.77
N ASP A 64 23.16 4.43 -54.46
CA ASP A 64 24.34 5.09 -53.87
C ASP A 64 25.64 4.43 -54.38
N LYS A 65 26.67 5.25 -54.53
CA LYS A 65 28.02 4.77 -54.90
C LYS A 65 28.58 3.75 -53.93
N SER A 66 28.32 3.95 -52.64
CA SER A 66 28.86 3.07 -51.61
C SER A 66 28.44 1.61 -51.76
N VAL A 67 27.29 1.35 -52.37
CA VAL A 67 26.78 -0.03 -52.35
C VAL A 67 26.61 -0.60 -53.76
N ARG A 68 27.35 -0.05 -54.73
CA ARG A 68 27.21 -0.49 -56.12
C ARG A 68 27.52 -1.97 -56.32
N LYS A 69 28.50 -2.45 -55.57
CA LYS A 69 28.97 -3.85 -55.66
C LYS A 69 27.90 -4.84 -55.19
N TYR A 70 26.99 -4.36 -54.36
CA TYR A 70 25.98 -5.22 -53.77
C TYR A 70 24.58 -5.05 -54.34
N SER A 71 24.47 -4.30 -55.43
CA SER A 71 23.18 -3.96 -56.01
C SER A 71 22.31 -5.18 -56.32
N ARG A 72 22.93 -6.32 -56.65
CA ARG A 72 22.16 -7.50 -56.98
C ARG A 72 21.84 -8.35 -55.74
N GLN A 73 22.45 -8.04 -54.61
CA GLN A 73 22.12 -8.72 -53.35
C GLN A 73 20.92 -8.03 -52.65
N ILE A 74 20.69 -6.77 -52.98
CA ILE A 74 19.66 -5.97 -52.25
C ILE A 74 18.28 -6.40 -52.72
N PRO A 75 17.42 -6.87 -51.79
CA PRO A 75 16.10 -7.32 -52.21
C PRO A 75 15.31 -6.24 -52.94
N ASP A 76 14.58 -6.62 -53.98
CA ASP A 76 13.82 -5.63 -54.72
C ASP A 76 12.45 -5.51 -54.10
N HIS A 77 12.42 -5.00 -52.88
CA HIS A 77 11.17 -4.90 -52.12
C HIS A 77 11.24 -3.61 -51.34
N LYS A 78 10.12 -2.92 -51.21
CA LYS A 78 10.05 -1.77 -50.29
C LYS A 78 10.55 -2.23 -48.92
N GLU A 79 11.42 -1.41 -48.31
CA GLU A 79 11.94 -1.58 -46.94
C GLU A 79 12.92 -2.78 -46.83
N GLY A 80 13.31 -3.29 -47.99
CA GLY A 80 14.24 -4.40 -48.04
C GLY A 80 15.66 -3.95 -47.82
N TYR A 81 16.51 -4.90 -47.42
CA TYR A 81 17.93 -4.62 -47.23
C TYR A 81 18.81 -5.87 -47.39
N TYR A 82 20.07 -5.60 -47.70
CA TYR A 82 21.14 -6.61 -47.63
C TYR A 82 22.08 -6.24 -46.51
N LEU A 83 22.42 -7.22 -45.67
CA LEU A 83 23.34 -7.03 -44.60
C LEU A 83 24.37 -8.14 -44.72
N SER A 84 25.64 -7.78 -44.64
CA SER A 84 26.71 -8.79 -44.69
C SER A 84 27.76 -8.42 -43.66
N VAL A 85 28.20 -9.43 -42.90
CA VAL A 85 29.35 -9.29 -42.00
C VAL A 85 30.31 -10.43 -42.30
N ASN A 86 31.55 -10.06 -42.61
CA ASN A 86 32.62 -11.07 -42.72
C ASN A 86 33.95 -10.48 -42.28
N GLU A 87 35.00 -11.28 -42.44
CA GLU A 87 36.38 -10.89 -42.04
C GLU A 87 36.79 -9.54 -42.62
N LYS A 88 36.44 -9.32 -43.89
CA LYS A 88 36.97 -8.18 -44.65
C LYS A 88 36.10 -6.93 -44.62
N GLU A 89 34.78 -7.10 -44.49
CA GLU A 89 33.92 -5.92 -44.49
C GLU A 89 32.51 -6.14 -43.93
N ILE A 90 31.87 -5.01 -43.64
CA ILE A 90 30.46 -4.96 -43.21
C ILE A 90 29.64 -4.20 -44.25
N VAL A 91 28.54 -4.80 -44.69
CA VAL A 91 27.66 -4.17 -45.67
C VAL A 91 26.26 -3.97 -45.05
N LEU A 92 25.74 -2.76 -45.18
CA LEU A 92 24.44 -2.35 -44.67
C LEU A 92 23.77 -1.57 -45.79
N ALA A 93 23.05 -2.29 -46.64
CA ALA A 93 22.56 -1.76 -47.93
C ALA A 93 21.04 -1.89 -48.08
N GLY A 94 20.38 -0.75 -48.09
CA GLY A 94 18.94 -0.70 -48.19
C GLY A 94 18.47 -0.61 -49.63
N ASN A 95 17.30 -1.17 -49.88
CA ASN A 95 16.65 -0.93 -51.16
C ASN A 95 16.16 0.51 -51.25
N ASP A 96 15.89 1.10 -50.09
CA ASP A 96 15.39 2.46 -49.93
C ASP A 96 15.86 2.96 -48.56
N GLU A 97 15.61 4.22 -48.20
CA GLU A 97 16.18 4.77 -46.97
C GLU A 97 15.70 4.05 -45.71
N ARG A 98 14.44 3.64 -45.72
CA ARG A 98 13.91 2.86 -44.60
C ARG A 98 14.54 1.47 -44.49
N GLY A 99 14.78 0.83 -45.64
CA GLY A 99 15.56 -0.42 -45.66
C GLY A 99 16.93 -0.29 -44.98
N THR A 100 17.61 0.82 -45.22
CA THR A 100 18.92 1.05 -44.63
C THR A 100 18.82 1.15 -43.09
N TYR A 101 17.85 1.92 -42.61
CA TYR A 101 17.56 2.00 -41.20
C TYR A 101 17.26 0.64 -40.60
N TYR A 102 16.50 -0.18 -41.32
CA TYR A 102 16.16 -1.53 -40.86
C TYR A 102 17.36 -2.47 -40.81
N ALA A 103 18.25 -2.37 -41.79
CA ALA A 103 19.51 -3.10 -41.76
C ALA A 103 20.25 -2.78 -40.46
N LEU A 104 20.29 -1.50 -40.09
CA LEU A 104 20.88 -1.10 -38.82
C LEU A 104 20.20 -1.64 -37.56
N GLN A 105 18.88 -1.81 -37.63
CA GLN A 105 18.16 -2.35 -36.50
C GLN A 105 18.45 -3.85 -36.34
N THR A 106 18.69 -4.54 -37.45
CA THR A 106 19.17 -5.92 -37.38
C THR A 106 20.62 -5.98 -36.91
N PHE A 107 21.43 -5.10 -37.47
CA PHE A 107 22.84 -5.00 -37.08
C PHE A 107 23.01 -4.83 -35.58
N ALA A 108 22.22 -3.93 -35.01
CA ALA A 108 22.30 -3.68 -33.59
C ALA A 108 22.04 -4.94 -32.75
N GLN A 109 21.18 -5.84 -33.21
CA GLN A 109 20.88 -7.07 -32.48
C GLN A 109 21.95 -8.13 -32.61
N LEU A 110 22.71 -8.10 -33.70
CA LEU A 110 23.83 -9.05 -33.93
C LEU A 110 25.04 -8.75 -33.05
N LEU A 111 25.25 -7.47 -32.80
CA LEU A 111 26.34 -7.00 -31.98
C LEU A 111 26.17 -7.41 -30.52
N LYS A 112 27.04 -8.33 -30.07
CA LYS A 112 27.03 -8.83 -28.68
C LYS A 112 28.43 -8.82 -28.10
N ASP A 113 28.64 -7.94 -27.11
CA ASP A 113 29.90 -7.85 -26.37
C ASP A 113 31.08 -7.53 -27.30
N GLY A 114 30.85 -6.57 -28.19
CA GLY A 114 31.87 -6.09 -29.12
C GLY A 114 32.12 -7.05 -30.27
N LYS A 115 31.37 -8.14 -30.33
CA LYS A 115 31.55 -9.13 -31.37
C LYS A 115 30.32 -9.22 -32.30
N LEU A 116 30.58 -9.65 -33.52
CA LEU A 116 29.58 -9.80 -34.56
C LEU A 116 29.70 -11.20 -35.11
N PRO A 117 28.54 -11.85 -35.38
CA PRO A 117 28.60 -13.12 -36.08
C PRO A 117 28.84 -12.88 -37.54
N GLU A 118 29.48 -13.83 -38.20
CA GLU A 118 29.69 -13.76 -39.63
C GLU A 118 28.42 -14.26 -40.26
N VAL A 119 27.76 -13.37 -40.99
CA VAL A 119 26.40 -13.55 -41.45
C VAL A 119 26.16 -12.81 -42.76
N GLU A 120 25.19 -13.32 -43.50
CA GLU A 120 24.66 -12.63 -44.66
C GLU A 120 23.13 -12.72 -44.58
N ILE A 121 22.47 -11.57 -44.65
CA ILE A 121 21.01 -11.48 -44.54
C ILE A 121 20.45 -10.76 -45.72
N LYS A 122 19.40 -11.32 -46.29
CA LYS A 122 18.57 -10.63 -47.25
C LYS A 122 17.16 -10.59 -46.64
N ASP A 123 16.64 -9.38 -46.44
CA ASP A 123 15.43 -9.23 -45.62
C ASP A 123 14.48 -8.17 -46.17
N TYR A 124 13.20 -8.33 -45.83
CA TYR A 124 12.17 -7.40 -46.28
C TYR A 124 10.89 -7.81 -45.54
N PRO A 125 9.93 -6.89 -45.42
CA PRO A 125 8.69 -7.28 -44.73
C PRO A 125 7.68 -7.94 -45.67
N SER A 126 6.92 -8.88 -45.14
CA SER A 126 5.86 -9.52 -45.91
C SER A 126 4.57 -8.71 -45.96
N VAL A 127 4.41 -7.78 -44.99
CA VAL A 127 3.24 -6.90 -44.91
C VAL A 127 3.70 -5.44 -45.01
N ARG A 128 3.04 -4.67 -45.86
CA ARG A 128 3.54 -3.34 -46.24
C ARG A 128 3.53 -2.34 -45.06
N TYR A 129 2.42 -2.31 -44.34
CA TYR A 129 2.23 -1.42 -43.19
C TYR A 129 2.08 -2.25 -41.91
N ARG A 130 2.87 -1.91 -40.91
CA ARG A 130 3.01 -2.70 -39.70
C ARG A 130 3.09 -1.78 -38.52
N GLY A 131 2.25 -1.97 -37.51
CA GLY A 131 2.32 -1.07 -36.40
C GLY A 131 1.24 -1.10 -35.37
N VAL A 132 0.96 0.07 -34.80
CA VAL A 132 0.08 0.20 -33.67
C VAL A 132 -1.01 1.22 -34.00
N VAL A 133 -2.24 0.94 -33.62
CA VAL A 133 -3.31 1.96 -33.63
C VAL A 133 -3.64 2.25 -32.16
N GLU A 134 -3.45 3.49 -31.71
CA GLU A 134 -3.86 3.90 -30.36
C GLU A 134 -5.30 4.31 -30.54
N GLY A 135 -6.17 3.30 -30.47
CA GLY A 135 -7.56 3.39 -30.92
C GLY A 135 -8.58 2.97 -29.88
N PHE A 136 -8.12 2.90 -28.64
CA PHE A 136 -8.90 2.34 -27.52
C PHE A 136 -9.65 3.40 -26.76
N TYR A 137 -10.62 2.91 -25.97
CA TYR A 137 -11.35 3.68 -24.95
C TYR A 137 -10.57 3.63 -23.67
N GLY A 138 -10.54 4.75 -22.96
CA GLY A 138 -9.77 4.87 -21.71
C GLY A 138 -8.82 6.02 -21.76
N THR A 139 -8.02 6.13 -20.70
CA THR A 139 -7.04 7.16 -20.60
C THR A 139 -6.04 7.05 -21.75
N PRO A 140 -5.97 8.08 -22.60
CA PRO A 140 -4.95 8.03 -23.69
C PRO A 140 -3.54 7.99 -23.14
N TRP A 141 -2.66 7.36 -23.91
CA TRP A 141 -1.28 7.25 -23.54
C TRP A 141 -0.71 8.62 -23.24
N SER A 142 0.13 8.68 -22.23
CA SER A 142 0.89 9.88 -21.93
C SER A 142 1.86 10.26 -23.03
N HIS A 143 2.23 11.54 -23.07
CA HIS A 143 3.21 12.01 -24.03
C HIS A 143 4.53 11.23 -23.91
N GLN A 144 5.01 11.05 -22.68
CA GLN A 144 6.23 10.30 -22.47
C GLN A 144 6.14 8.84 -22.89
N ALA A 145 4.98 8.24 -22.63
CA ALA A 145 4.72 6.86 -23.07
C ALA A 145 4.80 6.81 -24.60
N ARG A 146 4.17 7.76 -25.27
CA ARG A 146 4.22 7.80 -26.74
C ARG A 146 5.59 7.98 -27.31
N LEU A 147 6.42 8.80 -26.66
CA LEU A 147 7.82 8.95 -27.07
C LEU A 147 8.59 7.63 -26.99
N SER A 148 8.38 6.92 -25.90
CA SER A 148 8.93 5.62 -25.69
C SER A 148 8.42 4.60 -26.72
N GLN A 149 7.14 4.66 -27.06
CA GLN A 149 6.62 3.74 -28.03
C GLN A 149 7.31 3.93 -29.38
N LEU A 150 7.40 5.16 -29.84
CA LEU A 150 7.95 5.44 -31.17
C LEU A 150 9.35 4.91 -31.37
N LYS A 151 10.17 4.97 -30.33
CA LYS A 151 11.50 4.42 -30.37
C LYS A 151 11.43 2.90 -30.49
N PHE A 152 10.49 2.32 -29.75
CA PHE A 152 10.32 0.89 -29.72
C PHE A 152 9.90 0.37 -31.07
N TYR A 153 9.03 1.13 -31.76
CA TYR A 153 8.54 0.71 -33.06
C TYR A 153 9.68 0.69 -34.09
N GLY A 154 10.48 1.73 -34.12
CA GLY A 154 11.66 1.77 -35.03
C GLY A 154 12.60 0.57 -34.85
N LYS A 155 12.91 0.23 -33.59
CA LYS A 155 13.73 -0.96 -33.28
C LYS A 155 13.15 -2.26 -33.81
N ASN A 156 11.84 -2.33 -33.88
CA ASN A 156 11.16 -3.55 -34.27
C ASN A 156 10.54 -3.46 -35.65
N LYS A 157 11.00 -2.46 -36.42
CA LYS A 157 10.63 -2.30 -37.83
C LYS A 157 9.15 -2.12 -38.05
N MET A 158 8.46 -1.52 -37.10
CA MET A 158 7.05 -1.14 -37.31
C MET A 158 7.07 0.26 -37.91
N ASN A 159 6.34 0.45 -39.00
CA ASN A 159 6.49 1.68 -39.79
C ASN A 159 5.26 2.59 -39.68
N THR A 160 4.32 2.25 -38.79
CA THR A 160 3.04 2.95 -38.67
C THR A 160 2.56 3.09 -37.26
N TYR A 161 2.18 4.31 -36.91
CA TYR A 161 1.49 4.57 -35.66
C TYR A 161 0.30 5.41 -36.00
N ILE A 162 -0.89 4.88 -35.73
CA ILE A 162 -2.13 5.59 -35.97
C ILE A 162 -2.63 6.16 -34.66
N TYR A 163 -2.70 7.48 -34.60
CA TYR A 163 -3.16 8.20 -33.44
C TYR A 163 -4.68 8.39 -33.53
N GLY A 164 -5.43 7.70 -32.67
CA GLY A 164 -6.87 7.87 -32.60
C GLY A 164 -7.52 7.46 -31.29
N PRO A 165 -7.05 8.00 -30.14
CA PRO A 165 -7.65 7.63 -28.84
C PRO A 165 -9.08 8.11 -28.76
N LYS A 166 -9.98 7.18 -28.48
CA LYS A 166 -11.42 7.44 -28.50
C LYS A 166 -11.79 8.60 -27.58
N ASP A 167 -11.04 8.76 -26.51
CA ASP A 167 -11.36 9.78 -25.52
C ASP A 167 -10.59 11.09 -25.67
N ASP A 168 -9.86 11.27 -26.78
CA ASP A 168 -9.29 12.57 -27.17
C ASP A 168 -10.39 13.46 -27.78
N PRO A 169 -10.71 14.60 -27.13
CA PRO A 169 -11.85 15.39 -27.64
C PRO A 169 -11.61 16.07 -28.98
N TYR A 170 -10.36 16.30 -29.34
CA TYR A 170 -9.99 16.87 -30.65
C TYR A 170 -9.86 15.83 -31.74
N HIS A 171 -9.95 14.54 -31.36
CA HIS A 171 -10.03 13.44 -32.33
C HIS A 171 -11.49 13.09 -32.67
N SER A 172 -12.35 13.13 -31.65
CA SER A 172 -13.72 12.66 -31.77
C SER A 172 -14.73 13.80 -31.54
N ALA A 173 -16.00 13.47 -31.34
CA ALA A 173 -17.03 14.50 -31.42
C ALA A 173 -17.21 15.11 -30.07
N PRO A 174 -17.48 16.44 -29.99
CA PRO A 174 -17.66 17.40 -31.10
C PRO A 174 -16.41 18.18 -31.49
N ASN A 175 -15.35 18.08 -30.68
CA ASN A 175 -14.22 18.98 -30.89
C ASN A 175 -13.24 18.54 -31.96
N TRP A 176 -13.59 17.51 -32.73
CA TRP A 176 -12.82 17.18 -33.94
C TRP A 176 -12.71 18.40 -34.85
N ARG A 177 -13.74 19.26 -34.80
CA ARG A 177 -13.76 20.49 -35.57
C ARG A 177 -12.73 21.53 -35.12
N LEU A 178 -12.28 21.44 -33.87
CA LEU A 178 -11.39 22.46 -33.30
C LEU A 178 -9.93 22.07 -33.47
N PRO A 179 -9.06 23.02 -33.83
CA PRO A 179 -7.62 22.81 -33.71
C PRO A 179 -7.21 22.48 -32.28
N TYR A 180 -6.15 21.68 -32.14
CA TYR A 180 -5.62 21.37 -30.83
C TYR A 180 -5.19 22.65 -30.18
N PRO A 181 -5.39 22.76 -28.88
CA PRO A 181 -4.78 23.90 -28.21
C PRO A 181 -3.23 23.86 -28.29
N ASP A 182 -2.58 24.99 -28.01
CA ASP A 182 -1.15 25.14 -28.24
C ASP A 182 -0.26 24.09 -27.57
N LYS A 183 -0.55 23.76 -26.31
CA LYS A 183 0.27 22.78 -25.57
C LYS A 183 0.22 21.42 -26.25
N GLU A 184 -0.98 20.96 -26.55
CA GLU A 184 -1.16 19.65 -27.18
C GLU A 184 -0.63 19.66 -28.60
N ALA A 185 -0.81 20.76 -29.30
CA ALA A 185 -0.29 20.90 -30.65
C ALA A 185 1.24 20.78 -30.69
N ALA A 186 1.91 21.42 -29.74
CA ALA A 186 3.39 21.32 -29.63
C ALA A 186 3.83 19.89 -29.32
N GLN A 187 3.07 19.21 -28.46
CA GLN A 187 3.34 17.81 -28.12
C GLN A 187 3.18 16.94 -29.36
N LEU A 188 2.10 17.14 -30.09
CA LEU A 188 1.90 16.40 -31.35
C LEU A 188 3.02 16.67 -32.37
N GLN A 189 3.43 17.92 -32.46
CA GLN A 189 4.52 18.28 -33.33
C GLN A 189 5.80 17.52 -32.95
N GLU A 190 6.08 17.40 -31.65
CA GLU A 190 7.25 16.65 -31.19
C GLU A 190 7.09 15.15 -31.49
N LEU A 191 5.89 14.61 -31.31
CA LEU A 191 5.66 13.19 -31.62
C LEU A 191 5.91 12.87 -33.09
N VAL A 192 5.44 13.73 -33.98
CA VAL A 192 5.67 13.57 -35.41
C VAL A 192 7.17 13.62 -35.75
N ALA A 193 7.89 14.53 -35.10
CA ALA A 193 9.32 14.64 -35.35
C ALA A 193 10.08 13.38 -34.91
N VAL A 194 9.75 12.89 -33.70
CA VAL A 194 10.27 11.63 -33.18
C VAL A 194 9.86 10.41 -34.03
N ALA A 195 8.58 10.35 -34.44
CA ALA A 195 8.14 9.32 -35.37
C ALA A 195 9.07 9.29 -36.60
N ASN A 196 9.19 10.43 -37.26
CA ASN A 196 10.02 10.53 -38.46
C ASN A 196 11.47 10.10 -38.24
N GLU A 197 12.06 10.47 -37.11
CA GLU A 197 13.43 10.05 -36.72
C GLU A 197 13.58 8.53 -36.57
N ASN A 198 12.45 7.88 -36.28
CA ASN A 198 12.43 6.44 -36.06
C ASN A 198 11.85 5.68 -37.24
N GLU A 199 11.68 6.36 -38.37
CA GLU A 199 11.12 5.79 -39.60
C GLU A 199 9.69 5.27 -39.44
N VAL A 200 8.91 5.96 -38.60
CA VAL A 200 7.51 5.62 -38.34
C VAL A 200 6.63 6.71 -38.96
N ASP A 201 5.68 6.29 -39.78
CA ASP A 201 4.59 7.11 -40.27
C ASP A 201 3.60 7.38 -39.16
N PHE A 202 3.60 8.62 -38.69
CA PHE A 202 2.57 9.10 -37.78
C PHE A 202 1.31 9.36 -38.59
N VAL A 203 0.26 8.59 -38.31
CA VAL A 203 -1.00 8.72 -39.01
C VAL A 203 -2.00 9.39 -38.03
N TRP A 204 -2.47 10.58 -38.35
CA TRP A 204 -3.42 11.26 -37.47
C TRP A 204 -4.84 10.94 -37.95
N ALA A 205 -5.59 10.30 -37.07
CA ALA A 205 -6.98 9.91 -37.34
C ALA A 205 -7.98 10.92 -36.78
N ILE A 206 -9.14 10.98 -37.42
CA ILE A 206 -10.28 11.79 -37.00
C ILE A 206 -11.51 10.90 -36.96
N HIS A 207 -12.40 11.16 -35.99
CA HIS A 207 -13.55 10.31 -35.71
C HIS A 207 -14.74 11.25 -35.63
N PRO A 208 -15.22 11.72 -36.79
CA PRO A 208 -16.27 12.72 -36.90
C PRO A 208 -17.73 12.22 -36.99
N GLY A 209 -17.91 10.92 -37.10
CA GLY A 209 -19.10 10.34 -37.69
C GLY A 209 -20.33 10.53 -36.83
N GLN A 210 -20.15 10.59 -35.52
CA GLN A 210 -21.29 10.62 -34.60
C GLN A 210 -22.17 11.87 -34.78
N ASP A 211 -21.55 12.98 -35.16
CA ASP A 211 -22.28 14.25 -35.31
C ASP A 211 -21.94 15.02 -36.56
N ILE A 212 -21.27 14.40 -37.53
CA ILE A 212 -20.99 15.07 -38.80
C ILE A 212 -22.30 15.36 -39.56
N LYS A 213 -22.32 16.52 -40.20
CA LYS A 213 -23.38 16.85 -41.12
C LYS A 213 -22.75 16.70 -42.48
N TRP A 214 -23.51 16.18 -43.43
CA TRP A 214 -23.00 16.01 -44.78
C TRP A 214 -23.22 17.29 -45.58
N ASN A 215 -22.62 18.36 -45.07
CA ASN A 215 -22.71 19.69 -45.68
C ASN A 215 -21.30 20.32 -45.83
N LYS A 216 -21.26 21.47 -46.49
CA LYS A 216 -20.01 22.16 -46.77
C LYS A 216 -19.34 22.62 -45.51
N GLU A 217 -20.13 23.10 -44.55
CA GLU A 217 -19.53 23.60 -43.33
C GLU A 217 -18.60 22.55 -42.66
N ASP A 218 -19.11 21.32 -42.54
CA ASP A 218 -18.40 20.26 -41.79
C ASP A 218 -17.28 19.65 -42.64
N ARG A 219 -17.52 19.53 -43.94
CA ARG A 219 -16.50 19.07 -44.89
C ARG A 219 -15.28 20.00 -44.82
N ASP A 220 -15.55 21.31 -44.85
CA ASP A 220 -14.51 22.31 -44.76
C ASP A 220 -13.78 22.29 -43.43
N LEU A 221 -14.54 22.11 -42.36
CA LEU A 221 -14.01 22.02 -41.03
C LEU A 221 -13.07 20.83 -40.94
N LEU A 222 -13.47 19.73 -41.55
CA LEU A 222 -12.64 18.52 -41.55
C LEU A 222 -11.32 18.79 -42.30
N LEU A 223 -11.44 19.32 -43.50
CA LEU A 223 -10.27 19.63 -44.31
C LEU A 223 -9.41 20.67 -43.62
N ALA A 224 -10.05 21.64 -42.98
CA ALA A 224 -9.35 22.64 -42.21
C ALA A 224 -8.56 22.05 -41.03
N LYS A 225 -9.13 21.06 -40.35
CA LYS A 225 -8.45 20.38 -39.25
C LYS A 225 -7.23 19.60 -39.81
N PHE A 226 -7.44 18.86 -40.88
CA PHE A 226 -6.35 18.14 -41.55
C PHE A 226 -5.24 19.12 -41.96
N GLU A 227 -5.61 20.29 -42.48
CA GLU A 227 -4.59 21.33 -42.79
C GLU A 227 -3.78 21.74 -41.55
N LYS A 228 -4.47 21.93 -40.42
CA LYS A 228 -3.79 22.26 -39.18
C LYS A 228 -2.82 21.18 -38.77
N MET A 229 -3.25 19.92 -38.91
CA MET A 229 -2.38 18.81 -38.57
C MET A 229 -1.20 18.73 -39.53
N TYR A 230 -1.46 18.98 -40.79
CA TYR A 230 -0.37 19.04 -41.77
C TYR A 230 0.70 20.08 -41.39
N GLN A 231 0.24 21.24 -40.92
CA GLN A 231 1.13 22.29 -40.40
C GLN A 231 1.96 21.86 -39.20
N LEU A 232 1.48 20.89 -38.42
CA LEU A 232 2.27 20.30 -37.34
C LEU A 232 3.22 19.19 -37.77
N GLY A 233 3.20 18.86 -39.05
CA GLY A 233 4.11 17.89 -39.64
C GLY A 233 3.44 16.57 -40.04
N VAL A 234 2.15 16.44 -39.80
CA VAL A 234 1.45 15.18 -40.12
C VAL A 234 1.37 14.97 -41.63
N ARG A 235 1.76 13.78 -42.12
CA ARG A 235 1.71 13.45 -43.54
C ARG A 235 0.90 12.19 -43.93
N SER A 236 0.26 11.55 -42.95
CA SER A 236 -0.63 10.42 -43.18
C SER A 236 -1.88 10.69 -42.31
N PHE A 237 -3.02 10.36 -42.88
CA PHE A 237 -4.31 10.71 -42.31
C PHE A 237 -5.24 9.50 -42.32
N ALA A 238 -6.15 9.48 -41.35
CA ALA A 238 -7.21 8.45 -41.33
C ALA A 238 -8.53 9.09 -40.93
N VAL A 239 -9.63 8.56 -41.47
CA VAL A 239 -10.98 8.93 -41.01
C VAL A 239 -11.66 7.69 -40.47
N PHE A 240 -12.06 7.74 -39.21
CA PHE A 240 -12.62 6.56 -38.54
C PHE A 240 -14.14 6.70 -38.41
N PHE A 241 -14.88 5.70 -38.86
CA PHE A 241 -16.33 5.70 -38.72
C PHE A 241 -16.83 4.53 -37.85
N ASP A 242 -16.02 4.12 -36.89
CA ASP A 242 -16.32 2.96 -36.04
C ASP A 242 -17.07 3.35 -34.77
N ASP A 243 -17.99 2.48 -34.35
CA ASP A 243 -18.73 2.66 -33.08
C ASP A 243 -19.54 3.94 -33.08
N ILE A 244 -20.21 4.19 -34.19
CA ILE A 244 -21.09 5.34 -34.31
C ILE A 244 -22.42 4.87 -34.82
N SER A 245 -23.40 5.76 -34.62
CA SER A 245 -24.76 5.56 -35.09
C SER A 245 -25.25 6.85 -35.76
N GLY A 246 -26.26 6.68 -36.59
CA GLY A 246 -26.93 7.84 -37.20
C GLY A 246 -26.54 8.04 -38.64
N GLU A 247 -26.65 9.28 -39.10
CA GLU A 247 -26.46 9.58 -40.54
C GLU A 247 -25.01 9.46 -40.98
N GLY A 248 -24.09 9.56 -40.02
CA GLY A 248 -22.66 9.36 -40.30
C GLY A 248 -22.25 7.96 -40.74
N THR A 249 -23.17 6.99 -40.62
CA THR A 249 -22.95 5.61 -41.10
C THR A 249 -23.23 5.41 -42.60
N ASN A 250 -23.71 6.44 -43.29
CA ASN A 250 -23.99 6.38 -44.73
C ASN A 250 -22.72 6.13 -45.58
N PRO A 251 -22.65 4.96 -46.25
CA PRO A 251 -21.46 4.60 -47.01
C PRO A 251 -21.17 5.43 -48.25
N GLN A 252 -22.21 5.92 -48.93
CA GLN A 252 -22.00 6.73 -50.12
C GLN A 252 -21.38 8.03 -49.70
N LYS A 253 -21.90 8.59 -48.63
CA LYS A 253 -21.42 9.86 -48.11
C LYS A 253 -20.00 9.72 -47.55
N GLN A 254 -19.76 8.60 -46.88
CA GLN A 254 -18.41 8.30 -46.38
C GLN A 254 -17.38 8.26 -47.50
N ALA A 255 -17.67 7.49 -48.53
CA ALA A 255 -16.79 7.34 -49.68
C ALA A 255 -16.58 8.66 -50.43
N GLU A 256 -17.61 9.50 -50.48
CA GLU A 256 -17.53 10.78 -51.15
C GLU A 256 -16.62 11.70 -50.36
N LEU A 257 -16.74 11.67 -49.02
CA LEU A 257 -15.87 12.48 -48.15
C LEU A 257 -14.41 12.02 -48.33
N LEU A 258 -14.16 10.71 -48.25
CA LEU A 258 -12.80 10.19 -48.42
C LEU A 258 -12.18 10.47 -49.78
N ASN A 259 -12.97 10.37 -50.83
CA ASN A 259 -12.48 10.63 -52.16
C ASN A 259 -12.17 12.09 -52.34
N TYR A 260 -12.93 12.96 -51.68
CA TYR A 260 -12.73 14.40 -51.74
C TYR A 260 -11.44 14.76 -51.01
N ILE A 261 -11.26 14.21 -49.82
CA ILE A 261 -10.01 14.32 -49.07
C ILE A 261 -8.84 13.85 -49.95
N ASP A 262 -9.01 12.73 -50.65
CA ASP A 262 -7.95 12.18 -51.49
C ASP A 262 -7.63 13.17 -52.63
N GLU A 263 -8.66 13.63 -53.29
CA GLU A 263 -8.53 14.40 -54.53
C GLU A 263 -8.16 15.86 -54.29
N LYS A 264 -8.72 16.45 -53.24
CA LYS A 264 -8.44 17.84 -52.86
C LYS A 264 -7.32 18.09 -51.85
N PHE A 265 -6.74 17.03 -51.26
CA PHE A 265 -5.75 17.18 -50.18
C PHE A 265 -4.62 16.15 -50.37
N ALA A 266 -4.94 14.86 -50.26
CA ALA A 266 -3.88 13.83 -50.34
C ALA A 266 -3.15 13.81 -51.69
N GLN A 267 -3.87 14.04 -52.79
CA GLN A 267 -3.23 14.06 -54.13
C GLN A 267 -2.78 15.48 -54.55
N VAL A 268 -2.93 16.45 -53.67
CA VAL A 268 -2.69 17.87 -53.96
C VAL A 268 -1.44 18.34 -53.23
N LYS A 269 -1.21 17.82 -52.01
CA LYS A 269 -0.02 18.17 -51.26
C LYS A 269 1.20 17.51 -51.87
N PRO A 270 2.38 18.06 -51.62
CA PRO A 270 3.62 17.47 -52.17
C PRO A 270 4.00 16.08 -51.64
N ASP A 271 3.58 15.74 -50.43
CA ASP A 271 4.24 14.68 -49.69
C ASP A 271 3.36 13.88 -48.71
N ILE A 272 2.07 13.70 -49.02
CA ILE A 272 1.19 12.82 -48.22
C ILE A 272 1.42 11.33 -48.54
N ASN A 273 1.38 10.54 -47.47
CA ASN A 273 1.66 9.11 -47.54
C ASN A 273 0.37 8.29 -47.47
N GLN A 274 -0.03 7.84 -46.28
CA GLN A 274 -1.23 6.98 -46.16
C GLN A 274 -2.48 7.81 -46.03
N LEU A 275 -3.58 7.33 -46.64
CA LEU A 275 -4.94 7.74 -46.38
C LEU A 275 -5.73 6.45 -46.12
N VAL A 276 -6.30 6.37 -44.91
CA VAL A 276 -6.94 5.16 -44.37
C VAL A 276 -8.31 5.49 -43.81
N MET A 277 -9.24 4.56 -43.95
CA MET A 277 -10.55 4.69 -43.31
C MET A 277 -10.89 3.41 -42.52
N CYS A 278 -11.55 3.62 -41.39
CA CYS A 278 -12.13 2.54 -40.65
C CYS A 278 -13.65 2.59 -40.89
N PRO A 279 -14.18 1.49 -41.44
CA PRO A 279 -15.59 1.47 -41.75
C PRO A 279 -16.46 1.36 -40.51
N THR A 280 -17.75 1.65 -40.69
CA THR A 280 -18.74 1.45 -39.63
C THR A 280 -19.00 -0.06 -39.43
N GLU A 281 -19.13 -0.76 -40.54
CA GLU A 281 -19.10 -2.24 -40.57
C GLU A 281 -17.66 -2.71 -40.64
N TYR A 282 -17.04 -2.87 -39.47
CA TYR A 282 -15.59 -3.09 -39.43
C TYR A 282 -15.21 -4.52 -39.05
N ASN A 283 -16.23 -5.37 -38.87
CA ASN A 283 -16.01 -6.81 -38.72
C ASN A 283 -17.24 -7.58 -39.22
N LYS A 284 -17.06 -8.86 -39.48
CA LYS A 284 -18.11 -9.63 -40.17
C LYS A 284 -19.40 -9.62 -39.37
N SER A 285 -19.28 -9.80 -38.07
CA SER A 285 -20.46 -9.89 -37.19
C SER A 285 -21.22 -8.57 -37.12
N TRP A 286 -20.54 -7.47 -37.39
CA TRP A 286 -21.17 -6.14 -37.39
C TRP A 286 -21.54 -5.67 -38.79
N SER A 287 -21.30 -6.53 -39.78
N SER A 287 -21.29 -6.52 -39.77
CA SER A 287 -21.64 -6.23 -41.16
CA SER A 287 -21.65 -6.24 -41.14
C SER A 287 -22.95 -6.91 -41.54
C SER A 287 -23.06 -6.77 -41.40
N ASN A 288 -23.65 -6.31 -42.49
CA ASN A 288 -24.91 -6.83 -42.97
C ASN A 288 -24.60 -7.45 -44.32
N PRO A 289 -24.50 -8.78 -44.37
CA PRO A 289 -24.10 -9.43 -45.61
C PRO A 289 -25.10 -9.19 -46.76
N ASN A 290 -26.33 -8.80 -46.42
CA ASN A 290 -27.39 -8.49 -47.41
C ASN A 290 -27.58 -6.99 -47.60
N GLY A 291 -26.74 -6.19 -46.94
CA GLY A 291 -26.80 -4.75 -47.02
C GLY A 291 -25.77 -4.28 -48.02
N ASN A 292 -25.80 -3.01 -48.37
CA ASN A 292 -24.87 -2.56 -49.44
C ASN A 292 -23.64 -1.82 -48.94
N TYR A 293 -23.48 -1.76 -47.63
CA TYR A 293 -22.46 -0.91 -47.03
C TYR A 293 -21.06 -1.23 -47.57
N LEU A 294 -20.63 -2.48 -47.42
CA LEU A 294 -19.26 -2.82 -47.74
C LEU A 294 -18.96 -2.83 -49.22
N THR A 295 -19.91 -3.29 -50.02
CA THR A 295 -19.74 -3.30 -51.47
C THR A 295 -19.75 -1.86 -52.04
N THR A 296 -20.47 -0.96 -51.39
CA THR A 296 -20.50 0.44 -51.76
C THR A 296 -19.15 1.08 -51.53
N LEU A 297 -18.60 0.85 -50.34
CA LEU A 297 -17.22 1.33 -50.08
C LEU A 297 -16.22 0.72 -51.09
N GLY A 298 -16.28 -0.58 -51.26
CA GLY A 298 -15.36 -1.25 -52.16
C GLY A 298 -15.39 -0.73 -53.59
N ASP A 299 -16.57 -0.41 -54.09
CA ASP A 299 -16.75 0.07 -55.47
C ASP A 299 -16.45 1.57 -55.62
N LYS A 300 -16.81 2.35 -54.60
CA LYS A 300 -16.77 3.80 -54.68
C LYS A 300 -15.46 4.43 -54.15
N LEU A 301 -14.86 3.84 -53.11
CA LEU A 301 -13.62 4.37 -52.55
C LEU A 301 -12.46 4.26 -53.55
N ASN A 302 -11.79 5.38 -53.78
CA ASN A 302 -10.60 5.43 -54.62
C ASN A 302 -9.62 4.32 -54.20
N PRO A 303 -9.01 3.63 -55.18
CA PRO A 303 -8.20 2.46 -54.88
C PRO A 303 -6.99 2.66 -53.99
N SER A 304 -6.52 3.88 -53.84
CA SER A 304 -5.38 4.14 -52.96
C SER A 304 -5.77 4.26 -51.48
N ILE A 305 -7.07 4.36 -51.20
CA ILE A 305 -7.55 4.49 -49.83
C ILE A 305 -7.63 3.10 -49.18
N GLN A 306 -7.02 2.95 -48.02
CA GLN A 306 -7.03 1.69 -47.26
C GLN A 306 -8.32 1.60 -46.47
N ILE A 307 -8.79 0.38 -46.29
CA ILE A 307 -10.00 0.13 -45.52
C ILE A 307 -9.64 -0.85 -44.41
N MET A 308 -9.94 -0.46 -43.17
CA MET A 308 -9.58 -1.29 -42.02
C MET A 308 -10.64 -2.33 -41.65
N TRP A 309 -10.21 -3.31 -40.87
CA TRP A 309 -10.97 -4.51 -40.59
C TRP A 309 -10.44 -5.26 -39.39
N THR A 310 -11.35 -5.64 -38.49
CA THR A 310 -10.95 -6.31 -37.24
C THR A 310 -11.18 -7.82 -37.23
N GLY A 311 -11.77 -8.34 -38.31
CA GLY A 311 -11.94 -9.78 -38.53
C GLY A 311 -13.41 -10.19 -38.51
N ASP A 312 -13.68 -11.38 -37.99
CA ASP A 312 -15.04 -11.93 -38.01
C ASP A 312 -15.87 -11.37 -36.88
N ARG A 313 -15.22 -10.86 -35.83
CA ARG A 313 -15.87 -10.21 -34.72
C ARG A 313 -15.07 -8.93 -34.32
N VAL A 314 -15.58 -8.18 -33.36
CA VAL A 314 -14.90 -6.96 -32.85
C VAL A 314 -13.52 -7.38 -32.36
N ILE A 315 -13.49 -8.48 -31.58
CA ILE A 315 -12.25 -9.06 -31.13
C ILE A 315 -12.12 -10.43 -31.80
N SER A 316 -11.17 -10.57 -32.73
CA SER A 316 -10.94 -11.86 -33.34
C SER A 316 -9.58 -12.03 -33.94
N ASP A 317 -9.25 -13.27 -34.20
CA ASP A 317 -8.02 -13.55 -34.86
C ASP A 317 -8.30 -13.63 -36.37
N ILE A 318 -7.27 -13.45 -37.15
CA ILE A 318 -7.46 -13.20 -38.58
C ILE A 318 -7.20 -14.51 -39.29
N THR A 319 -8.21 -14.97 -40.04
CA THR A 319 -8.17 -16.28 -40.73
C THR A 319 -8.17 -16.06 -42.22
N ARG A 320 -7.72 -17.06 -42.95
CA ARG A 320 -7.77 -17.02 -44.42
C ARG A 320 -9.17 -16.84 -44.96
N ASP A 321 -10.12 -17.63 -44.46
CA ASP A 321 -11.50 -17.46 -44.88
C ASP A 321 -12.09 -16.11 -44.51
N GLY A 322 -11.74 -15.60 -43.34
CA GLY A 322 -12.26 -14.32 -42.88
C GLY A 322 -11.80 -13.18 -43.76
N ILE A 323 -10.51 -13.17 -44.07
CA ILE A 323 -9.96 -12.07 -44.83
C ILE A 323 -10.42 -12.16 -46.28
N SER A 324 -10.60 -13.40 -46.78
CA SER A 324 -11.21 -13.62 -48.10
C SER A 324 -12.60 -13.00 -48.22
N TRP A 325 -13.40 -13.18 -47.19
CA TRP A 325 -14.73 -12.65 -47.15
C TRP A 325 -14.72 -11.12 -47.30
N ILE A 326 -13.91 -10.43 -46.51
CA ILE A 326 -13.89 -8.98 -46.62
C ILE A 326 -13.25 -8.50 -47.94
N ASN A 327 -12.12 -9.09 -48.33
CA ASN A 327 -11.40 -8.64 -49.51
C ASN A 327 -12.26 -8.68 -50.77
N GLU A 328 -13.14 -9.67 -50.83
CA GLU A 328 -14.04 -9.86 -51.96
C GLU A 328 -15.03 -8.69 -52.05
N ARG A 329 -15.33 -8.07 -50.91
CA ARG A 329 -16.36 -7.04 -50.87
C ARG A 329 -15.77 -5.66 -51.04
N ILE A 330 -14.59 -5.44 -50.43
CA ILE A 330 -13.95 -4.15 -50.53
C ILE A 330 -13.07 -4.02 -51.76
N LYS A 331 -12.83 -5.13 -52.48
CA LYS A 331 -12.06 -5.12 -53.73
C LYS A 331 -10.62 -4.65 -53.58
N ARG A 332 -10.01 -4.95 -52.43
CA ARG A 332 -8.62 -4.57 -52.12
C ARG A 332 -8.23 -5.33 -50.85
N PRO A 333 -6.90 -5.51 -50.58
CA PRO A 333 -6.51 -6.19 -49.35
C PRO A 333 -6.81 -5.35 -48.10
N ALA A 334 -7.54 -5.95 -47.15
CA ALA A 334 -7.90 -5.29 -45.90
C ALA A 334 -6.64 -4.87 -45.11
N TYR A 335 -6.79 -3.77 -44.42
CA TYR A 335 -5.76 -3.24 -43.55
C TYR A 335 -6.22 -3.65 -42.16
N ILE A 336 -5.52 -4.60 -41.56
CA ILE A 336 -6.04 -5.22 -40.35
C ILE A 336 -5.85 -4.34 -39.14
N TRP A 337 -6.93 -4.13 -38.41
CA TRP A 337 -6.93 -3.52 -37.07
C TRP A 337 -7.18 -4.68 -36.09
N TRP A 338 -6.12 -5.15 -35.43
CA TRP A 338 -6.19 -6.32 -34.55
C TRP A 338 -6.42 -5.88 -33.10
N ASN A 339 -7.57 -6.28 -32.55
CA ASN A 339 -8.01 -5.83 -31.22
C ASN A 339 -7.47 -6.72 -30.10
N PHE A 340 -6.14 -6.77 -30.03
CA PHE A 340 -5.37 -7.39 -28.94
C PHE A 340 -4.04 -6.67 -28.92
N PRO A 341 -3.51 -6.29 -27.74
CA PRO A 341 -3.98 -6.57 -26.38
C PRO A 341 -4.99 -5.64 -25.72
N VAL A 342 -5.63 -4.75 -26.48
CA VAL A 342 -6.63 -3.83 -25.94
C VAL A 342 -7.52 -4.53 -24.88
N SER A 343 -7.63 -3.87 -23.72
CA SER A 343 -8.34 -4.44 -22.56
CA SER A 343 -8.29 -4.39 -22.53
C SER A 343 -9.48 -3.53 -22.10
N ASP A 344 -9.93 -2.64 -22.99
CA ASP A 344 -10.85 -1.57 -22.61
C ASP A 344 -12.29 -2.02 -22.31
N TYR A 345 -12.53 -3.32 -22.52
CA TYR A 345 -13.77 -4.01 -22.16
C TYR A 345 -13.62 -5.09 -21.05
N VAL A 346 -12.40 -5.29 -20.58
CA VAL A 346 -12.00 -6.14 -19.45
C VAL A 346 -10.90 -5.39 -18.67
N ARG A 347 -11.25 -4.20 -18.22
CA ARG A 347 -10.26 -3.24 -17.68
C ARG A 347 -9.60 -3.69 -16.39
N ASP A 348 -10.21 -4.67 -15.74
CA ASP A 348 -9.65 -5.26 -14.54
C ASP A 348 -8.61 -6.34 -14.79
N HIS A 349 -8.34 -6.63 -16.07
CA HIS A 349 -7.32 -7.61 -16.49
C HIS A 349 -6.15 -7.00 -17.23
N LEU A 350 -4.96 -7.56 -17.00
CA LEU A 350 -3.80 -7.29 -17.85
C LEU A 350 -3.64 -8.45 -18.81
N LEU A 351 -3.45 -8.14 -20.10
CA LEU A 351 -3.34 -9.19 -21.13
C LEU A 351 -1.91 -9.26 -21.61
N LEU A 352 -1.11 -10.06 -20.92
CA LEU A 352 0.34 -10.11 -21.08
C LEU A 352 0.83 -11.39 -21.73
N GLY A 353 -0.07 -12.16 -22.33
CA GLY A 353 0.31 -13.40 -22.93
C GLY A 353 0.76 -13.27 -24.35
N PRO A 354 1.17 -14.41 -24.94
CA PRO A 354 1.64 -14.40 -26.31
C PRO A 354 0.60 -13.97 -27.33
N VAL A 355 1.11 -13.55 -28.48
CA VAL A 355 0.31 -13.22 -29.64
C VAL A 355 0.22 -14.46 -30.50
N TYR A 356 -0.99 -14.93 -30.72
CA TYR A 356 -1.22 -16.14 -31.52
C TYR A 356 -2.62 -16.11 -32.08
N GLY A 357 -2.90 -17.03 -33.02
CA GLY A 357 -4.24 -17.23 -33.56
C GLY A 357 -4.43 -16.70 -34.98
N ASN A 358 -3.52 -15.84 -35.43
CA ASN A 358 -3.55 -15.24 -36.75
C ASN A 358 -2.82 -16.11 -37.77
N ASP A 359 -3.46 -16.30 -38.90
CA ASP A 359 -2.92 -17.16 -39.96
C ASP A 359 -1.57 -16.60 -40.44
N THR A 360 -0.61 -17.47 -40.58
CA THR A 360 0.75 -17.10 -40.89
C THR A 360 1.05 -17.17 -42.39
N THR A 361 0.04 -17.49 -43.20
CA THR A 361 0.21 -17.72 -44.64
C THR A 361 -0.53 -16.70 -45.51
N ILE A 362 -1.13 -15.68 -44.89
CA ILE A 362 -2.00 -14.73 -45.58
C ILE A 362 -1.41 -13.32 -45.75
N ALA A 363 -0.09 -13.17 -45.72
CA ALA A 363 0.52 -11.85 -45.90
C ALA A 363 0.01 -11.13 -47.15
N LYS A 364 -0.14 -11.87 -48.24
CA LYS A 364 -0.56 -11.29 -49.53
C LYS A 364 -1.96 -10.71 -49.52
N GLU A 365 -2.80 -11.13 -48.59
CA GLU A 365 -4.22 -10.74 -48.50
C GLU A 365 -4.44 -9.53 -47.59
N MET A 366 -3.38 -9.00 -47.00
CA MET A 366 -3.49 -7.77 -46.18
C MET A 366 -2.57 -6.65 -46.64
N SER A 367 -3.08 -5.41 -46.60
CA SER A 367 -2.30 -4.22 -46.96
C SER A 367 -1.49 -3.72 -45.74
N GLY A 368 -1.97 -4.12 -44.56
CA GLY A 368 -1.46 -3.68 -43.30
C GLY A 368 -1.97 -4.49 -42.13
N PHE A 369 -1.24 -4.39 -41.03
CA PHE A 369 -1.59 -5.05 -39.79
C PHE A 369 -1.12 -4.17 -38.63
N VAL A 370 -2.09 -3.64 -37.89
CA VAL A 370 -1.81 -2.86 -36.70
C VAL A 370 -2.55 -3.48 -35.50
N THR A 371 -1.90 -3.38 -34.33
CA THR A 371 -2.48 -3.80 -33.05
C THR A 371 -3.05 -2.60 -32.29
N ASN A 372 -4.25 -2.80 -31.72
CA ASN A 372 -4.86 -1.86 -30.78
C ASN A 372 -4.44 -2.35 -29.38
N PRO A 373 -3.62 -1.57 -28.66
CA PRO A 373 -3.07 -2.01 -27.37
C PRO A 373 -3.86 -1.65 -26.13
N MET A 374 -3.29 -1.91 -24.96
CA MET A 374 -3.93 -1.52 -23.74
C MET A 374 -3.62 -0.07 -23.49
N GLU A 375 -4.45 0.53 -22.65
CA GLU A 375 -4.17 1.85 -22.10
C GLU A 375 -2.90 1.85 -21.25
N HIS A 376 -2.44 0.64 -20.88
CA HIS A 376 -1.12 0.41 -20.25
C HIS A 376 -0.07 0.23 -21.33
N ALA A 377 0.70 1.30 -21.58
CA ALA A 377 1.51 1.40 -22.79
C ALA A 377 2.69 0.48 -22.71
N GLU A 378 3.44 0.54 -21.62
CA GLU A 378 4.62 -0.30 -21.49
C GLU A 378 4.26 -1.78 -21.47
N SER A 379 3.17 -2.10 -20.76
CA SER A 379 2.69 -3.48 -20.67
C SER A 379 2.40 -4.09 -22.02
N SER A 380 1.93 -3.23 -22.92
CA SER A 380 1.51 -3.61 -24.28
C SER A 380 2.67 -3.96 -25.20
N LYS A 381 3.90 -3.64 -24.78
CA LYS A 381 5.06 -3.90 -25.61
C LYS A 381 5.35 -5.37 -25.83
N ILE A 382 4.90 -6.20 -24.90
CA ILE A 382 4.97 -7.67 -25.11
C ILE A 382 4.28 -8.06 -26.43
N ALA A 383 3.02 -7.67 -26.56
CA ALA A 383 2.23 -7.91 -27.75
C ALA A 383 2.71 -7.13 -28.97
N ILE A 384 3.06 -5.87 -28.78
CA ILE A 384 3.53 -5.03 -29.87
C ILE A 384 4.77 -5.63 -30.52
N TYR A 385 5.78 -5.99 -29.72
CA TYR A 385 6.96 -6.64 -30.22
C TYR A 385 6.64 -7.89 -31.02
N SER A 386 5.68 -8.65 -30.54
CA SER A 386 5.27 -9.92 -31.18
C SER A 386 4.47 -9.69 -32.46
N VAL A 387 3.66 -8.64 -32.47
CA VAL A 387 2.98 -8.24 -33.70
C VAL A 387 3.99 -7.76 -34.75
N ALA A 388 5.02 -7.03 -34.33
CA ALA A 388 6.03 -6.54 -35.26
C ALA A 388 6.71 -7.75 -35.95
N SER A 389 6.97 -8.77 -35.15
CA SER A 389 7.64 -10.00 -35.61
C SER A 389 6.74 -10.73 -36.59
N TYR A 390 5.50 -10.92 -36.17
CA TYR A 390 4.52 -11.55 -37.02
C TYR A 390 4.30 -10.84 -38.35
N ALA A 391 4.08 -9.53 -38.32
CA ALA A 391 3.80 -8.75 -39.51
C ALA A 391 4.97 -8.70 -40.49
N TRP A 392 6.19 -8.62 -39.98
CA TRP A 392 7.41 -8.58 -40.82
C TRP A 392 7.65 -9.98 -41.50
N ASN A 393 7.57 -11.04 -40.70
CA ASN A 393 7.85 -12.42 -41.18
C ASN A 393 6.88 -13.43 -40.62
N PRO A 394 5.65 -13.42 -41.12
CA PRO A 394 4.60 -14.31 -40.64
C PRO A 394 4.93 -15.77 -40.87
N ALA A 395 5.55 -16.08 -42.01
CA ALA A 395 5.97 -17.46 -42.31
C ALA A 395 6.83 -18.10 -41.21
N LYS A 396 7.74 -17.32 -40.63
CA LYS A 396 8.61 -17.80 -39.57
C LYS A 396 8.12 -17.43 -38.16
N TYR A 397 6.87 -17.01 -38.01
CA TYR A 397 6.43 -16.51 -36.71
C TYR A 397 6.33 -17.65 -35.69
N ASP A 398 7.01 -17.47 -34.58
CA ASP A 398 7.12 -18.43 -33.47
C ASP A 398 6.52 -17.75 -32.25
N THR A 399 5.32 -18.17 -31.86
CA THR A 399 4.57 -17.51 -30.81
C THR A 399 5.39 -17.37 -29.51
N TRP A 400 5.85 -18.48 -28.99
CA TRP A 400 6.34 -18.54 -27.63
C TRP A 400 7.74 -18.00 -27.56
N GLN A 401 8.57 -18.28 -28.58
CA GLN A 401 9.93 -17.70 -28.61
C GLN A 401 9.88 -16.18 -28.65
N THR A 402 8.96 -15.64 -29.45
CA THR A 402 8.84 -14.21 -29.63
C THR A 402 8.38 -13.55 -28.32
N TRP A 403 7.44 -14.18 -27.64
CA TRP A 403 6.96 -13.70 -26.32
C TRP A 403 8.09 -13.63 -25.31
N LYS A 404 8.90 -14.69 -25.25
CA LYS A 404 10.08 -14.72 -24.37
C LYS A 404 11.09 -13.66 -24.76
N ASP A 405 11.32 -13.50 -26.07
CA ASP A 405 12.21 -12.48 -26.63
C ASP A 405 11.73 -11.07 -26.27
N ALA A 406 10.43 -10.88 -26.37
CA ALA A 406 9.83 -9.59 -26.02
C ALA A 406 10.10 -9.26 -24.53
N ILE A 407 9.82 -10.22 -23.67
CA ILE A 407 10.02 -10.04 -22.23
C ILE A 407 11.46 -9.76 -21.84
N ARG A 408 12.40 -10.46 -22.48
CA ARG A 408 13.84 -10.31 -22.18
C ARG A 408 14.32 -8.95 -22.68
N THR A 409 13.68 -8.48 -23.76
CA THR A 409 13.98 -7.15 -24.30
C THR A 409 13.43 -6.06 -23.42
N ILE A 410 12.21 -6.24 -22.93
CA ILE A 410 11.49 -5.25 -22.14
CA ILE A 410 11.56 -5.19 -22.17
C ILE A 410 12.11 -5.11 -20.75
N LEU A 411 12.45 -6.23 -20.13
CA LEU A 411 12.90 -6.21 -18.74
C LEU A 411 14.05 -7.17 -18.55
N PRO A 412 15.19 -6.90 -19.19
CA PRO A 412 16.28 -7.89 -19.16
C PRO A 412 16.64 -8.32 -17.72
N SER A 413 16.61 -7.37 -16.80
CA SER A 413 17.09 -7.58 -15.41
C SER A 413 16.20 -8.49 -14.58
N ALA A 414 14.97 -8.67 -14.99
CA ALA A 414 14.05 -9.55 -14.30
C ALA A 414 13.14 -10.30 -15.29
N ALA A 415 13.73 -10.87 -16.35
CA ALA A 415 12.95 -11.50 -17.44
C ALA A 415 12.15 -12.72 -16.98
N GLU A 416 12.75 -13.56 -16.14
CA GLU A 416 12.09 -14.79 -15.68
C GLU A 416 10.93 -14.45 -14.76
N GLU A 417 11.08 -13.38 -13.98
CA GLU A 417 10.03 -12.93 -13.07
C GLU A 417 8.88 -12.34 -13.86
N LEU A 418 9.19 -11.56 -14.90
CA LEU A 418 8.12 -10.99 -15.74
C LEU A 418 7.43 -12.10 -16.52
N GLU A 419 8.18 -13.11 -17.00
CA GLU A 419 7.55 -14.30 -17.60
C GLU A 419 6.58 -15.01 -16.67
N CYS A 420 6.99 -15.21 -15.42
CA CYS A 420 6.13 -15.82 -14.41
C CYS A 420 4.81 -15.02 -14.30
N PHE A 421 4.92 -13.71 -14.15
CA PHE A 421 3.79 -12.86 -13.97
C PHE A 421 2.91 -12.87 -15.22
N ALA A 422 3.49 -12.70 -16.40
CA ALA A 422 2.72 -12.65 -17.67
C ALA A 422 2.03 -13.97 -17.96
N MET A 423 2.69 -15.09 -17.65
CA MET A 423 2.07 -16.39 -17.98
C MET A 423 0.82 -16.68 -17.21
N HIS A 424 0.68 -16.03 -16.07
CA HIS A 424 -0.56 -16.12 -15.28
C HIS A 424 -1.47 -14.89 -15.34
N ASN A 425 -1.25 -14.04 -16.34
CA ASN A 425 -2.02 -12.83 -16.58
C ASN A 425 -2.17 -12.66 -18.06
N SER A 426 -2.94 -13.58 -18.67
CA SER A 426 -3.08 -13.70 -20.12
CA SER A 426 -3.10 -13.61 -20.12
C SER A 426 -4.56 -13.72 -20.55
N ASP A 427 -5.42 -14.34 -19.75
CA ASP A 427 -6.80 -14.50 -20.11
C ASP A 427 -7.63 -13.27 -19.77
N LEU A 428 -8.78 -13.15 -20.40
CA LEU A 428 -9.60 -11.98 -20.23
C LEU A 428 -10.74 -12.19 -19.24
N GLY A 429 -10.94 -13.44 -18.83
CA GLY A 429 -12.18 -13.82 -18.15
C GLY A 429 -13.34 -13.74 -19.12
N PRO A 430 -14.54 -14.20 -18.69
CA PRO A 430 -15.76 -14.11 -19.49
C PRO A 430 -16.05 -12.67 -19.85
N ASN A 431 -16.54 -12.46 -21.08
CA ASN A 431 -16.78 -11.10 -21.56
C ASN A 431 -17.76 -11.11 -22.73
N GLY A 432 -18.38 -9.97 -22.98
CA GLY A 432 -19.38 -9.82 -24.04
C GLY A 432 -18.86 -10.02 -25.45
N HIS A 433 -17.54 -9.91 -25.65
CA HIS A 433 -16.95 -10.11 -26.98
C HIS A 433 -16.57 -11.56 -27.25
N GLY A 434 -16.72 -12.41 -26.25
CA GLY A 434 -16.45 -13.83 -26.39
C GLY A 434 -15.02 -14.27 -26.64
N TYR A 435 -14.06 -13.40 -26.32
CA TYR A 435 -12.66 -13.64 -26.62
C TYR A 435 -11.91 -14.03 -25.37
N ARG A 436 -11.14 -15.10 -25.50
CA ARG A 436 -10.42 -15.69 -24.38
C ARG A 436 -9.03 -16.02 -24.85
N ARG A 437 -8.11 -16.16 -23.91
CA ARG A 437 -6.76 -16.60 -24.22
C ARG A 437 -6.38 -17.68 -23.23
N GLU A 438 -5.45 -18.54 -23.63
CA GLU A 438 -4.82 -19.50 -22.71
C GLU A 438 -4.07 -18.81 -21.58
N GLU A 439 -4.03 -19.49 -20.44
CA GLU A 439 -3.32 -18.97 -19.29
C GLU A 439 -2.91 -20.12 -18.40
N SER A 440 -1.71 -20.05 -17.82
CA SER A 440 -1.27 -21.01 -16.79
C SER A 440 -1.29 -22.44 -17.36
N MET A 441 -0.97 -22.59 -18.63
CA MET A 441 -1.14 -23.90 -19.28
C MET A 441 -0.21 -24.96 -18.73
N ASP A 442 0.96 -24.52 -18.31
CA ASP A 442 1.97 -25.38 -17.71
C ASP A 442 1.42 -26.21 -16.54
N ILE A 443 0.73 -25.56 -15.62
CA ILE A 443 0.30 -26.23 -14.39
C ILE A 443 -1.14 -26.71 -14.46
N GLN A 444 -1.81 -26.49 -15.59
CA GLN A 444 -3.24 -26.73 -15.70
C GLN A 444 -3.60 -28.21 -15.47
N PRO A 445 -2.82 -29.13 -16.06
CA PRO A 445 -3.05 -30.57 -15.83
C PRO A 445 -2.86 -31.03 -14.38
N ALA A 446 -1.73 -30.68 -13.76
CA ALA A 446 -1.51 -30.90 -12.32
C ALA A 446 -2.63 -30.31 -11.44
N ALA A 447 -3.06 -29.08 -11.74
CA ALA A 447 -4.18 -28.48 -11.01
C ALA A 447 -5.42 -29.35 -11.18
N GLU A 448 -5.69 -29.72 -12.42
CA GLU A 448 -6.96 -30.38 -12.76
C GLU A 448 -7.07 -31.77 -12.10
N ARG A 449 -5.94 -32.46 -12.04
CA ARG A 449 -5.84 -33.76 -11.40
C ARG A 449 -5.98 -33.63 -9.90
N PHE A 450 -5.17 -32.75 -9.32
CA PHE A 450 -5.16 -32.54 -7.89
C PHE A 450 -6.59 -32.31 -7.41
N LEU A 451 -7.30 -31.44 -8.10
CA LEU A 451 -8.62 -31.07 -7.64
C LEU A 451 -9.63 -32.22 -7.81
N LYS A 452 -9.60 -32.86 -8.97
CA LYS A 452 -10.40 -34.08 -9.26
C LYS A 452 -10.27 -35.13 -8.14
N ALA A 453 -9.03 -35.50 -7.84
CA ALA A 453 -8.71 -36.44 -6.76
C ALA A 453 -9.21 -35.95 -5.41
N PHE A 454 -8.70 -34.79 -5.01
CA PHE A 454 -8.98 -34.23 -3.69
C PHE A 454 -10.49 -34.15 -3.43
N LYS A 455 -11.24 -33.66 -4.40
CA LYS A 455 -12.70 -33.52 -4.26
C LYS A 455 -13.38 -34.86 -4.00
N GLU A 456 -12.94 -35.90 -4.70
CA GLU A 456 -13.62 -37.21 -4.67
C GLU A 456 -13.07 -38.14 -3.57
N GLY A 457 -12.12 -37.66 -2.79
CA GLY A 457 -11.57 -38.45 -1.70
C GLY A 457 -10.60 -39.53 -2.16
N LYS A 458 -10.13 -39.43 -3.40
CA LYS A 458 -9.00 -40.24 -3.89
C LYS A 458 -7.69 -39.54 -3.50
N ASN A 459 -6.62 -40.30 -3.33
CA ASN A 459 -5.30 -39.72 -3.03
C ASN A 459 -4.73 -38.96 -4.23
N TYR A 460 -4.29 -37.73 -3.99
CA TYR A 460 -3.64 -36.91 -5.04
C TYR A 460 -2.15 -37.27 -5.15
N ASP A 461 -1.55 -37.04 -6.32
CA ASP A 461 -0.11 -37.29 -6.50
C ASP A 461 0.70 -36.21 -5.77
N LYS A 462 1.73 -36.66 -5.09
CA LYS A 462 2.63 -35.79 -4.37
C LYS A 462 3.31 -34.76 -5.29
N ALA A 463 3.68 -35.20 -6.49
CA ALA A 463 4.34 -34.34 -7.47
C ALA A 463 3.47 -33.16 -7.88
N ASP A 464 2.15 -33.39 -7.99
CA ASP A 464 1.20 -32.33 -8.31
C ASP A 464 1.10 -31.29 -7.18
N PHE A 465 1.03 -31.77 -5.94
CA PHE A 465 1.03 -30.88 -4.77
C PHE A 465 2.32 -30.04 -4.73
N GLU A 466 3.44 -30.69 -5.05
CA GLU A 466 4.77 -30.10 -5.11
C GLU A 466 4.88 -29.06 -6.23
N THR A 467 4.24 -29.33 -7.36
CA THR A 467 4.20 -28.40 -8.49
C THR A 467 3.42 -27.15 -8.13
N LEU A 468 2.27 -27.34 -7.48
CA LEU A 468 1.45 -26.22 -7.03
C LEU A 468 2.25 -25.38 -6.03
N GLN A 469 2.87 -26.06 -5.08
CA GLN A 469 3.75 -25.42 -4.10
C GLN A 469 4.89 -24.60 -4.71
N TYR A 470 5.56 -25.19 -5.70
CA TYR A 470 6.65 -24.53 -6.39
C TYR A 470 6.16 -23.26 -7.10
N THR A 471 5.00 -23.35 -7.72
CA THR A 471 4.43 -22.27 -8.49
C THR A 471 4.10 -21.10 -7.60
N PHE A 472 3.50 -21.37 -6.44
CA PHE A 472 3.06 -20.29 -5.57
C PHE A 472 4.31 -19.60 -5.04
N GLU A 473 5.31 -20.39 -4.74
CA GLU A 473 6.59 -19.86 -4.33
C GLU A 473 7.28 -18.96 -5.37
N ARG A 474 7.26 -19.38 -6.61
CA ARG A 474 7.84 -18.61 -7.68
C ARG A 474 7.03 -17.31 -7.94
N MET A 475 5.71 -17.37 -7.78
CA MET A 475 4.87 -16.18 -7.93
C MET A 475 5.25 -15.06 -6.93
N LYS A 476 5.47 -15.44 -5.67
CA LYS A 476 5.87 -14.47 -4.65
C LYS A 476 7.24 -13.86 -4.93
N GLU A 477 8.20 -14.68 -5.31
CA GLU A 477 9.49 -14.17 -5.70
C GLU A 477 9.34 -13.18 -6.81
N SER A 478 8.65 -13.58 -7.87
CA SER A 478 8.44 -12.73 -9.04
C SER A 478 7.79 -11.39 -8.64
N ALA A 479 6.80 -11.42 -7.76
CA ALA A 479 6.07 -10.21 -7.36
C ALA A 479 6.97 -9.26 -6.62
N ASP A 480 7.66 -9.76 -5.62
CA ASP A 480 8.55 -8.91 -4.84
C ASP A 480 9.66 -8.29 -5.65
N ILE A 481 10.26 -9.07 -6.56
CA ILE A 481 11.32 -8.55 -7.42
C ILE A 481 10.78 -7.53 -8.41
N LEU A 482 9.63 -7.82 -9.01
CA LEU A 482 9.09 -6.85 -9.97
C LEU A 482 8.70 -5.52 -9.32
N LEU A 483 8.10 -5.56 -8.13
CA LEU A 483 7.74 -4.34 -7.41
C LEU A 483 8.93 -3.40 -7.26
N MET A 484 10.09 -3.97 -7.04
CA MET A 484 11.26 -3.21 -6.67
C MET A 484 12.16 -2.86 -7.85
N ASN A 485 11.77 -3.29 -9.04
CA ASN A 485 12.62 -3.18 -10.22
C ASN A 485 12.58 -1.76 -10.72
N THR A 486 13.77 -1.27 -11.08
CA THR A 486 13.99 0.12 -11.47
C THR A 486 14.52 0.27 -12.89
N GLU A 487 14.62 -0.83 -13.63
CA GLU A 487 15.03 -0.80 -15.03
C GLU A 487 13.95 -0.17 -15.94
N ASN A 488 12.68 -0.50 -15.71
CA ASN A 488 11.58 0.11 -16.43
C ASN A 488 10.54 0.51 -15.41
N LYS A 489 10.75 1.68 -14.80
CA LYS A 489 9.81 2.16 -13.79
C LYS A 489 8.41 2.35 -14.33
N PRO A 490 8.25 2.91 -15.53
CA PRO A 490 6.88 3.07 -16.01
C PRO A 490 6.11 1.77 -16.15
N LEU A 491 6.76 0.69 -16.58
CA LEU A 491 6.10 -0.61 -16.64
C LEU A 491 5.69 -1.02 -15.22
N ILE A 492 6.57 -0.84 -14.25
CA ILE A 492 6.24 -1.30 -12.92
C ILE A 492 5.15 -0.50 -12.32
N VAL A 493 5.12 0.82 -12.55
CA VAL A 493 3.99 1.62 -12.15
C VAL A 493 2.68 1.08 -12.73
N GLU A 494 2.66 0.75 -14.04
CA GLU A 494 1.43 0.24 -14.65
C GLU A 494 0.90 -1.02 -13.98
N ILE A 495 1.80 -1.96 -13.71
CA ILE A 495 1.36 -3.31 -13.30
C ILE A 495 1.22 -3.48 -11.79
N THR A 496 1.71 -2.49 -11.04
CA THR A 496 1.83 -2.66 -9.58
C THR A 496 0.60 -3.17 -8.85
N PRO A 497 -0.59 -2.67 -9.16
CA PRO A 497 -1.77 -3.20 -8.47
C PRO A 497 -2.01 -4.68 -8.68
N TRP A 498 -1.81 -5.13 -9.92
CA TRP A 498 -1.90 -6.52 -10.26
C TRP A 498 -0.81 -7.35 -9.62
N VAL A 499 0.39 -6.78 -9.50
CA VAL A 499 1.46 -7.49 -8.84
C VAL A 499 1.09 -7.74 -7.38
N HIS A 500 0.53 -6.74 -6.70
CA HIS A 500 0.12 -6.90 -5.29
C HIS A 500 -0.90 -8.03 -5.17
N GLN A 501 -1.85 -8.03 -6.10
CA GLN A 501 -2.92 -9.02 -6.13
C GLN A 501 -2.45 -10.45 -6.42
N PHE A 502 -1.50 -10.54 -7.34
CA PHE A 502 -0.80 -11.77 -7.71
C PHE A 502 -0.02 -12.34 -6.52
N LYS A 503 0.68 -11.48 -5.78
CA LYS A 503 1.34 -11.92 -4.56
C LYS A 503 0.40 -12.50 -3.52
N LEU A 504 -0.70 -11.81 -3.26
CA LEU A 504 -1.75 -12.28 -2.35
C LEU A 504 -2.38 -13.62 -2.79
N THR A 505 -2.59 -13.74 -4.10
CA THR A 505 -3.02 -15.01 -4.68
C THR A 505 -2.06 -16.16 -4.31
N ALA A 506 -0.77 -15.93 -4.53
CA ALA A 506 0.24 -16.95 -4.24
C ALA A 506 0.33 -17.28 -2.74
N GLU A 507 0.28 -16.25 -1.89
CA GLU A 507 0.24 -16.45 -0.44
C GLU A 507 -0.98 -17.24 -0.03
N MET A 508 -2.12 -16.95 -0.62
CA MET A 508 -3.35 -17.68 -0.33
C MET A 508 -3.27 -19.16 -0.75
N GLY A 509 -2.74 -19.40 -1.93
CA GLY A 509 -2.49 -20.76 -2.41
C GLY A 509 -1.56 -21.53 -1.47
N GLU A 510 -0.48 -20.92 -0.99
CA GLU A 510 0.41 -21.56 -0.03
C GLU A 510 -0.30 -21.98 1.27
N GLU A 511 -1.17 -21.11 1.79
CA GLU A 511 -1.90 -21.41 3.03
C GLU A 511 -2.99 -22.45 2.82
N VAL A 512 -3.65 -22.43 1.66
CA VAL A 512 -4.68 -23.43 1.34
C VAL A 512 -4.05 -24.83 1.26
N LEU A 513 -2.84 -24.90 0.69
CA LEU A 513 -2.09 -26.17 0.64
C LEU A 513 -1.66 -26.65 2.04
N LYS A 514 -1.30 -25.74 2.91
CA LYS A 514 -1.07 -26.12 4.30
C LYS A 514 -2.33 -26.64 4.98
N MET A 515 -3.50 -26.13 4.58
CA MET A 515 -4.76 -26.64 5.11
C MET A 515 -5.02 -28.07 4.63
N VAL A 516 -4.70 -28.35 3.37
CA VAL A 516 -4.83 -29.70 2.79
C VAL A 516 -4.00 -30.74 3.54
N GLU A 517 -2.78 -30.35 3.92
CA GLU A 517 -1.91 -31.20 4.69
C GLU A 517 -2.38 -31.36 6.14
N GLY A 518 -2.98 -30.31 6.68
CA GLY A 518 -3.81 -30.37 7.90
C GLY A 518 -3.29 -31.23 9.03
N ARG A 519 -2.27 -30.73 9.71
CA ARG A 519 -1.59 -31.47 10.78
C ARG A 519 -2.53 -31.76 11.93
N ASN A 520 -3.11 -30.70 12.48
CA ASN A 520 -4.06 -30.81 13.58
C ASN A 520 -5.09 -29.69 13.51
N GLU A 521 -6.11 -29.80 14.35
CA GLU A 521 -7.22 -28.85 14.32
C GLU A 521 -6.80 -27.39 14.53
N SER A 522 -5.90 -27.19 15.47
CA SER A 522 -5.39 -25.86 15.84
C SER A 522 -4.64 -25.19 14.68
N TYR A 523 -3.73 -25.95 14.08
CA TYR A 523 -2.98 -25.53 12.91
C TYR A 523 -3.89 -25.20 11.73
N PHE A 524 -4.85 -26.07 11.47
CA PHE A 524 -5.81 -25.86 10.40
C PHE A 524 -6.55 -24.54 10.61
N LEU A 525 -6.96 -24.27 11.85
CA LEU A 525 -7.71 -23.07 12.14
C LEU A 525 -6.88 -21.80 11.95
N ARG A 526 -5.61 -21.91 12.25
CA ARG A 526 -4.69 -20.80 12.06
C ARG A 526 -4.60 -20.47 10.57
N LYS A 527 -4.51 -21.52 9.75
CA LYS A 527 -4.35 -21.34 8.29
C LYS A 527 -5.63 -20.81 7.69
N TYR A 528 -6.75 -21.34 8.15
CA TYR A 528 -8.05 -20.89 7.76
C TYR A 528 -8.28 -19.40 8.02
N ASN A 529 -7.91 -18.95 9.22
CA ASN A 529 -8.00 -17.53 9.56
C ASN A 529 -7.05 -16.68 8.71
N HIS A 530 -5.87 -17.21 8.41
CA HIS A 530 -4.91 -16.50 7.57
C HIS A 530 -5.51 -16.34 6.17
N VAL A 531 -6.08 -17.40 5.63
CA VAL A 531 -6.75 -17.35 4.32
C VAL A 531 -7.90 -16.34 4.26
N LYS A 532 -8.75 -16.31 5.29
CA LYS A 532 -9.82 -15.32 5.35
C LYS A 532 -9.29 -13.90 5.31
N ALA A 533 -8.19 -13.65 6.01
CA ALA A 533 -7.55 -12.33 6.02
C ALA A 533 -6.98 -11.97 4.64
N LEU A 534 -6.37 -12.93 3.96
CA LEU A 534 -5.87 -12.71 2.62
C LEU A 534 -7.02 -12.41 1.63
N GLN A 535 -8.14 -13.10 1.79
CA GLN A 535 -9.37 -12.83 1.00
C GLN A 535 -9.79 -11.38 1.14
N GLN A 536 -9.72 -10.90 2.39
CA GLN A 536 -10.12 -9.54 2.68
C GLN A 536 -9.15 -8.59 2.06
N GLN A 537 -7.85 -8.91 2.15
CA GLN A 537 -6.82 -8.08 1.53
C GLN A 537 -6.96 -7.94 0.02
N MET A 538 -7.34 -9.03 -0.65
CA MET A 538 -7.64 -9.01 -2.09
C MET A 538 -8.84 -8.13 -2.41
N PHE A 539 -9.90 -8.22 -1.60
CA PHE A 539 -11.04 -7.31 -1.68
C PHE A 539 -10.65 -5.85 -1.60
N TYR A 540 -9.84 -5.47 -0.60
CA TYR A 540 -9.38 -4.08 -0.45
C TYR A 540 -8.63 -3.60 -1.72
N ILE A 541 -7.72 -4.42 -2.25
CA ILE A 541 -7.04 -4.04 -3.48
C ILE A 541 -8.06 -3.87 -4.61
N ASP A 542 -9.02 -4.80 -4.73
CA ASP A 542 -10.01 -4.78 -5.79
C ASP A 542 -10.91 -3.56 -5.70
N GLN A 543 -11.02 -2.99 -4.49
CA GLN A 543 -11.84 -1.81 -4.23
C GLN A 543 -11.07 -0.51 -4.25
N THR A 544 -9.76 -0.56 -4.15
CA THR A 544 -8.98 0.67 -4.03
C THR A 544 -8.18 0.99 -5.28
N SER A 545 -7.88 -0.04 -6.07
CA SER A 545 -7.08 0.09 -7.25
C SER A 545 -7.91 0.04 -8.51
N ASN A 546 -7.42 0.78 -9.51
CA ASN A 546 -7.96 0.76 -10.86
C ASN A 546 -9.47 0.93 -10.84
N GLN A 547 -9.92 2.00 -10.18
CA GLN A 547 -11.33 2.21 -10.00
C GLN A 547 -11.82 3.00 -11.18
N ASN A 548 -11.98 2.32 -12.30
CA ASN A 548 -12.55 2.92 -13.50
C ASN A 548 -14.06 2.69 -13.51
N PRO A 549 -14.80 3.44 -14.36
CA PRO A 549 -16.25 3.32 -14.42
C PRO A 549 -16.83 2.00 -14.93
N TYR A 550 -16.04 1.15 -15.58
CA TYR A 550 -16.61 0.05 -16.35
C TYR A 550 -16.34 -1.33 -15.77
N GLN A 551 -15.07 -1.65 -15.57
CA GLN A 551 -14.66 -2.91 -14.92
C GLN A 551 -13.61 -2.56 -13.88
N PRO A 552 -14.08 -2.02 -12.75
CA PRO A 552 -13.21 -1.58 -11.71
C PRO A 552 -12.48 -2.74 -11.06
N GLY A 553 -11.29 -2.44 -10.56
CA GLY A 553 -10.55 -3.39 -9.77
C GLY A 553 -9.43 -4.13 -10.47
N VAL A 554 -9.01 -5.19 -9.80
CA VAL A 554 -7.81 -5.91 -10.15
C VAL A 554 -8.06 -7.42 -10.05
N LYS A 555 -8.00 -8.08 -11.19
CA LYS A 555 -8.05 -9.52 -11.28
C LYS A 555 -6.76 -10.08 -11.87
N THR A 556 -6.35 -11.22 -11.36
CA THR A 556 -5.15 -11.88 -11.77
C THR A 556 -5.25 -13.41 -11.60
N ALA A 557 -4.55 -14.12 -12.46
CA ALA A 557 -4.46 -15.59 -12.37
C ALA A 557 -5.84 -16.22 -12.29
N THR A 558 -6.74 -15.72 -13.13
CA THR A 558 -8.16 -15.99 -13.04
C THR A 558 -8.58 -17.32 -13.67
N ARG A 559 -7.84 -17.80 -14.66
CA ARG A 559 -8.30 -18.92 -15.47
C ARG A 559 -8.15 -20.27 -14.77
N VAL A 560 -6.99 -20.47 -14.15
CA VAL A 560 -6.59 -21.74 -13.53
C VAL A 560 -6.27 -21.61 -12.04
N ILE A 561 -5.41 -20.66 -11.67
CA ILE A 561 -4.87 -20.63 -10.29
C ILE A 561 -5.91 -20.24 -9.26
N LYS A 562 -6.63 -19.14 -9.49
CA LYS A 562 -7.62 -18.67 -8.51
C LYS A 562 -8.75 -19.69 -8.31
N PRO A 563 -9.28 -20.26 -9.42
CA PRO A 563 -10.28 -21.34 -9.26
C PRO A 563 -9.77 -22.55 -8.48
N LEU A 564 -8.54 -23.00 -8.74
CA LEU A 564 -7.96 -24.12 -8.04
C LEU A 564 -7.92 -23.80 -6.54
N ILE A 565 -7.39 -22.62 -6.22
CA ILE A 565 -7.26 -22.19 -4.82
C ILE A 565 -8.62 -22.16 -4.12
N ASP A 566 -9.59 -21.48 -4.74
CA ASP A 566 -10.92 -21.31 -4.20
C ASP A 566 -11.64 -22.64 -3.98
N ARG A 567 -11.62 -23.51 -5.00
CA ARG A 567 -12.33 -24.79 -4.89
C ARG A 567 -11.67 -25.71 -3.86
N THR A 568 -10.35 -25.71 -3.79
CA THR A 568 -9.58 -26.49 -2.82
C THR A 568 -9.92 -26.00 -1.42
N PHE A 569 -9.96 -24.68 -1.25
CA PHE A 569 -10.32 -24.07 0.03
C PHE A 569 -11.72 -24.52 0.46
N ALA A 570 -12.70 -24.43 -0.44
CA ALA A 570 -14.09 -24.78 -0.14
C ALA A 570 -14.22 -26.28 0.23
N THR A 571 -13.41 -27.08 -0.43
CA THR A 571 -13.39 -28.53 -0.23
C THR A 571 -12.80 -28.90 1.12
N VAL A 572 -11.65 -28.33 1.46
CA VAL A 572 -10.99 -28.71 2.69
C VAL A 572 -11.74 -28.22 3.93
N VAL A 573 -12.45 -27.11 3.80
CA VAL A 573 -13.30 -26.57 4.85
C VAL A 573 -14.53 -27.47 5.05
N LYS A 574 -15.07 -27.96 3.94
CA LYS A 574 -16.16 -28.94 3.96
C LYS A 574 -15.72 -30.19 4.73
N PHE A 575 -14.56 -30.74 4.40
CA PHE A 575 -14.07 -31.93 5.09
C PHE A 575 -13.81 -31.66 6.57
N PHE A 576 -13.25 -30.49 6.88
CA PHE A 576 -13.02 -30.12 8.27
C PHE A 576 -14.35 -30.06 9.02
N ASN A 577 -15.34 -29.44 8.39
CA ASN A 577 -16.65 -29.31 8.99
C ASN A 577 -17.32 -30.67 9.23
N GLN A 578 -17.07 -31.65 8.37
CA GLN A 578 -17.62 -32.99 8.56
C GLN A 578 -16.92 -33.67 9.74
N LYS A 579 -15.59 -33.65 9.68
CA LYS A 579 -14.75 -34.38 10.63
C LYS A 579 -14.80 -33.84 12.06
N PHE A 580 -14.93 -32.53 12.21
CA PHE A 580 -14.95 -31.89 13.51
C PHE A 580 -16.33 -31.34 13.87
N ASN A 581 -17.35 -31.73 13.09
CA ASN A 581 -18.69 -31.23 13.26
C ASN A 581 -18.65 -29.71 13.52
N ALA A 582 -18.05 -28.98 12.57
CA ALA A 582 -17.88 -27.53 12.68
C ALA A 582 -18.73 -26.80 11.64
N HIS A 583 -18.72 -25.46 11.73
CA HIS A 583 -19.52 -24.59 10.85
C HIS A 583 -18.68 -23.45 10.24
N LEU A 584 -17.45 -23.78 9.86
CA LEU A 584 -16.61 -22.79 9.20
C LEU A 584 -17.26 -22.34 7.89
N ASP A 585 -17.18 -21.03 7.63
CA ASP A 585 -17.65 -20.44 6.38
C ASP A 585 -16.69 -20.80 5.25
N ALA A 586 -17.21 -21.37 4.18
CA ALA A 586 -16.39 -21.85 3.06
C ALA A 586 -16.37 -20.88 1.87
N THR A 587 -16.95 -19.69 2.05
CA THR A 587 -16.98 -18.68 0.97
C THR A 587 -15.56 -18.26 0.61
N THR A 588 -15.35 -17.96 -0.65
CA THR A 588 -14.01 -17.78 -1.18
C THR A 588 -13.63 -16.33 -1.51
N ASP A 589 -14.62 -15.47 -1.69
CA ASP A 589 -14.36 -14.04 -1.85
C ASP A 589 -14.89 -13.29 -0.64
N TYR A 590 -14.13 -12.31 -0.16
CA TYR A 590 -14.59 -11.52 0.96
C TYR A 590 -15.71 -10.59 0.52
N MET A 591 -16.75 -10.51 1.34
CA MET A 591 -17.82 -9.55 1.16
C MET A 591 -18.24 -8.96 2.51
N PRO A 592 -18.07 -7.64 2.71
CA PRO A 592 -18.41 -7.03 4.02
C PRO A 592 -19.91 -6.92 4.27
N HIS A 593 -20.69 -6.90 3.20
CA HIS A 593 -22.15 -6.86 3.27
C HIS A 593 -22.70 -8.27 3.19
N LYS A 594 -23.92 -8.42 3.69
CA LYS A 594 -24.59 -9.73 3.74
C LYS A 594 -25.83 -9.69 2.86
N MET A 595 -26.26 -10.87 2.40
CA MET A 595 -27.50 -11.02 1.68
C MET A 595 -28.22 -12.28 2.15
N ASN A 604 -28.28 -17.40 -2.30
CA ASN A 604 -27.11 -18.20 -2.67
C ASN A 604 -26.15 -17.55 -3.68
N LEU A 605 -26.64 -16.61 -4.48
CA LEU A 605 -25.78 -15.82 -5.35
C LEU A 605 -24.84 -14.94 -4.49
N PRO A 606 -23.62 -14.67 -4.99
CA PRO A 606 -22.77 -13.75 -4.22
C PRO A 606 -23.10 -12.29 -4.51
N LEU A 607 -23.05 -11.45 -3.47
CA LEU A 607 -23.06 -9.99 -3.67
C LEU A 607 -21.75 -9.57 -4.31
N GLN A 608 -21.77 -8.38 -4.90
CA GLN A 608 -20.56 -7.76 -5.44
C GLN A 608 -20.57 -6.29 -5.05
N VAL A 609 -19.38 -5.72 -4.98
CA VAL A 609 -19.22 -4.31 -4.70
C VAL A 609 -18.44 -3.78 -5.89
N LYS A 610 -19.01 -2.80 -6.58
CA LYS A 610 -18.30 -2.11 -7.66
C LYS A 610 -18.47 -0.61 -7.45
N ALA A 611 -17.38 0.05 -7.09
CA ALA A 611 -17.41 1.48 -6.75
C ALA A 611 -18.41 1.70 -5.62
N ASN A 612 -19.36 2.63 -5.83
CA ASN A 612 -20.41 2.90 -4.84
C ASN A 612 -21.70 2.08 -5.06
N ARG A 613 -21.57 0.98 -5.78
CA ARG A 613 -22.69 0.07 -6.02
C ARG A 613 -22.53 -1.26 -5.27
N VAL A 614 -23.65 -1.72 -4.69
CA VAL A 614 -23.76 -3.03 -4.03
C VAL A 614 -24.82 -3.84 -4.79
N LEU A 615 -24.42 -5.04 -5.20
CA LEU A 615 -24.92 -5.62 -6.41
C LEU A 615 -25.09 -7.11 -6.17
N ILE A 616 -26.24 -7.67 -6.53
CA ILE A 616 -26.39 -9.13 -6.46
C ILE A 616 -25.94 -9.65 -7.81
N SER A 617 -25.01 -10.61 -7.80
CA SER A 617 -24.64 -11.32 -9.04
C SER A 617 -25.95 -11.75 -9.75
N PRO A 618 -26.16 -11.27 -10.99
CA PRO A 618 -27.39 -11.58 -11.73
C PRO A 618 -27.87 -13.06 -11.62
N VAL A 631 -33.49 -11.19 -1.90
CA VAL A 631 -34.59 -10.85 -0.99
C VAL A 631 -34.18 -9.75 -0.01
N GLU A 632 -33.16 -10.01 0.83
CA GLU A 632 -32.65 -8.97 1.76
C GLU A 632 -31.13 -8.82 1.76
N ILE A 633 -30.68 -7.56 1.71
CA ILE A 633 -29.28 -7.18 1.76
C ILE A 633 -29.07 -6.35 3.02
N GLU A 634 -27.98 -6.64 3.73
CA GLU A 634 -27.58 -5.85 4.90
C GLU A 634 -26.17 -5.32 4.71
N LEU A 635 -26.08 -4.01 4.65
CA LEU A 635 -24.80 -3.33 4.52
C LEU A 635 -24.07 -3.33 5.87
N ASP A 636 -22.75 -3.17 5.81
CA ASP A 636 -21.90 -3.19 7.01
C ASP A 636 -21.96 -1.87 7.82
N ALA A 637 -22.73 -0.90 7.32
CA ALA A 637 -22.94 0.37 7.99
C ALA A 637 -24.16 1.08 7.39
N ILE A 638 -24.54 2.20 7.97
CA ILE A 638 -25.59 3.04 7.40
C ILE A 638 -24.95 3.97 6.38
N TYR A 639 -25.53 4.03 5.18
CA TYR A 639 -25.07 4.94 4.11
C TYR A 639 -26.25 5.73 3.58
N PRO A 640 -25.98 6.93 3.02
CA PRO A 640 -27.03 7.59 2.25
C PRO A 640 -27.31 6.83 0.96
N GLY A 641 -28.57 6.47 0.75
CA GLY A 641 -28.99 5.79 -0.46
C GLY A 641 -29.02 6.75 -1.63
N GLU A 642 -28.57 6.28 -2.79
CA GLU A 642 -28.63 7.04 -4.02
C GLU A 642 -29.81 6.50 -4.84
N ASN A 643 -29.79 5.20 -5.12
CA ASN A 643 -30.87 4.54 -5.87
C ASN A 643 -30.75 3.02 -5.92
N ILE A 644 -31.86 2.35 -6.26
CA ILE A 644 -31.88 0.93 -6.70
C ILE A 644 -32.45 1.06 -8.13
N GLN A 645 -31.65 0.75 -9.17
CA GLN A 645 -32.00 -0.40 -10.10
C GLN A 645 -32.24 -1.87 -9.72
N ILE A 646 -33.44 -2.34 -10.06
CA ILE A 646 -33.69 -3.77 -10.25
C ILE A 646 -34.10 -4.01 -11.72
N ASN A 647 -34.00 -5.26 -12.15
CA ASN A 647 -34.39 -5.64 -13.51
C ASN A 647 -34.74 -7.14 -13.64
N PHE A 648 -36.02 -7.40 -13.91
CA PHE A 648 -36.53 -8.76 -14.13
C PHE A 648 -36.85 -8.94 -15.61
N ARG A 679 -38.92 -1.23 -15.68
CA ARG A 679 -37.45 -1.21 -15.90
C ARG A 679 -36.91 -0.52 -14.64
N LEU A 680 -36.98 -1.27 -13.54
CA LEU A 680 -37.20 -0.69 -12.21
C LEU A 680 -36.09 0.22 -11.73
N SER A 681 -36.48 1.38 -11.24
CA SER A 681 -35.56 2.37 -10.69
C SER A 681 -36.30 3.27 -9.69
N ALA A 682 -35.58 3.69 -8.65
CA ALA A 682 -36.12 4.58 -7.63
C ALA A 682 -34.98 5.34 -6.97
N GLY A 683 -35.06 6.68 -6.99
CA GLY A 683 -34.15 7.53 -6.23
C GLY A 683 -34.50 7.46 -4.76
N LEU A 684 -33.47 7.40 -3.92
CA LEU A 684 -33.64 7.27 -2.47
C LEU A 684 -33.46 8.60 -1.75
N GLN A 685 -33.14 9.67 -2.51
CA GLN A 685 -33.01 11.04 -2.00
C GLN A 685 -32.13 11.12 -0.74
N LYS A 686 -30.97 10.47 -0.82
CA LYS A 686 -29.95 10.49 0.26
C LYS A 686 -30.44 9.95 1.60
N ALA A 687 -31.46 9.08 1.56
CA ALA A 687 -32.02 8.52 2.78
C ALA A 687 -31.03 7.53 3.39
N PRO A 688 -30.85 7.56 4.72
CA PRO A 688 -30.00 6.55 5.34
C PRO A 688 -30.55 5.15 5.04
N VAL A 689 -29.64 4.23 4.76
CA VAL A 689 -30.02 2.85 4.50
C VAL A 689 -28.92 1.90 4.95
N LYS A 690 -29.34 0.87 5.69
CA LYS A 690 -28.47 -0.26 6.03
C LYS A 690 -29.02 -1.58 5.49
N PHE A 691 -30.35 -1.74 5.54
CA PHE A 691 -31.03 -2.92 5.01
C PHE A 691 -31.87 -2.55 3.78
N VAL A 692 -32.02 -3.51 2.89
CA VAL A 692 -32.82 -3.35 1.68
C VAL A 692 -33.50 -4.68 1.41
N ARG A 693 -34.84 -4.69 1.43
CA ARG A 693 -35.62 -5.95 1.25
C ARG A 693 -36.53 -5.90 0.03
N PHE A 694 -36.82 -7.07 -0.53
CA PHE A 694 -37.69 -7.17 -1.70
C PHE A 694 -38.47 -8.49 -1.71
N GLN A 708 -30.64 -7.62 -13.13
CA GLN A 708 -29.86 -6.78 -12.23
C GLN A 708 -30.61 -6.41 -10.95
N PHE A 709 -29.84 -6.22 -9.88
CA PHE A 709 -30.36 -5.78 -8.59
C PHE A 709 -29.22 -5.00 -7.92
N VAL A 710 -29.28 -3.69 -8.04
CA VAL A 710 -28.16 -2.82 -7.72
C VAL A 710 -28.59 -1.66 -6.82
N LEU A 711 -28.13 -1.68 -5.58
CA LEU A 711 -28.20 -0.53 -4.70
C LEU A 711 -26.99 0.38 -4.95
N THR A 712 -27.22 1.66 -5.18
CA THR A 712 -26.14 2.66 -5.21
C THR A 712 -26.21 3.50 -3.93
N ILE A 713 -25.04 3.73 -3.33
CA ILE A 713 -24.93 4.50 -2.09
C ILE A 713 -23.96 5.66 -2.25
N GLU A 714 -24.04 6.62 -1.34
CA GLU A 714 -23.07 7.69 -1.27
C GLU A 714 -21.86 7.17 -0.49
N LYS A 715 -20.76 7.07 -1.20
CA LYS A 715 -19.49 6.54 -0.69
C LYS A 715 -18.25 7.40 -1.04
N LYS A 716 -18.04 7.83 -2.30
CA LYS A 716 -18.90 7.56 -3.47
C LYS A 716 -18.05 7.26 -4.71
N LEU B 5 -10.48 -10.62 37.02
CA LEU B 5 -10.89 -9.18 37.23
C LEU B 5 -9.69 -8.26 37.16
N GLN B 6 -9.85 -7.14 36.48
CA GLN B 6 -8.81 -6.15 36.27
C GLN B 6 -9.36 -4.76 36.50
N PRO B 7 -8.77 -4.03 37.45
CA PRO B 7 -7.75 -4.46 38.42
C PRO B 7 -8.27 -5.57 39.36
N PRO B 8 -7.38 -6.44 39.86
CA PRO B 8 -7.83 -7.47 40.81
C PRO B 8 -8.29 -6.82 42.14
N PRO B 9 -9.44 -7.24 42.66
CA PRO B 9 -9.90 -6.60 43.92
C PRO B 9 -9.01 -6.91 45.14
N GLN B 10 -9.11 -6.05 46.13
CA GLN B 10 -8.35 -6.20 47.34
C GLN B 10 -8.72 -7.53 48.03
N GLN B 11 -10.02 -7.80 48.10
CA GLN B 11 -10.51 -9.06 48.66
C GLN B 11 -11.63 -9.60 47.81
N LEU B 12 -11.54 -10.89 47.53
CA LEU B 12 -12.47 -11.60 46.67
C LEU B 12 -12.74 -12.98 47.31
N ILE B 13 -14.00 -13.26 47.61
CA ILE B 13 -14.39 -14.61 48.04
C ILE B 13 -15.40 -15.12 47.02
N VAL B 14 -15.09 -16.26 46.38
CA VAL B 14 -15.94 -16.81 45.33
C VAL B 14 -16.49 -18.17 45.77
N GLN B 15 -17.77 -18.40 45.48
CA GLN B 15 -18.53 -19.51 46.06
C GLN B 15 -18.71 -20.69 45.12
N ASN B 16 -18.07 -20.66 43.95
CA ASN B 16 -18.13 -21.79 43.01
C ASN B 16 -19.59 -22.20 42.84
N LYS B 17 -20.36 -21.26 42.30
CA LYS B 17 -21.81 -21.31 42.28
C LYS B 17 -22.24 -20.17 41.39
N THR B 18 -22.99 -20.47 40.34
CA THR B 18 -23.42 -19.40 39.43
C THR B 18 -24.92 -19.13 39.58
N ILE B 19 -25.29 -17.88 39.35
CA ILE B 19 -26.69 -17.54 39.23
C ILE B 19 -26.88 -16.95 37.84
N ASP B 20 -28.14 -16.73 37.48
CA ASP B 20 -28.46 -16.00 36.27
C ASP B 20 -28.78 -14.57 36.65
N LEU B 21 -28.34 -13.64 35.80
CA LEU B 21 -28.79 -12.26 35.88
C LEU B 21 -30.32 -12.33 35.88
N PRO B 22 -30.98 -11.78 36.92
CA PRO B 22 -32.43 -11.94 37.03
C PRO B 22 -33.21 -11.51 35.79
N ALA B 23 -34.06 -12.40 35.28
CA ALA B 23 -35.04 -12.01 34.26
C ALA B 23 -35.97 -10.96 34.84
N VAL B 24 -36.31 -11.11 36.12
CA VAL B 24 -37.14 -10.14 36.82
C VAL B 24 -36.43 -9.74 38.11
N TYR B 25 -36.34 -8.44 38.34
CA TYR B 25 -35.60 -7.90 39.47
C TYR B 25 -36.27 -6.67 40.05
N GLN B 26 -35.97 -6.44 41.31
CA GLN B 26 -36.41 -5.27 42.03
C GLN B 26 -35.21 -4.36 42.29
N LEU B 27 -35.22 -3.15 41.75
CA LEU B 27 -34.11 -2.23 41.94
C LEU B 27 -34.37 -1.31 43.13
N ASN B 28 -33.47 -1.37 44.10
CA ASN B 28 -33.55 -0.57 45.30
C ASN B 28 -32.35 0.41 45.29
N GLY B 29 -32.65 1.71 45.26
CA GLY B 29 -31.63 2.77 45.29
C GLY B 29 -31.33 3.47 43.97
N GLY B 30 -32.01 3.08 42.89
CA GLY B 30 -31.80 3.68 41.55
C GLY B 30 -31.89 5.21 41.49
N GLU B 31 -32.76 5.80 42.32
CA GLU B 31 -32.98 7.24 42.31
C GLU B 31 -31.96 8.04 43.09
N GLU B 32 -31.33 7.39 44.07
CA GLU B 32 -30.45 8.06 45.01
C GLU B 32 -28.95 7.71 44.81
N ALA B 33 -28.65 6.64 44.10
CA ALA B 33 -27.25 6.26 43.81
C ALA B 33 -26.62 7.15 42.72
N ASN B 34 -25.29 7.08 42.62
CA ASN B 34 -24.58 7.70 41.50
C ASN B 34 -25.29 7.39 40.17
N PRO B 35 -25.83 8.43 39.48
CA PRO B 35 -26.55 8.24 38.20
C PRO B 35 -25.70 7.56 37.13
N HIS B 36 -24.40 7.83 37.17
CA HIS B 36 -23.47 7.17 36.26
C HIS B 36 -23.43 5.65 36.48
N ALA B 37 -23.43 5.23 37.75
CA ALA B 37 -23.37 3.81 38.07
C ALA B 37 -24.73 3.14 37.71
N VAL B 38 -25.82 3.85 38.03
CA VAL B 38 -27.17 3.40 37.67
C VAL B 38 -27.32 3.22 36.15
N LYS B 39 -26.81 4.16 35.38
CA LYS B 39 -26.84 4.01 33.92
C LYS B 39 -26.17 2.71 33.48
N VAL B 40 -25.00 2.40 34.01
CA VAL B 40 -24.30 1.16 33.65
C VAL B 40 -25.18 -0.04 33.96
N LEU B 41 -25.72 -0.02 35.17
CA LEU B 41 -26.54 -1.11 35.67
C LEU B 41 -27.72 -1.38 34.75
N LYS B 42 -28.45 -0.33 34.44
CA LYS B 42 -29.66 -0.44 33.64
C LYS B 42 -29.36 -0.96 32.24
N GLU B 43 -28.22 -0.57 31.68
CA GLU B 43 -27.74 -1.14 30.42
C GLU B 43 -27.49 -2.65 30.53
N LEU B 44 -26.84 -3.08 31.61
CA LEU B 44 -26.53 -4.51 31.81
C LEU B 44 -27.76 -5.41 32.01
N LEU B 45 -28.88 -4.85 32.42
CA LEU B 45 -30.07 -5.66 32.70
C LEU B 45 -31.36 -5.09 32.06
N GLY B 54 -39.45 -9.73 42.23
CA GLY B 54 -38.20 -10.21 41.62
C GLY B 54 -36.98 -10.09 42.54
N MET B 55 -35.85 -10.68 42.11
CA MET B 55 -34.60 -10.64 42.88
C MET B 55 -34.23 -9.19 43.21
N LEU B 56 -33.86 -8.95 44.47
CA LEU B 56 -33.49 -7.60 44.90
C LEU B 56 -32.06 -7.28 44.43
N ILE B 57 -31.93 -6.09 43.85
CA ILE B 57 -30.64 -5.51 43.53
C ILE B 57 -30.58 -4.18 44.24
N SER B 58 -29.64 -4.03 45.16
CA SER B 58 -29.51 -2.82 45.93
C SER B 58 -28.25 -2.08 45.48
N ILE B 59 -28.45 -0.83 45.05
CA ILE B 59 -27.35 0.02 44.63
C ILE B 59 -27.36 1.30 45.43
N GLY B 60 -26.18 1.77 45.82
CA GLY B 60 -26.09 3.05 46.51
C GLY B 60 -24.74 3.30 47.15
N GLU B 61 -24.63 4.50 47.72
CA GLU B 61 -23.48 4.88 48.52
C GLU B 61 -23.81 4.61 50.00
N LYS B 62 -22.78 4.51 50.84
CA LYS B 62 -22.92 3.99 52.22
C LYS B 62 -23.99 4.67 53.09
N GLY B 63 -24.21 5.95 52.84
CA GLY B 63 -25.20 6.69 53.62
C GLY B 63 -26.63 6.51 53.12
N ASP B 64 -26.81 5.91 51.94
CA ASP B 64 -28.13 5.78 51.31
C ASP B 64 -28.97 4.69 51.97
N LYS B 65 -30.29 4.93 52.00
CA LYS B 65 -31.29 3.94 52.49
C LYS B 65 -31.10 2.53 51.91
N SER B 66 -30.84 2.47 50.61
CA SER B 66 -30.73 1.22 49.88
C SER B 66 -29.68 0.27 50.45
N VAL B 67 -28.56 0.82 50.94
CA VAL B 67 -27.39 -0.02 51.30
C VAL B 67 -26.84 0.27 52.69
N ARG B 68 -27.52 1.12 53.45
CA ARG B 68 -27.03 1.50 54.76
C ARG B 68 -26.74 0.28 55.64
N LYS B 69 -27.59 -0.74 55.52
CA LYS B 69 -27.49 -1.94 56.35
C LYS B 69 -26.24 -2.76 56.07
N TYR B 70 -25.59 -2.52 54.90
CA TYR B 70 -24.31 -3.13 54.58
C TYR B 70 -23.08 -2.29 54.97
N SER B 71 -23.28 -1.27 55.80
N SER B 71 -23.26 -1.28 55.81
CA SER B 71 -22.22 -0.33 56.19
CA SER B 71 -22.19 -0.32 56.11
C SER B 71 -20.94 -1.03 56.64
C SER B 71 -20.93 -0.98 56.71
N ARG B 72 -21.11 -2.10 57.41
CA ARG B 72 -19.98 -2.81 57.99
C ARG B 72 -19.18 -3.58 56.94
N GLN B 73 -19.78 -3.82 55.79
CA GLN B 73 -19.09 -4.51 54.68
C GLN B 73 -18.38 -3.55 53.72
N ILE B 74 -18.77 -2.27 53.73
CA ILE B 74 -18.22 -1.28 52.79
C ILE B 74 -16.87 -0.75 53.29
N PRO B 75 -15.78 -0.95 52.52
CA PRO B 75 -14.44 -0.52 52.95
C PRO B 75 -14.44 0.97 53.27
N ASP B 76 -13.84 1.35 54.38
CA ASP B 76 -13.82 2.77 54.79
C ASP B 76 -12.63 3.45 54.08
N HIS B 77 -12.73 3.54 52.76
CA HIS B 77 -11.66 4.06 51.91
C HIS B 77 -12.32 4.81 50.78
N LYS B 78 -11.74 5.93 50.40
CA LYS B 78 -12.16 6.67 49.22
C LYS B 78 -12.15 5.72 48.00
N GLU B 79 -13.24 5.76 47.24
CA GLU B 79 -13.45 4.99 46.03
C GLU B 79 -13.64 3.48 46.27
N GLY B 80 -13.86 3.11 47.54
CA GLY B 80 -14.03 1.75 47.96
C GLY B 80 -15.46 1.28 47.71
N TYR B 81 -15.65 -0.03 47.67
CA TYR B 81 -16.99 -0.59 47.48
C TYR B 81 -17.10 -2.02 48.02
N TYR B 82 -18.33 -2.43 48.22
CA TYR B 82 -18.67 -3.81 48.56
C TYR B 82 -19.60 -4.27 47.43
N LEU B 83 -19.32 -5.46 46.91
CA LEU B 83 -20.16 -6.09 45.91
C LEU B 83 -20.45 -7.51 46.37
N SER B 84 -21.73 -7.88 46.31
CA SER B 84 -22.11 -9.22 46.71
C SER B 84 -23.10 -9.72 45.69
N VAL B 85 -22.87 -10.95 45.25
CA VAL B 85 -23.81 -11.67 44.41
C VAL B 85 -24.08 -13.01 45.09
N ASN B 86 -25.32 -13.24 45.45
CA ASN B 86 -25.74 -14.58 45.90
C ASN B 86 -27.12 -14.90 45.33
N GLU B 87 -27.64 -16.07 45.70
CA GLU B 87 -28.92 -16.56 45.18
C GLU B 87 -30.06 -15.60 45.56
N LYS B 88 -29.95 -15.00 46.75
CA LYS B 88 -30.96 -14.11 47.31
C LYS B 88 -30.96 -12.68 46.73
N GLU B 89 -29.79 -12.09 46.56
CA GLU B 89 -29.72 -10.67 46.15
C GLU B 89 -28.34 -10.24 45.66
N ILE B 90 -28.31 -9.08 45.02
CA ILE B 90 -27.09 -8.43 44.57
C ILE B 90 -26.92 -7.11 45.31
N VAL B 91 -25.72 -6.86 45.85
CA VAL B 91 -25.43 -5.59 46.51
C VAL B 91 -24.30 -4.88 45.77
N LEU B 92 -24.51 -3.61 45.46
CA LEU B 92 -23.52 -2.79 44.79
C LEU B 92 -23.40 -1.50 45.59
N ALA B 93 -22.48 -1.51 46.55
CA ALA B 93 -22.41 -0.43 47.57
C ALA B 93 -21.06 0.30 47.66
N GLY B 94 -21.07 1.57 47.27
CA GLY B 94 -19.89 2.40 47.30
C GLY B 94 -19.70 3.07 48.64
N ASN B 95 -18.45 3.30 49.01
CA ASN B 95 -18.14 4.20 50.09
C ASN B 95 -18.55 5.63 49.71
N ASP B 96 -18.50 5.94 48.41
CA ASP B 96 -18.81 7.27 47.85
C ASP B 96 -19.28 7.03 46.43
N GLU B 97 -19.67 8.08 45.72
CA GLU B 97 -20.26 7.88 44.40
C GLU B 97 -19.31 7.18 43.44
N ARG B 98 -18.03 7.51 43.51
CA ARG B 98 -17.09 6.86 42.62
C ARG B 98 -16.95 5.40 42.93
N GLY B 99 -16.94 5.05 44.21
CA GLY B 99 -16.94 3.66 44.63
C GLY B 99 -18.09 2.86 44.04
N THR B 100 -19.28 3.47 43.99
CA THR B 100 -20.46 2.83 43.38
C THR B 100 -20.24 2.52 41.89
N TYR B 101 -19.69 3.48 41.18
CA TYR B 101 -19.35 3.32 39.78
C TYR B 101 -18.37 2.20 39.59
N TYR B 102 -17.37 2.15 40.46
CA TYR B 102 -16.36 1.12 40.39
C TYR B 102 -16.88 -0.26 40.71
N ALA B 103 -17.86 -0.34 41.61
CA ALA B 103 -18.54 -1.60 41.88
C ALA B 103 -19.20 -2.11 40.59
N LEU B 104 -19.83 -1.19 39.87
CA LEU B 104 -20.36 -1.54 38.56
C LEU B 104 -19.39 -1.99 37.48
N GLN B 105 -18.20 -1.39 37.44
CA GLN B 105 -17.17 -1.80 36.52
C GLN B 105 -16.64 -3.21 36.83
N THR B 106 -16.63 -3.59 38.11
CA THR B 106 -16.31 -4.95 38.49
C THR B 106 -17.44 -5.92 38.11
N PHE B 107 -18.65 -5.54 38.48
CA PHE B 107 -19.86 -6.28 38.12
C PHE B 107 -19.95 -6.57 36.63
N ALA B 108 -19.67 -5.58 35.78
CA ALA B 108 -19.68 -5.79 34.31
C ALA B 108 -18.71 -6.88 33.87
N GLN B 109 -17.59 -7.03 34.56
CA GLN B 109 -16.65 -8.09 34.24
C GLN B 109 -17.08 -9.46 34.73
N LEU B 110 -17.83 -9.51 35.83
CA LEU B 110 -18.36 -10.77 36.35
C LEU B 110 -19.40 -11.41 35.42
N LEU B 111 -20.13 -10.56 34.70
CA LEU B 111 -21.30 -10.98 33.94
C LEU B 111 -20.87 -11.63 32.65
N LYS B 112 -21.13 -12.93 32.53
CA LYS B 112 -20.72 -13.72 31.36
C LYS B 112 -21.82 -14.69 30.91
N ASP B 113 -22.25 -14.54 29.65
CA ASP B 113 -23.34 -15.35 29.06
C ASP B 113 -24.57 -15.32 29.97
N GLY B 114 -24.92 -14.13 30.44
CA GLY B 114 -26.10 -13.93 31.29
C GLY B 114 -26.00 -14.54 32.67
N LYS B 115 -24.80 -14.95 33.08
CA LYS B 115 -24.58 -15.56 34.38
C LYS B 115 -23.49 -14.84 35.22
N LEU B 116 -23.60 -15.01 36.53
CA LEU B 116 -22.76 -14.34 37.52
C LEU B 116 -22.27 -15.37 38.49
N PRO B 117 -20.99 -15.28 38.89
CA PRO B 117 -20.54 -16.11 39.98
C PRO B 117 -21.04 -15.56 41.30
N GLU B 118 -21.19 -16.46 42.24
CA GLU B 118 -21.54 -16.11 43.58
C GLU B 118 -20.23 -15.68 44.22
N VAL B 119 -20.17 -14.40 44.61
CA VAL B 119 -18.93 -13.78 45.05
C VAL B 119 -19.22 -12.69 46.05
N GLU B 120 -18.24 -12.43 46.92
CA GLU B 120 -18.25 -11.28 47.81
C GLU B 120 -16.91 -10.57 47.59
N ILE B 121 -16.97 -9.27 47.32
CA ILE B 121 -15.81 -8.45 47.02
C ILE B 121 -15.77 -7.22 47.91
N LYS B 122 -14.63 -6.96 48.54
CA LYS B 122 -14.39 -5.69 49.21
C LYS B 122 -13.15 -5.08 48.58
N ASP B 123 -13.31 -3.87 48.03
CA ASP B 123 -12.31 -3.35 47.12
C ASP B 123 -12.15 -1.88 47.31
N TYR B 124 -10.96 -1.42 46.98
CA TYR B 124 -10.61 -0.03 47.06
C TYR B 124 -9.21 0.10 46.41
N PRO B 125 -8.86 1.29 45.97
CA PRO B 125 -7.53 1.48 45.35
C PRO B 125 -6.45 1.68 46.40
N SER B 126 -5.27 1.19 46.11
CA SER B 126 -4.12 1.43 46.97
C SER B 126 -3.43 2.80 46.77
N VAL B 127 -3.56 3.36 45.57
CA VAL B 127 -3.00 4.68 45.24
C VAL B 127 -4.15 5.60 44.88
N ARG B 128 -4.08 6.82 45.38
CA ARG B 128 -5.24 7.73 45.39
C ARG B 128 -5.63 8.27 44.00
N TYR B 129 -4.63 8.65 43.22
CA TYR B 129 -4.81 9.17 41.88
C TYR B 129 -4.09 8.26 40.92
N ARG B 130 -4.82 7.85 39.89
CA ARG B 130 -4.34 6.82 39.00
C ARG B 130 -4.78 7.21 37.64
N GLY B 131 -3.87 7.25 36.67
CA GLY B 131 -4.35 7.66 35.35
C GLY B 131 -3.27 7.89 34.33
N VAL B 132 -3.55 8.84 33.44
CA VAL B 132 -2.74 9.10 32.27
C VAL B 132 -2.40 10.61 32.20
N VAL B 133 -1.15 10.93 31.88
CA VAL B 133 -0.79 12.32 31.57
C VAL B 133 -0.52 12.36 30.07
N GLU B 134 -1.37 13.05 29.29
CA GLU B 134 -1.03 13.28 27.88
C GLU B 134 -0.01 14.44 27.84
N GLY B 135 1.27 14.09 27.96
CA GLY B 135 2.34 15.03 28.31
C GLY B 135 3.53 14.93 27.38
N PHE B 136 3.36 14.27 26.24
CA PHE B 136 4.47 13.90 25.35
C PHE B 136 4.65 14.94 24.26
N TYR B 137 5.76 14.79 23.53
CA TYR B 137 6.02 15.57 22.32
C TYR B 137 5.51 14.80 21.13
N GLY B 138 5.04 15.51 20.10
CA GLY B 138 4.43 14.85 18.93
C GLY B 138 2.99 15.29 18.69
N THR B 139 2.35 14.64 17.72
CA THR B 139 0.98 14.98 17.36
C THR B 139 0.05 14.65 18.55
N PRO B 140 -0.57 15.69 19.15
CA PRO B 140 -1.50 15.40 20.25
C PRO B 140 -2.59 14.46 19.79
N TRP B 141 -3.13 13.70 20.74
CA TRP B 141 -4.20 12.76 20.47
C TRP B 141 -5.37 13.50 19.83
N SER B 142 -6.07 12.81 18.93
CA SER B 142 -7.23 13.42 18.32
C SER B 142 -8.39 13.42 19.28
N HIS B 143 -9.39 14.23 18.97
CA HIS B 143 -10.57 14.32 19.84
C HIS B 143 -11.29 12.95 19.99
N GLN B 144 -11.44 12.22 18.88
CA GLN B 144 -12.02 10.90 18.96
C GLN B 144 -11.19 9.95 19.81
N ALA B 145 -9.87 10.04 19.67
CA ALA B 145 -8.98 9.21 20.45
C ALA B 145 -9.18 9.51 21.94
N ARG B 146 -9.30 10.78 22.28
CA ARG B 146 -9.42 11.17 23.69
C ARG B 146 -10.72 10.70 24.29
N LEU B 147 -11.79 10.76 23.50
CA LEU B 147 -13.09 10.28 23.94
C LEU B 147 -13.07 8.76 24.26
N SER B 148 -12.49 7.98 23.35
CA SER B 148 -12.26 6.56 23.57
C SER B 148 -11.40 6.28 24.84
N GLN B 149 -10.36 7.06 25.05
CA GLN B 149 -9.48 6.92 26.22
C GLN B 149 -10.28 7.11 27.49
N LEU B 150 -11.07 8.18 27.55
CA LEU B 150 -11.81 8.47 28.79
C LEU B 150 -12.73 7.33 29.21
N LYS B 151 -13.37 6.73 28.25
CA LYS B 151 -14.22 5.61 28.50
C LYS B 151 -13.46 4.40 29.03
N PHE B 152 -12.32 4.15 28.41
CA PHE B 152 -11.41 3.08 28.85
C PHE B 152 -10.88 3.30 30.27
N TYR B 153 -10.64 4.56 30.64
CA TYR B 153 -10.14 4.87 31.99
C TYR B 153 -11.18 4.53 33.03
N GLY B 154 -12.41 4.95 32.78
CA GLY B 154 -13.55 4.57 33.63
C GLY B 154 -13.66 3.09 33.89
N LYS B 155 -13.48 2.30 32.82
CA LYS B 155 -13.64 0.84 32.88
C LYS B 155 -12.61 0.18 33.72
N ASN B 156 -11.43 0.80 33.74
CA ASN B 156 -10.26 0.31 34.48
C ASN B 156 -9.97 1.11 35.73
N LYS B 157 -10.96 1.89 36.18
CA LYS B 157 -10.86 2.59 37.47
C LYS B 157 -9.74 3.60 37.56
N MET B 158 -9.36 4.19 36.42
CA MET B 158 -8.39 5.29 36.43
C MET B 158 -9.21 6.55 36.65
N ASN B 159 -8.84 7.34 37.65
CA ASN B 159 -9.65 8.50 38.03
C ASN B 159 -9.04 9.85 37.60
N THR B 160 -7.97 9.82 36.80
CA THR B 160 -7.20 11.03 36.45
C THR B 160 -6.72 11.02 34.99
N TYR B 161 -7.01 12.12 34.30
CA TYR B 161 -6.44 12.38 32.98
C TYR B 161 -5.95 13.78 33.01
N ILE B 162 -4.64 13.93 32.82
CA ILE B 162 -4.01 15.20 32.79
C ILE B 162 -3.70 15.56 31.35
N TYR B 163 -4.30 16.65 30.92
CA TYR B 163 -4.13 17.17 29.59
C TYR B 163 -2.93 18.13 29.54
N GLY B 164 -1.87 17.72 28.87
CA GLY B 164 -0.74 18.61 28.62
C GLY B 164 0.12 18.23 27.42
N PRO B 165 -0.46 18.14 26.19
CA PRO B 165 0.38 17.81 25.03
C PRO B 165 1.40 18.93 24.80
N LYS B 166 2.66 18.57 24.68
CA LYS B 166 3.71 19.57 24.59
C LYS B 166 3.51 20.46 23.37
N ASP B 167 2.92 19.88 22.33
CA ASP B 167 2.74 20.62 21.07
C ASP B 167 1.36 21.29 20.88
N ASP B 168 0.57 21.37 21.95
CA ASP B 168 -0.61 22.23 22.00
C ASP B 168 -0.18 23.69 22.29
N PRO B 169 -0.37 24.59 21.31
CA PRO B 169 0.08 25.95 21.49
C PRO B 169 -0.69 26.76 22.55
N TYR B 170 -1.90 26.35 22.90
CA TYR B 170 -2.65 26.98 24.01
C TYR B 170 -2.31 26.38 25.39
N HIS B 171 -1.47 25.34 25.40
CA HIS B 171 -0.96 24.71 26.61
C HIS B 171 0.43 25.25 26.97
N SER B 172 1.26 25.38 25.94
CA SER B 172 2.63 25.79 26.09
C SER B 172 2.85 27.17 25.43
N ALA B 173 4.09 27.52 25.19
CA ALA B 173 4.35 28.91 24.81
C ALA B 173 4.18 29.10 23.31
N PRO B 174 3.81 30.32 22.84
CA PRO B 174 3.41 31.57 23.54
C PRO B 174 1.98 31.61 23.94
N ASN B 175 1.18 30.76 23.30
CA ASN B 175 -0.26 30.99 23.34
C ASN B 175 -0.98 30.41 24.56
N TRP B 176 -0.21 29.96 25.55
CA TRP B 176 -0.78 29.64 26.84
C TRP B 176 -1.57 30.81 27.46
N ARG B 177 -1.18 32.04 27.13
CA ARG B 177 -1.90 33.23 27.59
C ARG B 177 -3.26 33.43 26.91
N LEU B 178 -3.48 32.77 25.79
CA LEU B 178 -4.72 32.94 25.02
C LEU B 178 -5.80 31.92 25.35
N PRO B 179 -7.07 32.36 25.39
CA PRO B 179 -8.16 31.36 25.43
C PRO B 179 -8.10 30.48 24.21
N TYR B 180 -8.57 29.24 24.34
CA TYR B 180 -8.72 28.35 23.22
C TYR B 180 -9.71 28.95 22.24
N PRO B 181 -9.46 28.82 20.95
CA PRO B 181 -10.49 29.22 20.02
C PRO B 181 -11.74 28.43 20.23
N ASP B 182 -12.84 28.95 19.68
CA ASP B 182 -14.18 28.40 19.89
C ASP B 182 -14.34 26.89 19.59
N LYS B 183 -13.78 26.45 18.48
CA LYS B 183 -13.81 25.03 18.10
C LYS B 183 -13.13 24.16 19.16
N GLU B 184 -11.90 24.53 19.51
CA GLU B 184 -11.10 23.78 20.51
C GLU B 184 -11.75 23.83 21.87
N ALA B 185 -12.26 24.99 22.22
CA ALA B 185 -12.99 25.17 23.47
C ALA B 185 -14.22 24.26 23.61
N ALA B 186 -15.00 24.14 22.54
CA ALA B 186 -16.19 23.28 22.52
C ALA B 186 -15.79 21.79 22.65
N GLN B 187 -14.69 21.43 21.99
CA GLN B 187 -14.14 20.10 22.08
C GLN B 187 -13.68 19.81 23.50
N LEU B 188 -12.94 20.72 24.10
CA LEU B 188 -12.54 20.54 25.49
C LEU B 188 -13.72 20.48 26.44
N GLN B 189 -14.71 21.30 26.23
CA GLN B 189 -15.93 21.20 27.05
C GLN B 189 -16.60 19.81 26.98
N GLU B 190 -16.65 19.22 25.78
CA GLU B 190 -17.18 17.88 25.61
C GLU B 190 -16.32 16.84 26.35
N LEU B 191 -15.00 16.96 26.22
CA LEU B 191 -14.07 16.05 26.93
C LEU B 191 -14.25 16.08 28.44
N VAL B 192 -14.47 17.25 28.98
CA VAL B 192 -14.69 17.39 30.40
C VAL B 192 -15.99 16.69 30.80
N ALA B 193 -17.04 16.90 30.02
CA ALA B 193 -18.31 16.26 30.32
C ALA B 193 -18.18 14.73 30.28
N VAL B 194 -17.53 14.22 29.23
CA VAL B 194 -17.33 12.78 29.07
C VAL B 194 -16.46 12.21 30.18
N ALA B 195 -15.41 12.93 30.55
CA ALA B 195 -14.55 12.52 31.69
C ALA B 195 -15.41 12.36 32.95
N ASN B 196 -16.21 13.38 33.22
CA ASN B 196 -17.07 13.34 34.38
C ASN B 196 -18.06 12.16 34.40
N GLU B 197 -18.63 11.85 33.25
CA GLU B 197 -19.57 10.73 33.06
C GLU B 197 -18.91 9.38 33.35
N ASN B 198 -17.59 9.34 33.18
CA ASN B 198 -16.78 8.15 33.39
C ASN B 198 -16.00 8.17 34.69
N GLU B 199 -16.30 9.12 35.58
CA GLU B 199 -15.64 9.28 36.89
C GLU B 199 -14.11 9.58 36.81
N VAL B 200 -13.73 10.28 35.75
CA VAL B 200 -12.37 10.74 35.56
C VAL B 200 -12.31 12.24 35.84
N ASP B 201 -11.36 12.64 36.67
CA ASP B 201 -10.96 14.01 36.86
C ASP B 201 -10.12 14.49 35.67
N PHE B 202 -10.69 15.39 34.90
CA PHE B 202 -9.96 16.08 33.85
C PHE B 202 -9.11 17.20 34.49
N VAL B 203 -7.78 17.04 34.37
CA VAL B 203 -6.83 17.97 34.91
C VAL B 203 -6.24 18.73 33.74
N TRP B 204 -6.50 20.03 33.65
CA TRP B 204 -5.91 20.85 32.58
C TRP B 204 -4.61 21.45 33.07
N ALA B 205 -3.54 21.14 32.33
CA ALA B 205 -2.21 21.60 32.64
C ALA B 205 -1.86 22.78 31.73
N ILE B 206 -1.01 23.64 32.27
CA ILE B 206 -0.43 24.75 31.53
C ILE B 206 1.10 24.65 31.70
N HIS B 207 1.82 25.04 30.65
CA HIS B 207 3.25 24.88 30.54
C HIS B 207 3.77 26.23 30.10
N PRO B 208 3.77 27.21 31.03
CA PRO B 208 4.11 28.59 30.75
C PRO B 208 5.58 29.02 30.94
N GLY B 209 6.41 28.10 31.45
CA GLY B 209 7.69 28.44 32.02
C GLY B 209 8.73 28.98 31.05
N GLN B 210 8.66 28.63 29.78
CA GLN B 210 9.72 29.00 28.83
C GLN B 210 9.79 30.50 28.58
N ASP B 211 8.66 31.19 28.64
CA ASP B 211 8.62 32.64 28.40
C ASP B 211 7.83 33.43 29.46
N ILE B 212 7.58 32.83 30.62
CA ILE B 212 6.85 33.49 31.70
C ILE B 212 7.70 34.61 32.28
N LYS B 213 7.05 35.72 32.60
CA LYS B 213 7.65 36.78 33.38
C LYS B 213 7.03 36.72 34.75
N TRP B 214 7.86 36.91 35.75
CA TRP B 214 7.43 36.85 37.11
C TRP B 214 6.93 38.24 37.47
N ASN B 215 5.89 38.67 36.77
CA ASN B 215 5.26 39.96 37.02
C ASN B 215 3.74 39.83 37.11
N LYS B 216 3.07 40.94 37.39
CA LYS B 216 1.62 40.96 37.52
C LYS B 216 0.91 40.62 36.25
N GLU B 217 1.43 41.08 35.11
CA GLU B 217 0.72 40.82 33.86
C GLU B 217 0.56 39.32 33.58
N ASP B 218 1.64 38.57 33.74
CA ASP B 218 1.64 37.14 33.34
C ASP B 218 0.88 36.30 34.39
N ARG B 219 1.08 36.64 35.66
CA ARG B 219 0.32 36.03 36.75
C ARG B 219 -1.16 36.16 36.48
N ASP B 220 -1.60 37.39 36.22
CA ASP B 220 -3.01 37.66 35.89
C ASP B 220 -3.50 36.94 34.64
N LEU B 221 -2.64 36.85 33.64
CA LEU B 221 -2.97 36.16 32.41
C LEU B 221 -3.13 34.66 32.66
N LEU B 222 -2.27 34.10 33.50
CA LEU B 222 -2.37 32.67 33.86
C LEU B 222 -3.70 32.39 34.60
N LEU B 223 -4.04 33.22 35.58
CA LEU B 223 -5.30 33.04 36.29
C LEU B 223 -6.52 33.31 35.39
N ALA B 224 -6.41 34.26 34.46
CA ALA B 224 -7.48 34.49 33.51
C ALA B 224 -7.68 33.27 32.61
N LYS B 225 -6.58 32.59 32.26
CA LYS B 225 -6.67 31.40 31.45
C LYS B 225 -7.33 30.27 32.26
N PHE B 226 -6.89 30.04 33.49
CA PHE B 226 -7.54 29.07 34.36
C PHE B 226 -9.02 29.38 34.52
N GLU B 227 -9.38 30.66 34.65
CA GLU B 227 -10.81 31.01 34.74
C GLU B 227 -11.58 30.58 33.47
N LYS B 228 -11.00 30.78 32.28
CA LYS B 228 -11.67 30.34 31.05
C LYS B 228 -11.88 28.85 31.02
N MET B 229 -10.88 28.14 31.51
CA MET B 229 -10.94 26.69 31.55
C MET B 229 -11.99 26.25 32.56
N TYR B 230 -12.04 26.93 33.70
CA TYR B 230 -13.10 26.68 34.70
C TYR B 230 -14.50 26.83 34.08
N GLN B 231 -14.65 27.85 33.24
CA GLN B 231 -15.92 28.10 32.52
C GLN B 231 -16.29 27.00 31.54
N LEU B 232 -15.29 26.24 31.07
CA LEU B 232 -15.51 25.08 30.22
C LEU B 232 -15.77 23.80 31.02
N GLY B 233 -15.73 23.91 32.34
CA GLY B 233 -16.02 22.81 33.24
C GLY B 233 -14.84 22.21 33.97
N VAL B 234 -13.64 22.72 33.69
CA VAL B 234 -12.43 22.14 34.32
C VAL B 234 -12.44 22.41 35.83
N ARG B 235 -12.17 21.38 36.63
CA ARG B 235 -12.11 21.51 38.08
C ARG B 235 -10.82 21.05 38.76
N SER B 236 -9.80 20.70 37.95
CA SER B 236 -8.51 20.25 38.41
C SER B 236 -7.49 20.87 37.45
N PHE B 237 -6.43 21.37 38.01
CA PHE B 237 -5.41 22.16 37.30
C PHE B 237 -3.99 21.71 37.62
N ALA B 238 -3.11 21.87 36.64
CA ALA B 238 -1.71 21.63 36.85
C ALA B 238 -0.92 22.74 36.16
N VAL B 239 0.27 23.01 36.71
CA VAL B 239 1.27 23.89 36.09
C VAL B 239 2.54 23.08 35.96
N PHE B 240 3.04 22.97 34.73
CA PHE B 240 4.18 22.14 34.40
C PHE B 240 5.39 23.02 34.09
N PHE B 241 6.53 22.71 34.70
CA PHE B 241 7.76 23.45 34.47
C PHE B 241 8.85 22.50 33.97
N ASP B 242 8.46 21.44 33.29
CA ASP B 242 9.42 20.48 32.74
C ASP B 242 9.98 20.91 31.37
N ASP B 243 11.26 20.61 31.15
CA ASP B 243 11.90 20.83 29.85
C ASP B 243 11.92 22.30 29.43
N ILE B 244 12.31 23.18 30.35
CA ILE B 244 12.42 24.61 30.06
C ILE B 244 13.79 25.13 30.51
N SER B 245 14.16 26.29 29.99
CA SER B 245 15.36 27.00 30.42
C SER B 245 15.01 28.42 30.79
N GLY B 246 15.84 29.05 31.60
CA GLY B 246 15.69 30.47 31.86
C GLY B 246 15.04 30.77 33.19
N GLU B 247 14.50 31.98 33.28
CA GLU B 247 13.93 32.49 34.53
C GLU B 247 12.76 31.69 35.08
N GLY B 248 12.04 31.02 34.19
CA GLY B 248 10.91 30.17 34.60
C GLY B 248 11.26 28.96 35.46
N THR B 249 12.55 28.64 35.57
CA THR B 249 13.04 27.51 36.36
C THR B 249 13.31 27.85 37.84
N ASN B 250 13.05 29.07 38.25
CA ASN B 250 13.27 29.52 39.62
C ASN B 250 12.29 28.90 40.62
N PRO B 251 12.76 28.03 41.53
CA PRO B 251 11.82 27.31 42.41
C PRO B 251 11.07 28.19 43.38
N GLN B 252 11.71 29.26 43.86
CA GLN B 252 11.02 30.18 44.77
C GLN B 252 9.85 30.85 44.07
N LYS B 253 10.07 31.31 42.84
CA LYS B 253 9.01 31.93 42.03
C LYS B 253 7.95 30.94 41.59
N GLN B 254 8.36 29.72 41.25
CA GLN B 254 7.39 28.67 40.93
C GLN B 254 6.43 28.40 42.10
N ALA B 255 7.00 28.23 43.30
CA ALA B 255 6.20 27.93 44.49
C ALA B 255 5.28 29.08 44.83
N GLU B 256 5.79 30.31 44.70
CA GLU B 256 4.99 31.51 44.96
C GLU B 256 3.81 31.57 44.00
N LEU B 257 4.04 31.25 42.73
CA LEU B 257 2.97 31.24 41.75
C LEU B 257 1.93 30.16 42.07
N LEU B 258 2.37 28.95 42.41
CA LEU B 258 1.46 27.85 42.72
C LEU B 258 0.66 28.16 44.00
N ASN B 259 1.32 28.75 44.99
CA ASN B 259 0.65 29.18 46.21
C ASN B 259 -0.39 30.27 45.95
N TYR B 260 -0.09 31.14 44.99
CA TYR B 260 -1.01 32.22 44.59
C TYR B 260 -2.22 31.67 43.86
N ILE B 261 -1.97 30.71 42.97
CA ILE B 261 -3.08 29.99 42.33
C ILE B 261 -3.94 29.29 43.41
N ASP B 262 -3.29 28.65 44.36
CA ASP B 262 -4.03 27.99 45.44
C ASP B 262 -4.91 29.01 46.20
N GLU B 263 -4.28 30.07 46.66
CA GLU B 263 -4.93 31.04 47.53
C GLU B 263 -5.98 31.93 46.82
N LYS B 264 -5.78 32.29 45.55
CA LYS B 264 -6.72 33.15 44.82
C LYS B 264 -7.69 32.46 43.87
N PHE B 265 -7.57 31.15 43.66
CA PHE B 265 -8.41 30.41 42.70
C PHE B 265 -8.83 29.06 43.32
N ALA B 266 -7.89 28.19 43.64
CA ALA B 266 -8.26 26.88 44.17
C ALA B 266 -9.01 26.95 45.50
N GLN B 267 -8.76 28.00 46.32
CA GLN B 267 -9.46 28.22 47.61
C GLN B 267 -10.63 29.19 47.51
N VAL B 268 -10.89 29.71 46.32
CA VAL B 268 -11.92 30.72 46.10
C VAL B 268 -13.08 30.11 45.33
N LYS B 269 -12.78 29.25 44.36
CA LYS B 269 -13.81 28.50 43.69
C LYS B 269 -14.31 27.40 44.60
N PRO B 270 -15.61 27.06 44.51
CA PRO B 270 -16.26 26.09 45.41
C PRO B 270 -15.90 24.62 45.25
N ASP B 271 -15.36 24.23 44.09
CA ASP B 271 -15.22 22.84 43.76
C ASP B 271 -13.94 22.47 43.01
N ILE B 272 -12.79 23.05 43.37
CA ILE B 272 -11.53 22.64 42.74
C ILE B 272 -11.03 21.38 43.43
N ASN B 273 -10.61 20.40 42.64
CA ASN B 273 -10.11 19.13 43.16
C ASN B 273 -8.59 19.07 43.18
N GLN B 274 -7.95 18.60 42.11
CA GLN B 274 -6.48 18.52 42.12
C GLN B 274 -5.81 19.82 41.71
N LEU B 275 -4.72 20.14 42.41
CA LEU B 275 -3.74 21.16 41.99
C LEU B 275 -2.34 20.50 42.08
N VAL B 276 -1.68 20.43 40.93
CA VAL B 276 -0.52 19.62 40.71
C VAL B 276 0.54 20.44 40.00
N MET B 277 1.80 20.23 40.35
CA MET B 277 2.86 20.86 39.58
C MET B 277 3.86 19.82 39.16
N CYS B 278 4.41 20.02 37.97
CA CYS B 278 5.62 19.28 37.51
C CYS B 278 6.89 20.13 37.65
N PRO B 279 7.84 19.69 38.49
CA PRO B 279 9.05 20.51 38.65
C PRO B 279 9.96 20.50 37.45
N THR B 280 10.90 21.44 37.47
CA THR B 280 11.94 21.53 36.45
C THR B 280 12.98 20.41 36.66
N GLU B 281 13.36 20.22 37.91
CA GLU B 281 14.15 19.03 38.31
C GLU B 281 13.15 17.94 38.63
N TYR B 282 12.84 17.09 37.63
CA TYR B 282 11.74 16.13 37.75
C TYR B 282 12.19 14.70 37.84
N ASN B 283 13.51 14.51 37.91
CA ASN B 283 14.10 13.22 38.18
C ASN B 283 15.46 13.39 38.84
N LYS B 284 15.92 12.33 39.49
CA LYS B 284 17.09 12.39 40.33
C LYS B 284 18.33 12.77 39.53
N SER B 285 18.50 12.18 38.34
CA SER B 285 19.67 12.47 37.53
C SER B 285 19.69 13.94 37.08
N TRP B 286 18.53 14.56 36.95
CA TRP B 286 18.47 15.96 36.55
C TRP B 286 18.48 16.94 37.72
N SER B 287 18.60 16.44 38.93
CA SER B 287 18.62 17.30 40.10
C SER B 287 20.08 17.71 40.39
N ASN B 288 20.26 18.96 40.76
CA ASN B 288 21.58 19.49 40.97
C ASN B 288 21.91 19.29 42.44
N PRO B 289 22.86 18.41 42.73
CA PRO B 289 23.06 18.09 44.13
C PRO B 289 23.50 19.33 44.91
N ASN B 290 22.95 19.47 46.11
CA ASN B 290 23.23 20.59 47.01
C ASN B 290 22.73 21.92 46.48
N GLY B 291 22.05 21.89 45.33
CA GLY B 291 21.35 23.05 44.82
C GLY B 291 20.13 22.98 45.67
N ASN B 292 19.35 24.00 45.78
CA ASN B 292 18.29 23.77 46.77
C ASN B 292 16.92 23.63 46.12
N TYR B 293 16.92 23.12 44.91
CA TYR B 293 15.71 23.17 44.11
C TYR B 293 14.53 22.44 44.76
N LEU B 294 14.70 21.14 45.00
CA LEU B 294 13.60 20.31 45.48
C LEU B 294 13.22 20.62 46.92
N THR B 295 14.21 20.95 47.75
CA THR B 295 13.91 21.33 49.14
C THR B 295 13.20 22.68 49.22
N THR B 296 13.49 23.59 48.29
CA THR B 296 12.76 24.84 48.21
C THR B 296 11.28 24.60 47.90
N LEU B 297 11.02 23.84 46.84
CA LEU B 297 9.64 23.45 46.56
C LEU B 297 8.97 22.72 47.75
N GLY B 298 9.61 21.70 48.28
CA GLY B 298 9.04 20.93 49.37
C GLY B 298 8.68 21.75 50.59
N ASP B 299 9.51 22.75 50.88
CA ASP B 299 9.31 23.63 52.03
C ASP B 299 8.30 24.75 51.78
N LYS B 300 8.29 25.30 50.58
CA LYS B 300 7.46 26.47 50.26
C LYS B 300 6.11 26.17 49.67
N LEU B 301 5.98 25.07 48.92
CA LEU B 301 4.70 24.76 48.29
C LEU B 301 3.67 24.40 49.35
N ASN B 302 2.47 24.99 49.25
CA ASN B 302 1.38 24.65 50.14
C ASN B 302 1.21 23.12 50.16
N PRO B 303 1.02 22.53 51.35
CA PRO B 303 0.98 21.06 51.48
C PRO B 303 -0.04 20.35 50.58
N SER B 304 -1.07 21.05 50.14
CA SER B 304 -2.13 20.46 49.34
C SER B 304 -1.74 20.28 47.88
N ILE B 305 -0.63 20.88 47.47
CA ILE B 305 -0.24 20.89 46.07
C ILE B 305 0.64 19.64 45.82
N GLN B 306 0.35 18.95 44.73
CA GLN B 306 1.07 17.72 44.41
C GLN B 306 2.30 18.09 43.61
N ILE B 307 3.33 17.27 43.74
CA ILE B 307 4.56 17.48 43.01
C ILE B 307 4.92 16.21 42.26
N MET B 308 5.07 16.35 40.95
CA MET B 308 5.34 15.21 40.08
C MET B 308 6.79 14.83 40.01
N TRP B 309 7.05 13.56 39.65
CA TRP B 309 8.38 12.99 39.65
C TRP B 309 8.43 11.77 38.75
N THR B 310 9.48 11.68 37.92
CA THR B 310 9.60 10.57 36.96
C THR B 310 10.51 9.45 37.41
N GLY B 311 11.12 9.61 38.57
CA GLY B 311 11.98 8.57 39.13
C GLY B 311 13.43 9.04 39.18
N ASP B 312 14.34 8.07 39.08
CA ASP B 312 15.78 8.34 39.17
C ASP B 312 16.37 8.93 37.89
N ARG B 313 15.66 8.79 36.77
CA ARG B 313 16.09 9.29 35.48
C ARG B 313 14.81 9.74 34.75
N VAL B 314 14.97 10.37 33.59
CA VAL B 314 13.83 10.82 32.80
C VAL B 314 12.92 9.62 32.53
N ILE B 315 13.51 8.52 32.10
CA ILE B 315 12.80 7.27 31.90
C ILE B 315 13.33 6.29 32.91
N SER B 316 12.47 5.88 33.83
CA SER B 316 12.92 5.17 35.00
C SER B 316 11.82 4.34 35.57
N ASP B 317 12.15 3.19 36.14
CA ASP B 317 11.17 2.49 36.90
C ASP B 317 11.25 3.00 38.36
N ILE B 318 10.14 2.89 39.07
CA ILE B 318 9.98 3.49 40.39
C ILE B 318 10.28 2.43 41.48
N THR B 319 11.30 2.77 42.27
CA THR B 319 11.81 1.89 43.30
C THR B 319 11.62 2.51 44.70
N ARG B 320 11.66 1.64 45.72
CA ARG B 320 11.58 2.09 47.10
C ARG B 320 12.71 3.05 47.46
N ASP B 321 13.94 2.77 47.07
CA ASP B 321 15.04 3.70 47.38
C ASP B 321 14.79 5.01 46.62
N GLY B 322 14.31 4.93 45.38
CA GLY B 322 14.06 6.14 44.58
C GLY B 322 12.97 7.02 45.14
N ILE B 323 11.85 6.42 45.51
CA ILE B 323 10.75 7.21 46.06
C ILE B 323 11.06 7.78 47.45
N SER B 324 11.84 7.05 48.24
CA SER B 324 12.28 7.54 49.55
C SER B 324 13.13 8.82 49.39
N TRP B 325 13.99 8.79 48.38
CA TRP B 325 14.86 9.90 48.04
C TRP B 325 14.10 11.18 47.73
N ILE B 326 13.11 11.11 46.85
CA ILE B 326 12.35 12.32 46.51
C ILE B 326 11.48 12.77 47.67
N ASN B 327 10.83 11.82 48.35
CA ASN B 327 9.81 12.15 49.36
C ASN B 327 10.42 12.94 50.52
N GLU B 328 11.67 12.60 50.82
CA GLU B 328 12.46 13.23 51.91
C GLU B 328 12.71 14.71 51.62
N ARG B 329 12.73 15.07 50.34
CA ARG B 329 13.04 16.42 49.88
C ARG B 329 11.82 17.30 49.65
N ILE B 330 10.79 16.72 49.04
CA ILE B 330 9.55 17.44 48.77
C ILE B 330 8.59 17.46 49.96
N LYS B 331 8.85 16.65 50.98
CA LYS B 331 8.04 16.61 52.23
C LYS B 331 6.62 16.16 52.05
N ARG B 332 6.43 15.27 51.09
CA ARG B 332 5.11 14.79 50.78
C ARG B 332 5.30 13.61 49.82
N PRO B 333 4.28 12.73 49.68
CA PRO B 333 4.44 11.63 48.73
C PRO B 333 4.41 12.12 47.29
N ALA B 334 5.42 11.71 46.53
CA ALA B 334 5.55 12.10 45.13
C ALA B 334 4.34 11.60 44.32
N TYR B 335 3.96 12.37 43.30
CA TYR B 335 2.93 12.00 42.37
C TYR B 335 3.67 11.55 41.12
N ILE B 336 3.68 10.24 40.87
CA ILE B 336 4.58 9.70 39.85
C ILE B 336 4.08 9.99 38.45
N TRP B 337 4.97 10.54 37.63
CA TRP B 337 4.83 10.67 36.17
C TRP B 337 5.76 9.62 35.58
N TRP B 338 5.20 8.52 35.11
CA TRP B 338 5.98 7.38 34.63
C TRP B 338 6.08 7.45 33.12
N ASN B 339 7.31 7.61 32.63
CA ASN B 339 7.56 7.82 31.21
C ASN B 339 7.68 6.53 30.41
N PHE B 340 6.59 5.78 30.39
CA PHE B 340 6.40 4.60 29.58
C PHE B 340 4.85 4.50 29.42
N PRO B 341 4.34 4.17 28.21
CA PRO B 341 5.03 3.80 26.96
C PRO B 341 5.44 4.92 26.02
N VAL B 342 5.53 6.17 26.50
CA VAL B 342 5.94 7.29 25.65
C VAL B 342 7.13 6.90 24.78
N SER B 343 7.00 7.21 23.48
CA SER B 343 8.02 6.82 22.49
CA SER B 343 7.98 6.83 22.44
C SER B 343 8.55 8.02 21.73
N ASP B 344 8.36 9.20 22.30
CA ASP B 344 8.66 10.45 21.62
C ASP B 344 10.16 10.75 21.39
N TYR B 345 11.01 9.91 21.98
CA TYR B 345 12.45 9.94 21.76
C TYR B 345 12.93 8.69 20.97
N VAL B 346 11.98 7.80 20.61
CA VAL B 346 12.21 6.60 19.79
C VAL B 346 11.00 6.41 18.86
N ARG B 347 10.71 7.45 18.10
CA ARG B 347 9.43 7.54 17.37
C ARG B 347 9.21 6.49 16.31
N ASP B 348 10.31 5.85 15.89
CA ASP B 348 10.28 4.76 14.94
C ASP B 348 9.95 3.41 15.53
N HIS B 349 9.72 3.33 16.84
CA HIS B 349 9.38 2.10 17.54
C HIS B 349 8.03 2.25 18.17
N LEU B 350 7.26 1.16 18.16
CA LEU B 350 6.08 1.01 19.03
C LEU B 350 6.48 0.25 20.27
N LEU B 351 5.97 0.66 21.44
CA LEU B 351 6.41 0.04 22.70
C LEU B 351 5.20 -0.65 23.29
N LEU B 352 4.99 -1.91 22.88
CA LEU B 352 3.80 -2.68 23.16
C LEU B 352 3.92 -3.82 24.17
N GLY B 353 5.04 -3.88 24.89
CA GLY B 353 5.27 -4.92 25.84
C GLY B 353 4.69 -4.63 27.20
N PRO B 354 4.87 -5.58 28.14
CA PRO B 354 4.35 -5.48 29.48
C PRO B 354 4.87 -4.30 30.26
N VAL B 355 4.08 -3.92 31.25
CA VAL B 355 4.46 -2.91 32.21
C VAL B 355 5.15 -3.63 33.38
N TYR B 356 6.41 -3.29 33.63
CA TYR B 356 7.09 -3.96 34.75
C TYR B 356 8.21 -3.07 35.24
N GLY B 357 8.75 -3.45 36.38
CA GLY B 357 9.91 -2.76 36.93
C GLY B 357 9.65 -1.88 38.13
N ASN B 358 8.39 -1.58 38.38
CA ASN B 358 8.00 -0.72 39.46
C ASN B 358 7.67 -1.52 40.70
N ASP B 359 8.21 -1.06 41.82
CA ASP B 359 8.05 -1.72 43.10
C ASP B 359 6.56 -1.83 43.49
N THR B 360 6.18 -3.02 43.90
CA THR B 360 4.78 -3.30 44.17
C THR B 360 4.40 -3.11 45.64
N THR B 361 5.34 -2.60 46.47
CA THR B 361 5.15 -2.48 47.90
C THR B 361 5.15 -1.01 48.40
N ILE B 362 5.21 -0.03 47.48
CA ILE B 362 5.37 1.37 47.82
C ILE B 362 4.15 2.30 47.61
N ALA B 363 2.95 1.73 47.58
CA ALA B 363 1.72 2.50 47.38
C ALA B 363 1.57 3.64 48.38
N LYS B 364 1.95 3.39 49.64
CA LYS B 364 1.89 4.42 50.67
C LYS B 364 2.85 5.61 50.45
N GLU B 365 3.87 5.41 49.61
CA GLU B 365 4.87 6.42 49.36
C GLU B 365 4.56 7.29 48.13
N MET B 366 3.44 7.04 47.45
CA MET B 366 3.05 7.85 46.28
C MET B 366 1.65 8.42 46.42
N SER B 367 1.47 9.68 46.07
N SER B 367 1.49 9.70 46.10
CA SER B 367 0.15 10.30 46.10
CA SER B 367 0.15 10.32 46.09
C SER B 367 -0.62 10.04 44.79
C SER B 367 -0.62 9.93 44.83
N GLY B 368 0.11 9.66 43.76
CA GLY B 368 -0.50 9.32 42.50
C GLY B 368 0.49 8.63 41.57
N PHE B 369 -0.05 8.07 40.51
CA PHE B 369 0.77 7.40 39.52
C PHE B 369 0.07 7.57 38.18
N VAL B 370 0.70 8.32 37.30
CA VAL B 370 0.21 8.48 35.95
C VAL B 370 1.25 8.06 34.91
N THR B 371 0.76 7.48 33.81
CA THR B 371 1.56 7.06 32.68
C THR B 371 1.52 8.12 31.59
N ASN B 372 2.70 8.42 31.04
CA ASN B 372 2.84 9.24 29.84
C ASN B 372 2.92 8.31 28.64
N PRO B 373 1.87 8.32 27.79
CA PRO B 373 1.79 7.29 26.74
C PRO B 373 2.40 7.68 25.38
N MET B 374 2.17 6.84 24.37
CA MET B 374 2.66 7.13 23.03
C MET B 374 1.71 8.10 22.38
N GLU B 375 2.19 8.80 21.37
CA GLU B 375 1.32 9.58 20.55
C GLU B 375 0.30 8.70 19.83
N HIS B 376 0.56 7.38 19.77
CA HIS B 376 -0.40 6.31 19.30
C HIS B 376 -1.33 5.92 20.42
N ALA B 377 -2.55 6.48 20.43
CA ALA B 377 -3.43 6.39 21.60
C ALA B 377 -3.96 4.99 21.87
N GLU B 378 -4.52 4.34 20.85
CA GLU B 378 -5.08 3.03 21.08
C GLU B 378 -4.02 2.03 21.44
N SER B 379 -2.87 2.14 20.76
CA SER B 379 -1.70 1.27 20.98
C SER B 379 -1.20 1.34 22.42
N SER B 380 -1.33 2.52 23.01
CA SER B 380 -0.99 2.79 24.42
C SER B 380 -1.93 2.08 25.41
N LYS B 381 -3.09 1.61 24.95
CA LYS B 381 -4.04 1.00 25.88
C LYS B 381 -3.46 -0.23 26.58
N ILE B 382 -2.54 -0.96 25.95
CA ILE B 382 -1.92 -2.15 26.58
C ILE B 382 -1.23 -1.75 27.91
N ALA B 383 -0.42 -0.73 27.82
CA ALA B 383 0.27 -0.22 29.01
C ALA B 383 -0.66 0.52 29.99
N ILE B 384 -1.61 1.29 29.46
CA ILE B 384 -2.58 1.97 30.32
C ILE B 384 -3.41 1.01 31.17
N TYR B 385 -3.92 -0.03 30.56
CA TYR B 385 -4.66 -1.06 31.27
C TYR B 385 -3.79 -1.69 32.38
N SER B 386 -2.51 -1.88 32.08
CA SER B 386 -1.59 -2.49 33.04
C SER B 386 -1.25 -1.56 34.19
N VAL B 387 -1.06 -0.30 33.88
CA VAL B 387 -0.84 0.72 34.89
C VAL B 387 -2.06 0.86 35.77
N ALA B 388 -3.26 0.86 35.17
CA ALA B 388 -4.47 0.90 35.97
C ALA B 388 -4.52 -0.23 37.00
N SER B 389 -4.14 -1.42 36.57
CA SER B 389 -4.15 -2.61 37.39
C SER B 389 -3.12 -2.47 38.52
N TYR B 390 -1.90 -2.06 38.16
CA TYR B 390 -0.83 -1.84 39.12
C TYR B 390 -1.17 -0.78 40.18
N ALA B 391 -1.66 0.36 39.75
CA ALA B 391 -1.92 1.46 40.66
C ALA B 391 -3.08 1.18 41.63
N TRP B 392 -4.07 0.40 41.16
CA TRP B 392 -5.20 0.03 42.01
C TRP B 392 -4.79 -1.05 43.06
N ASN B 393 -4.12 -2.10 42.62
CA ASN B 393 -3.70 -3.19 43.51
C ASN B 393 -2.26 -3.63 43.20
N PRO B 394 -1.28 -2.83 43.62
CA PRO B 394 0.09 -3.20 43.30
C PRO B 394 0.53 -4.51 43.92
N ALA B 395 0.07 -4.80 45.14
CA ALA B 395 0.51 -6.02 45.82
C ALA B 395 0.11 -7.29 45.04
N LYS B 396 -0.99 -7.25 44.27
CA LYS B 396 -1.35 -8.39 43.43
C LYS B 396 -0.98 -8.22 41.96
N TYR B 397 -0.17 -7.22 41.62
CA TYR B 397 0.13 -6.91 40.24
C TYR B 397 0.94 -8.03 39.59
N ASP B 398 0.41 -8.56 38.48
CA ASP B 398 0.97 -9.66 37.70
C ASP B 398 1.28 -9.11 36.30
N THR B 399 2.54 -8.80 36.03
CA THR B 399 2.93 -8.17 34.75
C THR B 399 2.43 -8.90 33.55
N TRP B 400 2.76 -10.19 33.46
CA TRP B 400 2.48 -10.93 32.24
C TRP B 400 1.01 -11.22 32.08
N GLN B 401 0.31 -11.64 33.13
CA GLN B 401 -1.13 -11.93 32.99
C GLN B 401 -1.90 -10.66 32.63
N THR B 402 -1.50 -9.55 33.20
CA THR B 402 -2.15 -8.28 32.94
C THR B 402 -1.93 -7.82 31.51
N TRP B 403 -0.73 -8.04 30.97
CA TRP B 403 -0.47 -7.79 29.55
C TRP B 403 -1.42 -8.58 28.63
N LYS B 404 -1.51 -9.88 28.86
CA LYS B 404 -2.42 -10.73 28.09
C LYS B 404 -3.87 -10.30 28.22
N ASP B 405 -4.28 -9.97 29.46
CA ASP B 405 -5.67 -9.48 29.73
C ASP B 405 -5.97 -8.21 28.97
N ALA B 406 -5.01 -7.31 28.93
CA ALA B 406 -5.14 -6.02 28.21
C ALA B 406 -5.34 -6.27 26.74
N ILE B 407 -4.50 -7.14 26.19
CA ILE B 407 -4.55 -7.46 24.78
C ILE B 407 -5.88 -8.10 24.39
N ARG B 408 -6.34 -9.04 25.20
CA ARG B 408 -7.60 -9.75 25.00
C ARG B 408 -8.81 -8.81 25.14
N THR B 409 -8.71 -7.81 26.00
CA THR B 409 -9.76 -6.77 26.16
C THR B 409 -9.75 -5.79 24.98
N ILE B 410 -8.57 -5.38 24.53
CA ILE B 410 -8.42 -4.43 23.43
CA ILE B 410 -8.45 -4.42 23.44
C ILE B 410 -8.83 -5.03 22.08
N LEU B 411 -8.43 -6.28 21.85
CA LEU B 411 -8.72 -6.91 20.55
C LEU B 411 -9.16 -8.35 20.74
N PRO B 412 -10.35 -8.55 21.33
CA PRO B 412 -10.73 -9.93 21.64
C PRO B 412 -10.71 -10.86 20.41
N SER B 413 -11.06 -10.33 19.23
CA SER B 413 -11.17 -11.16 18.02
C SER B 413 -9.82 -11.55 17.41
N ALA B 414 -8.72 -10.92 17.83
CA ALA B 414 -7.40 -11.24 17.28
C ALA B 414 -6.31 -11.14 18.34
N ALA B 415 -6.64 -11.62 19.54
CA ALA B 415 -5.82 -11.41 20.71
C ALA B 415 -4.46 -12.10 20.58
N GLU B 416 -4.44 -13.34 20.07
CA GLU B 416 -3.16 -14.06 19.93
C GLU B 416 -2.28 -13.44 18.87
N GLU B 417 -2.89 -12.89 17.81
CA GLU B 417 -2.15 -12.15 16.79
C GLU B 417 -1.55 -10.86 17.35
N LEU B 418 -2.33 -10.14 18.16
CA LEU B 418 -1.81 -8.93 18.79
C LEU B 418 -0.70 -9.26 19.78
N GLU B 419 -0.83 -10.37 20.54
CA GLU B 419 0.22 -10.80 21.42
C GLU B 419 1.51 -11.10 20.68
N CYS B 420 1.38 -11.77 19.54
CA CYS B 420 2.50 -12.10 18.66
C CYS B 420 3.19 -10.82 18.19
N PHE B 421 2.42 -9.90 17.64
CA PHE B 421 2.96 -8.61 17.20
C PHE B 421 3.59 -7.84 18.38
N ALA B 422 2.89 -7.73 19.50
CA ALA B 422 3.42 -6.95 20.67
C ALA B 422 4.68 -7.58 21.28
N MET B 423 4.73 -8.90 21.34
CA MET B 423 5.92 -9.65 21.91
C MET B 423 7.26 -9.27 21.22
N HIS B 424 7.16 -8.95 19.94
CA HIS B 424 8.29 -8.58 19.13
C HIS B 424 8.40 -7.08 18.82
N ASN B 425 7.58 -6.27 19.50
CA ASN B 425 7.61 -4.80 19.37
C ASN B 425 7.48 -4.23 20.76
N SER B 426 8.52 -4.44 21.55
CA SER B 426 8.50 -4.09 22.97
CA SER B 426 8.48 -4.04 22.95
C SER B 426 9.75 -3.27 23.31
N ASP B 427 10.87 -3.57 22.66
CA ASP B 427 12.12 -2.86 22.96
C ASP B 427 12.22 -1.52 22.22
N LEU B 428 13.00 -0.61 22.77
CA LEU B 428 13.17 0.73 22.24
C LEU B 428 14.37 0.88 21.31
N GLY B 429 15.26 -0.10 21.30
CA GLY B 429 16.56 0.07 20.67
C GLY B 429 17.43 1.03 21.47
N PRO B 430 18.70 1.18 21.07
CA PRO B 430 19.57 2.08 21.80
C PRO B 430 19.08 3.52 21.69
N ASN B 431 19.25 4.25 22.77
CA ASN B 431 18.73 5.58 22.85
C ASN B 431 19.48 6.40 23.89
N GLY B 432 19.28 7.70 23.83
CA GLY B 432 19.96 8.64 24.73
C GLY B 432 19.56 8.54 26.19
N HIS B 433 18.40 7.93 26.46
CA HIS B 433 17.94 7.74 27.84
C HIS B 433 18.38 6.42 28.46
N GLY B 434 19.04 5.59 27.67
CA GLY B 434 19.48 4.26 28.11
C GLY B 434 18.41 3.26 28.57
N TYR B 435 17.16 3.51 28.19
CA TYR B 435 16.07 2.70 28.65
C TYR B 435 15.73 1.63 27.62
N ARG B 436 15.62 0.39 28.08
CA ARG B 436 15.41 -0.77 27.23
C ARG B 436 14.38 -1.67 27.86
N ARG B 437 13.72 -2.49 27.04
CA ARG B 437 12.73 -3.43 27.55
C ARG B 437 13.07 -4.74 26.92
N GLU B 438 12.62 -5.81 27.53
CA GLU B 438 12.86 -7.10 26.92
C GLU B 438 11.91 -7.34 25.70
N GLU B 439 12.35 -8.22 24.81
CA GLU B 439 11.63 -8.48 23.59
C GLU B 439 12.05 -9.82 23.05
N SER B 440 11.07 -10.59 22.54
CA SER B 440 11.33 -11.84 21.83
C SER B 440 12.09 -12.85 22.72
N MET B 441 11.77 -12.84 24.01
CA MET B 441 12.58 -13.60 24.97
C MET B 441 12.44 -15.11 24.83
N ASP B 442 11.29 -15.56 24.36
CA ASP B 442 11.00 -16.98 24.21
C ASP B 442 11.89 -17.64 23.13
N ILE B 443 12.13 -16.95 22.02
CA ILE B 443 12.93 -17.52 20.94
C ILE B 443 14.42 -17.18 21.03
N GLN B 444 14.78 -16.34 21.98
CA GLN B 444 16.14 -15.83 22.06
C GLN B 444 17.19 -16.98 22.19
N PRO B 445 16.88 -18.01 23.00
CA PRO B 445 17.81 -19.14 23.14
C PRO B 445 17.97 -19.99 21.88
N ALA B 446 16.87 -20.32 21.20
CA ALA B 446 16.94 -21.01 19.92
C ALA B 446 17.72 -20.16 18.89
N ALA B 447 17.52 -18.86 18.91
CA ALA B 447 18.20 -17.96 18.00
C ALA B 447 19.70 -17.93 18.26
N GLU B 448 20.06 -17.83 19.54
CA GLU B 448 21.45 -17.73 19.96
C GLU B 448 22.23 -19.00 19.62
N ARG B 449 21.60 -20.16 19.84
CA ARG B 449 22.18 -21.47 19.55
C ARG B 449 22.37 -21.69 18.06
N PHE B 450 21.29 -21.47 17.31
CA PHE B 450 21.30 -21.62 15.85
C PHE B 450 22.47 -20.88 15.23
N LEU B 451 22.66 -19.65 15.67
CA LEU B 451 23.63 -18.76 15.05
C LEU B 451 25.10 -19.07 15.43
N LYS B 452 25.34 -19.52 16.66
CA LYS B 452 26.66 -20.11 17.03
C LYS B 452 26.95 -21.33 16.17
N ALA B 453 26.18 -22.38 16.35
CA ALA B 453 26.32 -23.54 15.49
C ALA B 453 26.65 -23.11 14.06
N PHE B 454 25.70 -22.39 13.45
CA PHE B 454 25.78 -22.02 12.02
C PHE B 454 27.06 -21.30 11.66
N LYS B 455 27.37 -20.25 12.42
CA LYS B 455 28.56 -19.45 12.15
C LYS B 455 29.80 -20.33 12.21
N GLU B 456 30.08 -20.88 13.38
CA GLU B 456 31.36 -21.54 13.66
C GLU B 456 31.64 -22.80 12.83
N GLY B 457 30.60 -23.43 12.27
CA GLY B 457 30.79 -24.61 11.40
C GLY B 457 30.27 -25.91 12.00
N LYS B 458 29.83 -25.82 13.26
CA LYS B 458 29.13 -26.91 13.94
C LYS B 458 27.67 -26.88 13.50
N ASN B 459 27.05 -28.02 13.28
CA ASN B 459 25.67 -28.03 12.74
C ASN B 459 24.60 -27.77 13.82
N TYR B 460 23.46 -27.24 13.35
CA TYR B 460 22.38 -26.74 14.23
C TYR B 460 21.30 -27.79 14.52
N ASP B 461 20.57 -27.60 15.62
CA ASP B 461 19.47 -28.50 15.98
C ASP B 461 18.24 -28.22 15.12
N LYS B 462 17.72 -29.28 14.47
CA LYS B 462 16.45 -29.22 13.76
C LYS B 462 15.37 -28.44 14.52
N ALA B 463 15.36 -28.60 15.85
CA ALA B 463 14.35 -27.99 16.71
C ALA B 463 14.44 -26.48 16.68
N ASP B 464 15.67 -25.98 16.73
CA ASP B 464 15.92 -24.55 16.71
C ASP B 464 15.58 -23.91 15.36
N PHE B 465 15.88 -24.62 14.29
CA PHE B 465 15.54 -24.19 12.93
C PHE B 465 14.03 -24.10 12.80
N GLU B 466 13.35 -25.13 13.27
CA GLU B 466 11.91 -25.18 13.19
C GLU B 466 11.24 -24.16 14.11
N THR B 467 11.84 -23.85 15.25
CA THR B 467 11.31 -22.81 16.13
C THR B 467 11.30 -21.48 15.41
N LEU B 468 12.43 -21.17 14.75
CA LEU B 468 12.59 -19.95 13.96
C LEU B 468 11.57 -19.90 12.80
N GLN B 469 11.39 -21.01 12.10
CA GLN B 469 10.38 -21.12 11.03
C GLN B 469 8.95 -20.93 11.50
N TYR B 470 8.65 -21.55 12.64
CA TYR B 470 7.32 -21.41 13.26
C TYR B 470 7.01 -19.95 13.60
N THR B 471 8.01 -19.27 14.15
CA THR B 471 7.92 -17.85 14.55
C THR B 471 7.64 -16.97 13.35
N PHE B 472 8.38 -17.19 12.27
CA PHE B 472 8.20 -16.38 11.07
C PHE B 472 6.84 -16.66 10.48
N GLU B 473 6.44 -17.92 10.48
CA GLU B 473 5.10 -18.26 10.00
C GLU B 473 3.99 -17.59 10.81
N ARG B 474 4.16 -17.60 12.13
CA ARG B 474 3.19 -17.01 13.02
C ARG B 474 3.13 -15.48 12.88
N MET B 475 4.29 -14.86 12.65
CA MET B 475 4.40 -13.42 12.41
C MET B 475 3.62 -12.98 11.15
N LYS B 476 3.74 -13.74 10.08
CA LYS B 476 2.99 -13.44 8.86
C LYS B 476 1.49 -13.58 9.05
N GLU B 477 1.07 -14.60 9.78
CA GLU B 477 -0.34 -14.82 10.06
C GLU B 477 -0.93 -13.66 10.86
N SER B 478 -0.21 -13.30 11.91
CA SER B 478 -0.58 -12.17 12.76
C SER B 478 -0.68 -10.86 12.02
N ALA B 479 0.32 -10.57 11.22
CA ALA B 479 0.33 -9.33 10.43
C ALA B 479 -0.88 -9.25 9.51
N ASP B 480 -1.14 -10.32 8.79
CA ASP B 480 -2.22 -10.30 7.80
C ASP B 480 -3.60 -10.21 8.46
N ILE B 481 -3.76 -10.88 9.59
CA ILE B 481 -4.97 -10.81 10.37
C ILE B 481 -5.14 -9.45 11.02
N LEU B 482 -4.06 -8.89 11.59
CA LEU B 482 -4.16 -7.55 12.15
C LEU B 482 -4.55 -6.49 11.12
N LEU B 483 -3.94 -6.54 9.96
CA LEU B 483 -4.26 -5.56 8.90
C LEU B 483 -5.73 -5.45 8.62
N MET B 484 -6.40 -6.59 8.69
CA MET B 484 -7.79 -6.69 8.25
C MET B 484 -8.79 -6.59 9.39
N ASN B 485 -8.31 -6.48 10.63
CA ASN B 485 -9.20 -6.45 11.76
C ASN B 485 -10.06 -5.18 11.77
N THR B 486 -11.34 -5.35 12.02
CA THR B 486 -12.30 -4.25 11.99
C THR B 486 -12.90 -3.98 13.36
N GLU B 487 -12.44 -4.69 14.38
CA GLU B 487 -13.01 -4.54 15.69
C GLU B 487 -12.54 -3.25 16.37
N ASN B 488 -11.25 -2.91 16.17
CA ASN B 488 -10.70 -1.63 16.59
C ASN B 488 -9.94 -1.04 15.41
N LYS B 489 -10.66 -0.37 14.52
CA LYS B 489 -10.02 0.22 13.33
C LYS B 489 -9.00 1.30 13.69
N PRO B 490 -9.31 2.16 14.66
CA PRO B 490 -8.30 3.15 15.02
C PRO B 490 -6.96 2.54 15.43
N LEU B 491 -6.99 1.45 16.19
CA LEU B 491 -5.74 0.75 16.54
C LEU B 491 -4.98 0.28 15.31
N ILE B 492 -5.68 -0.37 14.39
CA ILE B 492 -5.04 -0.93 13.22
C ILE B 492 -4.43 0.19 12.38
N VAL B 493 -5.14 1.31 12.27
CA VAL B 493 -4.62 2.48 11.58
C VAL B 493 -3.27 2.94 12.17
N GLU B 494 -3.18 3.01 13.50
CA GLU B 494 -1.95 3.43 14.18
C GLU B 494 -0.78 2.51 13.84
N ILE B 495 -1.04 1.22 13.93
CA ILE B 495 0.04 0.19 13.83
C ILE B 495 0.37 -0.27 12.42
N THR B 496 -0.45 0.10 11.44
CA THR B 496 -0.34 -0.49 10.10
C THR B 496 1.06 -0.44 9.47
N PRO B 497 1.74 0.72 9.53
CA PRO B 497 3.09 0.78 8.94
C PRO B 497 4.08 -0.20 9.56
N TRP B 498 4.00 -0.36 10.89
CA TRP B 498 4.76 -1.38 11.59
C TRP B 498 4.35 -2.80 11.28
N VAL B 499 3.05 -3.02 11.12
CA VAL B 499 2.60 -4.33 10.73
C VAL B 499 3.15 -4.72 9.35
N HIS B 500 3.14 -3.78 8.38
CA HIS B 500 3.73 -4.06 7.06
C HIS B 500 5.21 -4.46 7.18
N GLN B 501 5.95 -3.69 7.97
CA GLN B 501 7.39 -3.95 8.21
C GLN B 501 7.63 -5.29 8.91
N PHE B 502 6.78 -5.61 9.86
CA PHE B 502 6.77 -6.88 10.62
C PHE B 502 6.57 -8.06 9.68
N LYS B 503 5.56 -7.96 8.81
CA LYS B 503 5.32 -8.99 7.79
C LYS B 503 6.54 -9.21 6.88
N LEU B 504 7.15 -8.11 6.44
CA LEU B 504 8.33 -8.15 5.59
C LEU B 504 9.53 -8.79 6.29
N THR B 505 9.71 -8.46 7.56
CA THR B 505 10.72 -9.10 8.38
C THR B 505 10.58 -10.62 8.40
N ALA B 506 9.36 -11.08 8.66
CA ALA B 506 9.06 -12.50 8.70
C ALA B 506 9.32 -13.20 7.36
N GLU B 507 8.90 -12.56 6.28
CA GLU B 507 9.08 -13.08 4.95
C GLU B 507 10.55 -13.21 4.61
N MET B 508 11.33 -12.19 4.98
CA MET B 508 12.79 -12.19 4.86
C MET B 508 13.43 -13.30 5.68
N GLY B 509 12.96 -13.45 6.92
CA GLY B 509 13.43 -14.57 7.75
C GLY B 509 13.22 -15.92 7.10
N GLU B 510 12.01 -16.14 6.56
CA GLU B 510 11.68 -17.39 5.88
C GLU B 510 12.58 -17.68 4.67
N GLU B 511 12.81 -16.69 3.83
CA GLU B 511 13.67 -16.86 2.67
C GLU B 511 15.12 -17.09 3.08
N VAL B 512 15.55 -16.44 4.14
CA VAL B 512 16.93 -16.59 4.60
C VAL B 512 17.18 -18.03 5.12
N LEU B 513 16.21 -18.58 5.85
CA LEU B 513 16.27 -19.99 6.26
C LEU B 513 16.31 -20.96 5.07
N LYS B 514 15.64 -20.60 3.99
CA LYS B 514 15.68 -21.40 2.77
C LYS B 514 17.07 -21.35 2.16
N MET B 515 17.74 -20.22 2.31
CA MET B 515 19.13 -20.07 1.89
C MET B 515 20.08 -20.94 2.72
N VAL B 516 19.84 -21.01 4.03
CA VAL B 516 20.61 -21.88 4.94
C VAL B 516 20.46 -23.33 4.52
N GLU B 517 19.23 -23.74 4.19
CA GLU B 517 18.95 -25.06 3.62
C GLU B 517 19.43 -25.26 2.17
N GLY B 518 19.83 -24.17 1.52
CA GLY B 518 20.47 -24.18 0.17
C GLY B 518 20.55 -25.51 -0.56
N ARG B 519 19.53 -25.83 -1.33
CA ARG B 519 19.46 -27.08 -2.08
C ARG B 519 20.52 -27.14 -3.19
N ASN B 520 20.50 -26.12 -4.05
CA ASN B 520 21.47 -25.98 -5.14
C ASN B 520 21.82 -24.52 -5.35
N GLU B 521 22.66 -24.25 -6.35
CA GLU B 521 23.18 -22.91 -6.60
C GLU B 521 22.10 -21.95 -7.10
N SER B 522 21.26 -22.42 -8.01
CA SER B 522 20.26 -21.55 -8.62
C SER B 522 19.06 -21.30 -7.70
N TYR B 523 18.76 -22.26 -6.81
CA TYR B 523 17.72 -22.08 -5.80
C TYR B 523 18.19 -21.05 -4.80
N PHE B 524 19.44 -21.17 -4.36
CA PHE B 524 20.02 -20.18 -3.46
C PHE B 524 19.94 -18.77 -4.04
N LEU B 525 20.33 -18.63 -5.30
CA LEU B 525 20.26 -17.33 -5.96
C LEU B 525 18.84 -16.75 -6.07
N ARG B 526 17.85 -17.61 -6.29
CA ARG B 526 16.46 -17.20 -6.30
C ARG B 526 16.06 -16.62 -4.94
N LYS B 527 16.47 -17.30 -3.88
CA LYS B 527 16.20 -16.85 -2.51
C LYS B 527 16.96 -15.57 -2.20
N TYR B 528 18.22 -15.49 -2.62
CA TYR B 528 19.04 -14.30 -2.45
C TYR B 528 18.43 -13.07 -3.11
N ASN B 529 17.93 -13.24 -4.35
CA ASN B 529 17.31 -12.12 -5.09
C ASN B 529 15.98 -11.73 -4.46
N HIS B 530 15.28 -12.70 -3.90
CA HIS B 530 14.03 -12.43 -3.20
C HIS B 530 14.32 -11.62 -1.93
N VAL B 531 15.34 -12.01 -1.18
CA VAL B 531 15.75 -11.24 0.02
C VAL B 531 16.18 -9.82 -0.28
N LYS B 532 16.98 -9.62 -1.33
CA LYS B 532 17.37 -8.25 -1.72
C LYS B 532 16.17 -7.33 -2.02
N ALA B 533 15.15 -7.88 -2.67
CA ALA B 533 13.90 -7.18 -3.00
C ALA B 533 13.12 -6.85 -1.71
N LEU B 534 13.07 -7.81 -0.78
CA LEU B 534 12.47 -7.55 0.53
C LEU B 534 13.21 -6.46 1.31
N GLN B 535 14.54 -6.47 1.25
CA GLN B 535 15.33 -5.40 1.87
C GLN B 535 14.95 -4.05 1.30
N GLN B 536 14.75 -4.01 -0.01
CA GLN B 536 14.36 -2.77 -0.69
C GLN B 536 12.99 -2.33 -0.27
N GLN B 537 12.06 -3.28 -0.15
CA GLN B 537 10.71 -2.93 0.32
C GLN B 537 10.71 -2.37 1.74
N MET B 538 11.56 -2.94 2.60
CA MET B 538 11.65 -2.43 3.98
C MET B 538 12.19 -1.01 4.03
N PHE B 539 13.11 -0.73 3.13
CA PHE B 539 13.65 0.61 2.99
C PHE B 539 12.56 1.60 2.57
N TYR B 540 11.77 1.24 1.55
CA TYR B 540 10.67 2.06 1.10
C TYR B 540 9.68 2.40 2.22
N ILE B 541 9.28 1.39 3.00
CA ILE B 541 8.40 1.62 4.14
C ILE B 541 9.04 2.61 5.11
N ASP B 542 10.33 2.39 5.40
CA ASP B 542 11.11 3.19 6.38
C ASP B 542 11.30 4.63 5.91
N GLN B 543 11.17 4.87 4.61
CA GLN B 543 11.27 6.20 4.02
C GLN B 543 9.96 6.91 3.73
N THR B 544 8.85 6.19 3.71
CA THR B 544 7.59 6.80 3.34
C THR B 544 6.58 6.87 4.51
N SER B 545 6.77 6.02 5.53
CA SER B 545 5.90 5.98 6.68
C SER B 545 6.53 6.65 7.90
N ASN B 546 5.66 7.24 8.71
CA ASN B 546 6.05 7.84 9.96
C ASN B 546 7.23 8.78 9.79
N GLN B 547 7.13 9.67 8.82
CA GLN B 547 8.21 10.59 8.53
C GLN B 547 8.22 11.83 9.42
N ASN B 548 8.73 11.68 10.63
CA ASN B 548 8.87 12.80 11.54
C ASN B 548 10.29 13.37 11.53
N PRO B 549 10.48 14.57 12.08
CA PRO B 549 11.78 15.21 12.06
C PRO B 549 12.88 14.58 12.91
N TYR B 550 12.53 13.68 13.83
CA TYR B 550 13.48 13.24 14.86
C TYR B 550 13.97 11.78 14.71
N GLN B 551 13.02 10.84 14.70
CA GLN B 551 13.32 9.40 14.44
C GLN B 551 12.34 8.90 13.39
N PRO B 552 12.58 9.27 12.12
CA PRO B 552 11.64 8.89 11.05
C PRO B 552 11.62 7.40 10.82
N GLY B 553 10.52 6.90 10.28
CA GLY B 553 10.45 5.57 9.78
C GLY B 553 9.86 4.57 10.75
N VAL B 554 10.18 3.33 10.44
CA VAL B 554 9.48 2.20 10.99
C VAL B 554 10.47 1.09 11.28
N LYS B 555 10.66 0.80 12.57
CA LYS B 555 11.49 -0.31 13.02
C LYS B 555 10.69 -1.31 13.83
N THR B 556 10.95 -2.59 13.62
CA THR B 556 10.17 -3.65 14.24
C THR B 556 11.06 -4.86 14.54
N ALA B 557 10.73 -5.60 15.59
CA ALA B 557 11.44 -6.89 15.88
C ALA B 557 12.95 -6.71 15.91
N THR B 558 13.36 -5.61 16.56
CA THR B 558 14.70 -5.10 16.44
C THR B 558 15.72 -5.73 17.41
N ARG B 559 15.27 -6.29 18.52
CA ARG B 559 16.21 -6.78 19.55
C ARG B 559 16.84 -8.14 19.21
N VAL B 560 16.04 -9.06 18.70
CA VAL B 560 16.49 -10.43 18.46
C VAL B 560 16.29 -10.84 17.01
N ILE B 561 15.11 -10.60 16.47
CA ILE B 561 14.76 -11.17 15.19
C ILE B 561 15.55 -10.54 14.03
N LYS B 562 15.45 -9.22 13.88
CA LYS B 562 16.10 -8.59 12.74
C LYS B 562 17.63 -8.81 12.76
N PRO B 563 18.26 -8.70 13.93
CA PRO B 563 19.71 -9.06 14.01
C PRO B 563 20.05 -10.49 13.61
N LEU B 564 19.21 -11.44 14.02
CA LEU B 564 19.35 -12.83 13.67
C LEU B 564 19.25 -13.06 12.16
N ILE B 565 18.23 -12.48 11.55
CA ILE B 565 18.03 -12.61 10.11
C ILE B 565 19.22 -12.02 9.33
N ASP B 566 19.63 -10.82 9.73
CA ASP B 566 20.70 -10.09 9.08
C ASP B 566 22.05 -10.80 9.21
N ARG B 567 22.35 -11.32 10.42
CA ARG B 567 23.55 -12.10 10.64
C ARG B 567 23.54 -13.42 9.88
N THR B 568 22.41 -14.11 9.85
CA THR B 568 22.29 -15.37 9.14
C THR B 568 22.40 -15.17 7.61
N PHE B 569 21.83 -14.08 7.10
CA PHE B 569 22.00 -13.72 5.69
C PHE B 569 23.48 -13.47 5.34
N ALA B 570 24.10 -12.58 6.10
CA ALA B 570 25.50 -12.24 5.87
C ALA B 570 26.37 -13.50 5.89
N THR B 571 26.11 -14.38 6.84
CA THR B 571 26.87 -15.62 6.99
C THR B 571 26.69 -16.61 5.84
N VAL B 572 25.44 -16.85 5.45
CA VAL B 572 25.15 -17.81 4.38
C VAL B 572 25.70 -17.30 3.02
N VAL B 573 25.62 -16.00 2.80
CA VAL B 573 26.21 -15.36 1.63
C VAL B 573 27.75 -15.51 1.59
N LYS B 574 28.40 -15.29 2.72
CA LYS B 574 29.84 -15.51 2.83
C LYS B 574 30.19 -16.95 2.42
N PHE B 575 29.50 -17.92 3.01
CA PHE B 575 29.73 -19.32 2.68
C PHE B 575 29.52 -19.59 1.21
N PHE B 576 28.44 -19.05 0.65
CA PHE B 576 28.13 -19.25 -0.77
C PHE B 576 29.27 -18.72 -1.64
N ASN B 577 29.70 -17.51 -1.33
CA ASN B 577 30.79 -16.91 -2.07
C ASN B 577 32.05 -17.78 -1.99
N GLN B 578 32.35 -18.32 -0.81
CA GLN B 578 33.50 -19.23 -0.66
C GLN B 578 33.29 -20.50 -1.49
N LYS B 579 32.17 -21.18 -1.26
CA LYS B 579 31.87 -22.43 -1.94
C LYS B 579 31.90 -22.29 -3.47
N PHE B 580 31.39 -21.19 -4.00
CA PHE B 580 31.26 -21.00 -5.46
C PHE B 580 32.16 -19.89 -5.99
N ASN B 581 33.16 -19.50 -5.20
CA ASN B 581 34.00 -18.36 -5.53
C ASN B 581 33.20 -17.24 -6.19
N ALA B 582 32.04 -16.93 -5.62
CA ALA B 582 31.16 -15.88 -6.13
C ALA B 582 31.43 -14.57 -5.38
N HIS B 583 30.71 -13.51 -5.74
CA HIS B 583 30.95 -12.19 -5.14
C HIS B 583 29.64 -11.48 -4.75
N LEU B 584 28.66 -12.24 -4.26
CA LEU B 584 27.38 -11.67 -3.80
C LEU B 584 27.58 -10.62 -2.70
N ASP B 585 26.79 -9.54 -2.78
CA ASP B 585 26.76 -8.51 -1.74
C ASP B 585 26.04 -9.05 -0.49
N ALA B 586 26.70 -8.93 0.66
CA ALA B 586 26.18 -9.45 1.93
C ALA B 586 25.61 -8.32 2.81
N THR B 587 25.44 -7.15 2.20
CA THR B 587 24.78 -5.99 2.83
C THR B 587 23.34 -6.35 3.20
N THR B 588 22.92 -5.87 4.37
CA THR B 588 21.64 -6.27 4.97
C THR B 588 20.58 -5.17 4.99
N ASP B 589 21.00 -3.92 4.83
CA ASP B 589 20.09 -2.81 4.70
C ASP B 589 20.31 -2.19 3.33
N TYR B 590 19.21 -2.02 2.61
CA TYR B 590 19.27 -1.49 1.28
C TYR B 590 19.60 0.01 1.32
N MET B 591 20.50 0.40 0.43
CA MET B 591 20.90 1.81 0.30
C MET B 591 21.03 2.17 -1.19
N PRO B 592 20.18 3.07 -1.68
CA PRO B 592 20.22 3.39 -3.10
C PRO B 592 21.47 4.19 -3.53
N HIS B 593 22.07 4.89 -2.58
CA HIS B 593 23.27 5.70 -2.82
C HIS B 593 24.53 4.91 -2.45
N LYS B 594 25.66 5.35 -3.00
CA LYS B 594 26.94 4.67 -2.86
C LYS B 594 27.97 5.62 -2.26
N MET B 595 28.91 5.07 -1.50
CA MET B 595 30.09 5.80 -1.07
C MET B 595 31.36 5.19 -1.70
N ASN B 604 33.67 1.79 4.89
CA ASN B 604 33.04 0.82 5.80
C ASN B 604 31.79 1.33 6.53
N LEU B 605 31.80 2.59 6.93
CA LEU B 605 30.62 3.18 7.58
C LEU B 605 29.43 3.21 6.59
N PRO B 606 28.24 2.77 7.04
CA PRO B 606 27.12 2.78 6.09
C PRO B 606 26.53 4.18 5.87
N LEU B 607 26.10 4.47 4.64
CA LEU B 607 25.29 5.66 4.38
C LEU B 607 23.91 5.47 4.98
N GLN B 608 23.32 6.57 5.44
CA GLN B 608 21.93 6.58 5.91
C GLN B 608 21.15 7.64 5.14
N VAL B 609 19.87 7.37 4.90
CA VAL B 609 18.94 8.36 4.35
C VAL B 609 17.93 8.71 5.42
N LYS B 610 17.80 10.00 5.75
CA LYS B 610 16.77 10.48 6.68
C LYS B 610 16.10 11.72 6.08
N ALA B 611 14.82 11.60 5.75
CA ALA B 611 14.12 12.64 5.00
C ALA B 611 14.93 13.04 3.75
N ASN B 612 15.24 14.32 3.60
CA ASN B 612 16.01 14.81 2.45
C ASN B 612 17.51 14.92 2.74
N ARG B 613 18.00 14.15 3.71
CA ARG B 613 19.42 14.10 4.06
C ARG B 613 20.00 12.75 3.67
N VAL B 614 21.23 12.79 3.17
CA VAL B 614 22.04 11.60 2.92
C VAL B 614 23.26 11.74 3.82
N LEU B 615 23.40 10.84 4.80
CA LEU B 615 24.44 10.87 5.84
C LEU B 615 25.45 9.76 5.66
N ILE B 616 26.67 9.98 6.15
CA ILE B 616 27.60 8.89 6.50
C ILE B 616 27.49 8.68 8.00
N SER B 617 27.27 7.44 8.42
CA SER B 617 27.10 7.12 9.84
C SER B 617 28.33 7.58 10.65
N PRO B 618 28.10 8.21 11.82
CA PRO B 618 29.19 8.59 12.73
C PRO B 618 29.96 7.39 13.30
N VAL B 631 34.68 10.04 1.94
CA VAL B 631 35.58 10.50 0.87
C VAL B 631 34.79 10.84 -0.39
N GLU B 632 33.98 9.89 -0.88
CA GLU B 632 33.21 10.12 -2.10
C GLU B 632 31.82 9.42 -2.12
N ILE B 633 30.77 10.24 -2.10
CA ILE B 633 29.37 9.77 -2.13
C ILE B 633 28.73 9.96 -3.51
N GLU B 634 28.16 8.89 -4.06
CA GLU B 634 27.43 8.93 -5.32
C GLU B 634 25.92 8.69 -5.11
N LEU B 635 25.11 9.71 -5.36
CA LEU B 635 23.65 9.59 -5.25
C LEU B 635 23.08 8.81 -6.43
N ASP B 636 21.89 8.26 -6.25
CA ASP B 636 21.24 7.44 -7.28
C ASP B 636 20.66 8.30 -8.41
N ALA B 637 20.79 9.62 -8.32
CA ALA B 637 20.34 10.52 -9.37
C ALA B 637 20.91 11.94 -9.15
N ILE B 638 20.56 12.85 -10.06
CA ILE B 638 20.89 14.26 -9.87
C ILE B 638 19.72 14.93 -9.13
N TYR B 639 20.04 15.58 -8.02
CA TYR B 639 19.07 16.34 -7.22
C TYR B 639 19.58 17.76 -7.01
N PRO B 640 18.67 18.75 -6.89
CA PRO B 640 19.11 20.05 -6.42
C PRO B 640 19.73 19.95 -5.02
N GLY B 641 20.93 20.51 -4.86
CA GLY B 641 21.66 20.46 -3.60
C GLY B 641 21.27 21.59 -2.68
N GLU B 642 21.14 21.29 -1.39
CA GLU B 642 20.74 22.28 -0.42
C GLU B 642 21.95 22.75 0.35
N ASN B 643 22.64 21.81 0.99
CA ASN B 643 23.84 22.11 1.78
C ASN B 643 24.58 20.85 2.29
N ILE B 644 25.91 20.95 2.41
CA ILE B 644 26.70 20.02 3.25
C ILE B 644 26.71 20.71 4.63
N GLN B 645 26.55 19.97 5.73
CA GLN B 645 27.57 19.97 6.82
C GLN B 645 28.55 18.83 7.01
N ILE B 646 29.70 19.17 7.60
CA ILE B 646 30.61 18.18 8.20
C ILE B 646 31.04 18.66 9.58
N ASN B 647 31.60 17.74 10.38
CA ASN B 647 32.09 18.04 11.72
C ASN B 647 33.18 17.07 12.15
N PHE B 648 34.27 17.62 12.71
CA PHE B 648 35.30 16.80 13.33
C PHE B 648 35.47 17.19 14.80
N ARG B 679 33.25 24.48 12.35
CA ARG B 679 32.12 23.57 12.64
C ARG B 679 31.29 23.54 11.36
N LEU B 680 31.75 22.72 10.42
CA LEU B 680 31.65 23.02 8.98
C LEU B 680 30.23 22.96 8.37
N SER B 681 30.00 23.85 7.40
CA SER B 681 28.72 23.96 6.70
C SER B 681 28.86 24.80 5.43
N ALA B 682 28.04 24.52 4.43
CA ALA B 682 28.13 25.18 3.11
C ALA B 682 26.89 24.99 2.22
N GLY B 683 26.07 26.03 2.13
CA GLY B 683 24.90 26.02 1.23
C GLY B 683 25.30 25.88 -0.23
N LEU B 684 24.56 25.04 -0.97
CA LEU B 684 24.90 24.72 -2.36
C LEU B 684 24.03 25.45 -3.39
N GLN B 685 23.13 26.31 -2.91
CA GLN B 685 22.24 27.14 -3.76
C GLN B 685 21.50 26.39 -4.90
N LYS B 686 20.91 25.23 -4.57
CA LYS B 686 20.14 24.41 -5.52
C LYS B 686 20.97 23.84 -6.69
N ALA B 687 22.29 23.75 -6.51
CA ALA B 687 23.19 23.29 -7.57
C ALA B 687 22.96 21.82 -7.84
N PRO B 688 22.79 21.43 -9.12
CA PRO B 688 22.65 19.99 -9.38
C PRO B 688 23.83 19.22 -8.82
N VAL B 689 23.54 18.20 -8.01
CA VAL B 689 24.56 17.35 -7.42
C VAL B 689 24.18 15.88 -7.53
N LYS B 690 25.17 15.07 -7.90
CA LYS B 690 25.07 13.61 -7.86
C LYS B 690 26.25 13.06 -7.06
N PHE B 691 27.46 13.39 -7.50
CA PHE B 691 28.67 12.99 -6.79
C PHE B 691 29.08 14.07 -5.80
N VAL B 692 29.60 13.64 -4.66
CA VAL B 692 30.15 14.54 -3.65
C VAL B 692 31.48 13.93 -3.19
N ARG B 693 32.54 14.74 -3.14
CA ARG B 693 33.89 14.29 -2.78
C ARG B 693 34.63 15.26 -1.84
N PHE B 694 35.27 14.71 -0.80
CA PHE B 694 36.00 15.53 0.19
C PHE B 694 37.47 15.09 0.28
N PHE B 709 28.63 14.19 8.77
CA PHE B 709 28.81 14.32 7.30
C PHE B 709 27.47 14.13 6.57
N VAL B 710 26.74 15.24 6.39
CA VAL B 710 25.37 15.21 5.90
C VAL B 710 25.18 16.10 4.68
N LEU B 711 24.71 15.48 3.60
CA LEU B 711 24.28 16.20 2.41
C LEU B 711 22.75 16.33 2.44
N THR B 712 22.26 17.56 2.43
CA THR B 712 20.83 17.82 2.26
C THR B 712 20.56 18.15 0.78
N ILE B 713 19.44 17.65 0.27
CA ILE B 713 19.03 17.83 -1.11
C ILE B 713 17.56 18.23 -1.18
N GLU B 714 17.15 18.74 -2.33
CA GLU B 714 15.73 19.00 -2.58
C GLU B 714 15.10 17.68 -3.00
N LYS B 715 14.23 17.18 -2.14
CA LYS B 715 13.63 15.85 -2.31
C LYS B 715 12.20 15.85 -1.79
N UNK C 1 -39.98 -2.80 -2.90
CA UNK C 1 -38.75 -2.55 -2.14
C UNK C 1 -39.03 -1.82 -0.82
N UNK C 2 -38.27 -2.17 0.22
CA UNK C 2 -38.32 -1.50 1.52
C UNK C 2 -36.90 -1.26 2.03
N UNK C 3 -36.69 -0.14 2.72
CA UNK C 3 -35.35 0.28 3.17
C UNK C 3 -35.26 0.33 4.70
N UNK C 4 -34.07 0.01 5.21
CA UNK C 4 -33.77 -0.03 6.64
C UNK C 4 -34.65 -1.00 7.41
N UNK C 5 -37.73 -0.82 11.67
CA UNK C 5 -38.49 0.26 11.05
C UNK C 5 -38.25 0.29 9.54
N UNK C 6 -39.20 -0.28 8.79
CA UNK C 6 -39.10 -0.40 7.33
C UNK C 6 -40.05 0.54 6.58
N UNK C 7 -39.48 1.51 5.85
CA UNK C 7 -40.22 2.38 4.92
C UNK C 7 -40.23 1.75 3.53
N UNK C 8 -41.30 1.98 2.78
CA UNK C 8 -41.46 1.39 1.45
C UNK C 8 -41.02 2.37 0.36
N UNK C 9 -40.64 1.82 -0.80
CA UNK C 9 -40.19 2.61 -1.95
C UNK C 9 -40.82 2.09 -3.24
N UNK C 10 -41.39 2.99 -4.05
CA UNK C 10 -42.05 2.63 -5.31
C UNK C 10 -41.06 2.64 -6.46
N UNK C 11 -41.33 1.84 -7.49
CA UNK C 11 -40.40 1.62 -8.61
C UNK C 11 -40.80 2.42 -9.86
N UNK C 12 -40.18 2.11 -11.01
CA UNK C 12 -40.38 2.86 -12.27
C UNK C 12 -40.88 2.04 -13.49
N UNK C 13 -40.64 0.73 -13.49
CA UNK C 13 -40.87 -0.17 -14.68
C UNK C 13 -39.66 -0.11 -15.63
N UNK D 1 35.23 20.39 0.27
CA UNK D 1 34.41 19.48 -0.52
C UNK D 1 34.38 19.88 -2.00
N UNK D 2 33.93 18.94 -2.83
CA UNK D 2 33.67 19.19 -4.25
C UNK D 2 32.38 18.45 -4.66
N UNK D 3 31.75 18.88 -5.74
CA UNK D 3 30.46 18.30 -6.16
C UNK D 3 30.41 18.05 -7.66
N UNK D 4 29.69 16.98 -8.04
CA UNK D 4 29.45 16.61 -9.43
C UNK D 4 30.72 16.16 -10.16
N UNK D 5 34.15 16.36 -13.83
CA UNK D 5 34.05 17.81 -13.76
C UNK D 5 33.52 18.28 -12.40
N UNK D 6 34.42 18.44 -11.44
CA UNK D 6 34.06 18.87 -10.09
C UNK D 6 33.90 20.40 -10.00
N UNK D 7 33.29 20.84 -8.91
CA UNK D 7 33.20 22.26 -8.56
C UNK D 7 33.40 22.38 -7.05
N UNK D 8 34.32 23.23 -6.61
CA UNK D 8 34.70 23.32 -5.19
C UNK D 8 33.67 24.11 -4.37
N UNK D 9 33.69 23.90 -3.06
CA UNK D 9 32.79 24.56 -2.12
C UNK D 9 33.55 24.91 -0.83
N UNK D 10 33.39 26.15 -0.36
CA UNK D 10 34.06 26.60 0.86
C UNK D 10 33.13 26.50 2.09
N UNK D 11 33.67 25.99 3.20
CA UNK D 11 32.90 25.73 4.42
C UNK D 11 33.16 26.76 5.53
N UNK D 12 32.45 26.61 6.65
CA UNK D 12 32.63 27.41 7.88
C UNK D 12 33.43 26.63 8.96
N UNK D 13 33.58 27.21 10.16
CA UNK D 13 34.21 26.49 11.30
C UNK D 13 33.14 25.82 12.21
CA CA E . 21.20 7.56 -50.47
C ACT F . -12.74 -0.76 -33.55
O ACT F . -13.23 0.22 -32.91
OXT ACT F . -12.55 -1.81 -32.91
CH3 ACT F . -12.41 -0.64 -35.00
C1 GOL G . -11.90 -0.45 -29.18
O1 GOL G . -10.70 -0.29 -28.45
C2 GOL G . -12.14 -1.90 -29.60
O2 GOL G . -13.35 -1.91 -30.38
C3 GOL G . -12.26 -2.82 -28.38
O3 GOL G . -13.24 -2.30 -27.51
C1 GOL H . -16.11 0.09 -21.24
O1 GOL H . -16.06 -1.32 -21.36
C2 GOL H . -16.08 0.83 -22.58
O2 GOL H . -14.76 0.98 -23.01
C3 GOL H . -16.74 2.21 -22.45
O3 GOL H . -16.88 2.78 -23.74
CA CA I . -26.41 8.50 47.11
C1 GOL J . 12.45 14.21 19.52
O1 GOL J . 12.81 12.96 20.04
C2 GOL J . 11.92 15.17 20.57
O2 GOL J . 10.69 14.73 21.08
C3 GOL J . 11.67 16.58 20.00
O3 GOL J . 11.18 17.40 21.06
C ACT K . 8.62 15.05 31.67
O ACT K . 8.70 15.94 30.75
OXT ACT K . 9.01 13.89 31.37
CH3 ACT K . 8.15 15.37 33.06
C1 GOL L . 8.40 13.75 27.61
O1 GOL L . 7.34 13.11 26.94
C2 GOL L . 9.24 12.76 28.42
O2 GOL L . 10.32 13.48 29.01
C3 GOL L . 9.78 11.62 27.56
O3 GOL L . 10.46 12.12 26.47
#